data_3N7C
# 
_entry.id   3N7C 
# 
_audit_conform.dict_name       mmcif_pdbx.dic 
_audit_conform.dict_version    5.397 
_audit_conform.dict_location   http://mmcif.pdb.org/dictionaries/ascii/mmcif_pdbx.dic 
# 
loop_
_database_2.database_id 
_database_2.database_code 
_database_2.pdbx_database_accession 
_database_2.pdbx_DOI 
PDB   3N7C         pdb_00003n7c 10.2210/pdb3n7c/pdb 
RCSB  RCSB059471   ?            ?                   
WWPDB D_1000059471 ?            ?                   
# 
loop_
_pdbx_audit_revision_history.ordinal 
_pdbx_audit_revision_history.data_content_type 
_pdbx_audit_revision_history.major_revision 
_pdbx_audit_revision_history.minor_revision 
_pdbx_audit_revision_history.revision_date 
1 'Structure model' 1 0 2010-06-16 
2 'Structure model' 1 1 2011-07-13 
3 'Structure model' 1 2 2017-11-08 
4 'Structure model' 1 3 2018-11-21 
5 'Structure model' 1 4 2021-02-10 
6 'Structure model' 1 5 2024-10-16 
# 
_pdbx_audit_revision_details.ordinal             1 
_pdbx_audit_revision_details.revision_ordinal    1 
_pdbx_audit_revision_details.data_content_type   'Structure model' 
_pdbx_audit_revision_details.provider            repository 
_pdbx_audit_revision_details.type                'Initial release' 
_pdbx_audit_revision_details.description         ? 
_pdbx_audit_revision_details.details             ? 
# 
loop_
_pdbx_audit_revision_group.ordinal 
_pdbx_audit_revision_group.revision_ordinal 
_pdbx_audit_revision_group.data_content_type 
_pdbx_audit_revision_group.group 
1  2 'Structure model' 'Version format compliance' 
2  3 'Structure model' 'Refinement description'    
3  4 'Structure model' 'Data collection'           
4  4 'Structure model' 'Structure summary'         
5  5 'Structure model' 'Database references'       
6  5 'Structure model' 'Derived calculations'      
7  5 'Structure model' 'Structure summary'         
8  6 'Structure model' 'Data collection'           
9  6 'Structure model' 'Database references'       
10 6 'Structure model' 'Structure summary'         
# 
loop_
_pdbx_audit_revision_category.ordinal 
_pdbx_audit_revision_category.revision_ordinal 
_pdbx_audit_revision_category.data_content_type 
_pdbx_audit_revision_category.category 
1  3 'Structure model' software                  
2  4 'Structure model' audit_author              
3  5 'Structure model' audit_author              
4  5 'Structure model' struct_conn               
5  5 'Structure model' struct_ref_seq_dif        
6  6 'Structure model' chem_comp_atom            
7  6 'Structure model' chem_comp_bond            
8  6 'Structure model' database_2                
9  6 'Structure model' pdbx_entry_details        
10 6 'Structure model' pdbx_modification_feature 
# 
loop_
_pdbx_audit_revision_item.ordinal 
_pdbx_audit_revision_item.revision_ordinal 
_pdbx_audit_revision_item.data_content_type 
_pdbx_audit_revision_item.item 
1 3 'Structure model' '_software.classification'            
2 3 'Structure model' '_software.name'                      
3 4 'Structure model' '_audit_author.identifier_ORCID'      
4 5 'Structure model' '_audit_author.identifier_ORCID'      
5 5 'Structure model' '_struct_conn.pdbx_leaving_atom_flag' 
6 5 'Structure model' '_struct_ref_seq_dif.details'         
7 6 'Structure model' '_database_2.pdbx_DOI'                
8 6 'Structure model' '_database_2.pdbx_database_accession' 
# 
_pdbx_database_status.entry_id                        3N7C 
_pdbx_database_status.status_code                     REL 
_pdbx_database_status.deposit_site                    RCSB 
_pdbx_database_status.process_site                    RCSB 
_pdbx_database_status.recvd_initial_deposition_date   2010-05-26 
_pdbx_database_status.status_code_sf                  REL 
_pdbx_database_status.status_code_mr                  ? 
_pdbx_database_status.SG_entry                        Y 
_pdbx_database_status.pdb_format_compatible           Y 
_pdbx_database_status.status_code_cs                  ? 
_pdbx_database_status.methods_development_category    ? 
_pdbx_database_status.status_code_nmr_data            ? 
# 
_pdbx_database_related.db_name        TargetDB 
_pdbx_database_related.db_id          NYSGXRC-15002c 
_pdbx_database_related.details        . 
_pdbx_database_related.content_type   unspecified 
# 
loop_
_audit_author.name 
_audit_author.pdbx_ordinal 
_audit_author.identifier_ORCID 
'Sampathkumar, P.'                                               1  ?                   
'Manglicmot, D.'                                                 2  ?                   
'Gilmore, J.'                                                    3  ?                   
'Bain, K.'                                                       4  ?                   
'Gheyi, T.'                                                      5  ?                   
'Atwell, S.'                                                     6  ?                   
'Thompson, D.A.'                                                 7  ?                   
'Emtage, J.S.'                                                   8  ?                   
'Wasserman, S.'                                                  9  ?                   
'Sauder, J.M.'                                                   10 0000-0002-0254-4955 
'Burley, S.K.'                                                   11 0000-0002-2487-9713 
'New York SGX Research Center for Structural Genomics (NYSGXRC)' 12 ?                   
# 
_citation.id                        primary 
_citation.title                     
'Crystal structure of the RAN binding domain from the nuclear pore complex component NUP2 from Ashbya gossypii' 
_citation.journal_abbrev            'To be Published' 
_citation.journal_volume            ? 
_citation.page_first                ? 
_citation.page_last                 ? 
_citation.year                      ? 
_citation.journal_id_ASTM           ? 
_citation.country                   ? 
_citation.journal_id_ISSN           ? 
_citation.journal_id_CSD            0353 
_citation.book_publisher            ? 
_citation.pdbx_database_id_PubMed   ? 
_citation.pdbx_database_id_DOI      ? 
# 
_citation_author.citation_id        primary 
_citation_author.name               'Sampathkumar, P.' 
_citation_author.ordinal            1 
_citation_author.identifier_ORCID   ? 
# 
loop_
_entity.id 
_entity.type 
_entity.src_method 
_entity.pdbx_description 
_entity.formula_weight 
_entity.pdbx_number_of_molecules 
_entity.pdbx_ec 
_entity.pdbx_mutation 
_entity.pdbx_fragment 
_entity.details 
1 polymer man ABR034Wp 14820.566 2  ? ? 'sequence database residues 497-615' ? 
2 water   nat water    18.015    27 ? ? ?                                    ? 
# 
_entity_poly.entity_id                      1 
_entity_poly.type                           'polypeptide(L)' 
_entity_poly.nstd_linkage                   no 
_entity_poly.nstd_monomer                   yes 
_entity_poly.pdbx_seq_one_letter_code       
;(MSE)SLTNGEENEEVLFCEKAKLLIFDSDTKGYTSRGVGELKLLRKKDDKGKVRVLCRSEG(MSE)GHVLLNTSVVKSF
KYQPIDADNENLIKWPIITDGKLETFIIKVKQKADGRRLVGAVADAQQA(MSE)EGHHHHHH
;
_entity_poly.pdbx_seq_one_letter_code_can   
;MSLTNGEENEEVLFCEKAKLLIFDSDTKGYTSRGVGELKLLRKKDDKGKVRVLCRSEGMGHVLLNTSVVKSFKYQPIDAD
NENLIKWPIITDGKLETFIIKVKQKADGRRLVGAVADAQQAMEGHHHHHH
;
_entity_poly.pdbx_strand_id                 A,B 
_entity_poly.pdbx_target_identifier         NYSGXRC-15002c 
# 
_pdbx_entity_nonpoly.entity_id   2 
_pdbx_entity_nonpoly.name        water 
_pdbx_entity_nonpoly.comp_id     HOH 
# 
loop_
_entity_poly_seq.entity_id 
_entity_poly_seq.num 
_entity_poly_seq.mon_id 
_entity_poly_seq.hetero 
1 1   MSE n 
1 2   SER n 
1 3   LEU n 
1 4   THR n 
1 5   ASN n 
1 6   GLY n 
1 7   GLU n 
1 8   GLU n 
1 9   ASN n 
1 10  GLU n 
1 11  GLU n 
1 12  VAL n 
1 13  LEU n 
1 14  PHE n 
1 15  CYS n 
1 16  GLU n 
1 17  LYS n 
1 18  ALA n 
1 19  LYS n 
1 20  LEU n 
1 21  LEU n 
1 22  ILE n 
1 23  PHE n 
1 24  ASP n 
1 25  SER n 
1 26  ASP n 
1 27  THR n 
1 28  LYS n 
1 29  GLY n 
1 30  TYR n 
1 31  THR n 
1 32  SER n 
1 33  ARG n 
1 34  GLY n 
1 35  VAL n 
1 36  GLY n 
1 37  GLU n 
1 38  LEU n 
1 39  LYS n 
1 40  LEU n 
1 41  LEU n 
1 42  ARG n 
1 43  LYS n 
1 44  LYS n 
1 45  ASP n 
1 46  ASP n 
1 47  LYS n 
1 48  GLY n 
1 49  LYS n 
1 50  VAL n 
1 51  ARG n 
1 52  VAL n 
1 53  LEU n 
1 54  CYS n 
1 55  ARG n 
1 56  SER n 
1 57  GLU n 
1 58  GLY n 
1 59  MSE n 
1 60  GLY n 
1 61  HIS n 
1 62  VAL n 
1 63  LEU n 
1 64  LEU n 
1 65  ASN n 
1 66  THR n 
1 67  SER n 
1 68  VAL n 
1 69  VAL n 
1 70  LYS n 
1 71  SER n 
1 72  PHE n 
1 73  LYS n 
1 74  TYR n 
1 75  GLN n 
1 76  PRO n 
1 77  ILE n 
1 78  ASP n 
1 79  ALA n 
1 80  ASP n 
1 81  ASN n 
1 82  GLU n 
1 83  ASN n 
1 84  LEU n 
1 85  ILE n 
1 86  LYS n 
1 87  TRP n 
1 88  PRO n 
1 89  ILE n 
1 90  ILE n 
1 91  THR n 
1 92  ASP n 
1 93  GLY n 
1 94  LYS n 
1 95  LEU n 
1 96  GLU n 
1 97  THR n 
1 98  PHE n 
1 99  ILE n 
1 100 ILE n 
1 101 LYS n 
1 102 VAL n 
1 103 LYS n 
1 104 GLN n 
1 105 LYS n 
1 106 ALA n 
1 107 ASP n 
1 108 GLY n 
1 109 ARG n 
1 110 ARG n 
1 111 LEU n 
1 112 VAL n 
1 113 GLY n 
1 114 ALA n 
1 115 VAL n 
1 116 ALA n 
1 117 ASP n 
1 118 ALA n 
1 119 GLN n 
1 120 GLN n 
1 121 ALA n 
1 122 MSE n 
1 123 GLU n 
1 124 GLY n 
1 125 HIS n 
1 126 HIS n 
1 127 HIS n 
1 128 HIS n 
1 129 HIS n 
1 130 HIS n 
# 
_entity_src_gen.entity_id                          1 
_entity_src_gen.pdbx_src_id                        1 
_entity_src_gen.pdbx_alt_source_flag               sample 
_entity_src_gen.pdbx_seq_type                      ? 
_entity_src_gen.pdbx_beg_seq_num                   ? 
_entity_src_gen.pdbx_end_seq_num                   ? 
_entity_src_gen.gene_src_common_name               Yeast 
_entity_src_gen.gene_src_genus                     ? 
_entity_src_gen.pdbx_gene_src_gene                 'ABR034W, AGOS_ABR034W, NUP2' 
_entity_src_gen.gene_src_species                   ? 
_entity_src_gen.gene_src_strain                    'ATCC 10895' 
_entity_src_gen.gene_src_tissue                    ? 
_entity_src_gen.gene_src_tissue_fraction           ? 
_entity_src_gen.gene_src_details                   ? 
_entity_src_gen.pdbx_gene_src_fragment             ? 
_entity_src_gen.pdbx_gene_src_scientific_name      'Ashbya gossypii' 
_entity_src_gen.pdbx_gene_src_ncbi_taxonomy_id     33169 
_entity_src_gen.pdbx_gene_src_variant              ? 
_entity_src_gen.pdbx_gene_src_cell_line            ? 
_entity_src_gen.pdbx_gene_src_atcc                 ? 
_entity_src_gen.pdbx_gene_src_organ                ? 
_entity_src_gen.pdbx_gene_src_organelle            ? 
_entity_src_gen.pdbx_gene_src_cell                 ? 
_entity_src_gen.pdbx_gene_src_cellular_location    ? 
_entity_src_gen.host_org_common_name               ? 
_entity_src_gen.pdbx_host_org_scientific_name      'Escherichia coli' 
_entity_src_gen.pdbx_host_org_ncbi_taxonomy_id     469008 
_entity_src_gen.host_org_genus                     ? 
_entity_src_gen.pdbx_host_org_gene                 ? 
_entity_src_gen.pdbx_host_org_organ                ? 
_entity_src_gen.host_org_species                   ? 
_entity_src_gen.pdbx_host_org_tissue               ? 
_entity_src_gen.pdbx_host_org_tissue_fraction      ? 
_entity_src_gen.pdbx_host_org_strain               'BL21(DE3)-Codon+RIL' 
_entity_src_gen.pdbx_host_org_variant              ? 
_entity_src_gen.pdbx_host_org_cell_line            ? 
_entity_src_gen.pdbx_host_org_atcc                 ? 
_entity_src_gen.pdbx_host_org_culture_collection   ? 
_entity_src_gen.pdbx_host_org_cell                 ? 
_entity_src_gen.pdbx_host_org_organelle            ? 
_entity_src_gen.pdbx_host_org_cellular_location    ? 
_entity_src_gen.pdbx_host_org_vector_type          plasmid 
_entity_src_gen.pdbx_host_org_vector               pET 
_entity_src_gen.host_org_details                   ? 
_entity_src_gen.expression_system_id               ? 
_entity_src_gen.plasmid_name                       'BC-pSGX3(BC); modified pET26b' 
_entity_src_gen.plasmid_details                    ? 
_entity_src_gen.pdbx_description                   ? 
# 
loop_
_chem_comp.id 
_chem_comp.type 
_chem_comp.mon_nstd_flag 
_chem_comp.name 
_chem_comp.pdbx_synonyms 
_chem_comp.formula 
_chem_comp.formula_weight 
ALA 'L-peptide linking' y ALANINE          ? 'C3 H7 N O2'     89.093  
ARG 'L-peptide linking' y ARGININE         ? 'C6 H15 N4 O2 1' 175.209 
ASN 'L-peptide linking' y ASPARAGINE       ? 'C4 H8 N2 O3'    132.118 
ASP 'L-peptide linking' y 'ASPARTIC ACID'  ? 'C4 H7 N O4'     133.103 
CYS 'L-peptide linking' y CYSTEINE         ? 'C3 H7 N O2 S'   121.158 
GLN 'L-peptide linking' y GLUTAMINE        ? 'C5 H10 N2 O3'   146.144 
GLU 'L-peptide linking' y 'GLUTAMIC ACID'  ? 'C5 H9 N O4'     147.129 
GLY 'peptide linking'   y GLYCINE          ? 'C2 H5 N O2'     75.067  
HIS 'L-peptide linking' y HISTIDINE        ? 'C6 H10 N3 O2 1' 156.162 
HOH non-polymer         . WATER            ? 'H2 O'           18.015  
ILE 'L-peptide linking' y ISOLEUCINE       ? 'C6 H13 N O2'    131.173 
LEU 'L-peptide linking' y LEUCINE          ? 'C6 H13 N O2'    131.173 
LYS 'L-peptide linking' y LYSINE           ? 'C6 H15 N2 O2 1' 147.195 
MSE 'L-peptide linking' n SELENOMETHIONINE ? 'C5 H11 N O2 Se' 196.106 
PHE 'L-peptide linking' y PHENYLALANINE    ? 'C9 H11 N O2'    165.189 
PRO 'L-peptide linking' y PROLINE          ? 'C5 H9 N O2'     115.130 
SER 'L-peptide linking' y SERINE           ? 'C3 H7 N O3'     105.093 
THR 'L-peptide linking' y THREONINE        ? 'C4 H9 N O3'     119.119 
TRP 'L-peptide linking' y TRYPTOPHAN       ? 'C11 H12 N2 O2'  204.225 
TYR 'L-peptide linking' y TYROSINE         ? 'C9 H11 N O3'    181.189 
VAL 'L-peptide linking' y VALINE           ? 'C5 H11 N O2'    117.146 
# 
loop_
_pdbx_poly_seq_scheme.asym_id 
_pdbx_poly_seq_scheme.entity_id 
_pdbx_poly_seq_scheme.seq_id 
_pdbx_poly_seq_scheme.mon_id 
_pdbx_poly_seq_scheme.ndb_seq_num 
_pdbx_poly_seq_scheme.pdb_seq_num 
_pdbx_poly_seq_scheme.auth_seq_num 
_pdbx_poly_seq_scheme.pdb_mon_id 
_pdbx_poly_seq_scheme.auth_mon_id 
_pdbx_poly_seq_scheme.pdb_strand_id 
_pdbx_poly_seq_scheme.pdb_ins_code 
_pdbx_poly_seq_scheme.hetero 
A 1 1   MSE 1   494 ?   ?   ?   A . n 
A 1 2   SER 2   495 ?   ?   ?   A . n 
A 1 3   LEU 3   496 ?   ?   ?   A . n 
A 1 4   THR 4   497 ?   ?   ?   A . n 
A 1 5   ASN 5   498 ?   ?   ?   A . n 
A 1 6   GLY 6   499 ?   ?   ?   A . n 
A 1 7   GLU 7   500 ?   ?   ?   A . n 
A 1 8   GLU 8   501 ?   ?   ?   A . n 
A 1 9   ASN 9   502 ?   ?   ?   A . n 
A 1 10  GLU 10  503 503 GLU GLU A . n 
A 1 11  GLU 11  504 504 GLU GLU A . n 
A 1 12  VAL 12  505 505 VAL VAL A . n 
A 1 13  LEU 13  506 506 LEU LEU A . n 
A 1 14  PHE 14  507 507 PHE PHE A . n 
A 1 15  CYS 15  508 508 CYS CYS A . n 
A 1 16  GLU 16  509 509 GLU GLU A . n 
A 1 17  LYS 17  510 510 LYS LYS A . n 
A 1 18  ALA 18  511 511 ALA ALA A . n 
A 1 19  LYS 19  512 512 LYS LYS A . n 
A 1 20  LEU 20  513 513 LEU LEU A . n 
A 1 21  LEU 21  514 514 LEU LEU A . n 
A 1 22  ILE 22  515 515 ILE ILE A . n 
A 1 23  PHE 23  516 516 PHE PHE A . n 
A 1 24  ASP 24  517 517 ASP ASP A . n 
A 1 25  SER 25  518 518 SER SER A . n 
A 1 26  ASP 26  519 ?   ?   ?   A . n 
A 1 27  THR 27  520 ?   ?   ?   A . n 
A 1 28  LYS 28  521 ?   ?   ?   A . n 
A 1 29  GLY 29  522 522 GLY GLY A . n 
A 1 30  TYR 30  523 523 TYR TYR A . n 
A 1 31  THR 31  524 524 THR THR A . n 
A 1 32  SER 32  525 525 SER SER A . n 
A 1 33  ARG 33  526 526 ARG ARG A . n 
A 1 34  GLY 34  527 527 GLY GLY A . n 
A 1 35  VAL 35  528 528 VAL VAL A . n 
A 1 36  GLY 36  529 529 GLY GLY A . n 
A 1 37  GLU 37  530 530 GLU GLU A . n 
A 1 38  LEU 38  531 531 LEU LEU A . n 
A 1 39  LYS 39  532 532 LYS LYS A . n 
A 1 40  LEU 40  533 533 LEU LEU A . n 
A 1 41  LEU 41  534 534 LEU LEU A . n 
A 1 42  ARG 42  535 535 ARG ARG A . n 
A 1 43  LYS 43  536 536 LYS LYS A . n 
A 1 44  LYS 44  537 537 LYS LYS A . n 
A 1 45  ASP 45  538 538 ASP ASP A . n 
A 1 46  ASP 46  539 539 ASP ASP A . n 
A 1 47  LYS 47  540 540 LYS LYS A . n 
A 1 48  GLY 48  541 541 GLY GLY A . n 
A 1 49  LYS 49  542 542 LYS LYS A . n 
A 1 50  VAL 50  543 543 VAL VAL A . n 
A 1 51  ARG 51  544 544 ARG ARG A . n 
A 1 52  VAL 52  545 545 VAL VAL A . n 
A 1 53  LEU 53  546 546 LEU LEU A . n 
A 1 54  CYS 54  547 547 CYS CYS A . n 
A 1 55  ARG 55  548 548 ARG ARG A . n 
A 1 56  SER 56  549 549 SER SER A . n 
A 1 57  GLU 57  550 ?   ?   ?   A . n 
A 1 58  GLY 58  551 551 GLY GLY A . n 
A 1 59  MSE 59  552 552 MSE MSE A . n 
A 1 60  GLY 60  553 553 GLY GLY A . n 
A 1 61  HIS 61  554 554 HIS HIS A . n 
A 1 62  VAL 62  555 555 VAL VAL A . n 
A 1 63  LEU 63  556 556 LEU LEU A . n 
A 1 64  LEU 64  557 557 LEU LEU A . n 
A 1 65  ASN 65  558 558 ASN ASN A . n 
A 1 66  THR 66  559 559 THR THR A . n 
A 1 67  SER 67  560 560 SER SER A . n 
A 1 68  VAL 68  561 561 VAL VAL A . n 
A 1 69  VAL 69  562 562 VAL VAL A . n 
A 1 70  LYS 70  563 563 LYS LYS A . n 
A 1 71  SER 71  564 564 SER SER A . n 
A 1 72  PHE 72  565 565 PHE PHE A . n 
A 1 73  LYS 73  566 566 LYS LYS A . n 
A 1 74  TYR 74  567 567 TYR TYR A . n 
A 1 75  GLN 75  568 568 GLN GLN A . n 
A 1 76  PRO 76  569 569 PRO PRO A . n 
A 1 77  ILE 77  570 570 ILE ILE A . n 
A 1 78  ASP 78  571 571 ASP ASP A . n 
A 1 79  ALA 79  572 572 ALA ALA A . n 
A 1 80  ASP 80  573 573 ASP ASP A . n 
A 1 81  ASN 81  574 574 ASN ASN A . n 
A 1 82  GLU 82  575 575 GLU GLU A . n 
A 1 83  ASN 83  576 576 ASN ASN A . n 
A 1 84  LEU 84  577 577 LEU LEU A . n 
A 1 85  ILE 85  578 578 ILE ILE A . n 
A 1 86  LYS 86  579 579 LYS LYS A . n 
A 1 87  TRP 87  580 580 TRP TRP A . n 
A 1 88  PRO 88  581 581 PRO PRO A . n 
A 1 89  ILE 89  582 582 ILE ILE A . n 
A 1 90  ILE 90  583 583 ILE ILE A . n 
A 1 91  THR 91  584 584 THR THR A . n 
A 1 92  ASP 92  585 585 ASP ASP A . n 
A 1 93  GLY 93  586 586 GLY GLY A . n 
A 1 94  LYS 94  587 587 LYS LYS A . n 
A 1 95  LEU 95  588 588 LEU LEU A . n 
A 1 96  GLU 96  589 589 GLU GLU A . n 
A 1 97  THR 97  590 590 THR THR A . n 
A 1 98  PHE 98  591 591 PHE PHE A . n 
A 1 99  ILE 99  592 592 ILE ILE A . n 
A 1 100 ILE 100 593 593 ILE ILE A . n 
A 1 101 LYS 101 594 594 LYS LYS A . n 
A 1 102 VAL 102 595 595 VAL VAL A . n 
A 1 103 LYS 103 596 596 LYS LYS A . n 
A 1 104 GLN 104 597 597 GLN GLN A . n 
A 1 105 LYS 105 598 598 LYS LYS A . n 
A 1 106 ALA 106 599 599 ALA ALA A . n 
A 1 107 ASP 107 600 600 ASP ASP A . n 
A 1 108 GLY 108 601 601 GLY GLY A . n 
A 1 109 ARG 109 602 602 ARG ARG A . n 
A 1 110 ARG 110 603 603 ARG ARG A . n 
A 1 111 LEU 111 604 604 LEU LEU A . n 
A 1 112 VAL 112 605 605 VAL VAL A . n 
A 1 113 GLY 113 606 606 GLY GLY A . n 
A 1 114 ALA 114 607 607 ALA ALA A . n 
A 1 115 VAL 115 608 608 VAL VAL A . n 
A 1 116 ALA 116 609 609 ALA ALA A . n 
A 1 117 ASP 117 610 610 ASP ASP A . n 
A 1 118 ALA 118 611 611 ALA ALA A . n 
A 1 119 GLN 119 612 612 GLN GLN A . n 
A 1 120 GLN 120 613 613 GLN GLN A . n 
A 1 121 ALA 121 614 614 ALA ALA A . n 
A 1 122 MSE 122 615 615 MSE MSE A . n 
A 1 123 GLU 123 616 ?   ?   ?   A . n 
A 1 124 GLY 124 617 ?   ?   ?   A . n 
A 1 125 HIS 125 618 ?   ?   ?   A . n 
A 1 126 HIS 126 619 ?   ?   ?   A . n 
A 1 127 HIS 127 620 ?   ?   ?   A . n 
A 1 128 HIS 128 621 ?   ?   ?   A . n 
A 1 129 HIS 129 622 ?   ?   ?   A . n 
A 1 130 HIS 130 623 ?   ?   ?   A . n 
B 1 1   MSE 1   494 ?   ?   ?   B . n 
B 1 2   SER 2   495 ?   ?   ?   B . n 
B 1 3   LEU 3   496 ?   ?   ?   B . n 
B 1 4   THR 4   497 ?   ?   ?   B . n 
B 1 5   ASN 5   498 ?   ?   ?   B . n 
B 1 6   GLY 6   499 ?   ?   ?   B . n 
B 1 7   GLU 7   500 ?   ?   ?   B . n 
B 1 8   GLU 8   501 ?   ?   ?   B . n 
B 1 9   ASN 9   502 ?   ?   ?   B . n 
B 1 10  GLU 10  503 503 GLU GLU B . n 
B 1 11  GLU 11  504 504 GLU GLU B . n 
B 1 12  VAL 12  505 505 VAL VAL B . n 
B 1 13  LEU 13  506 506 LEU LEU B . n 
B 1 14  PHE 14  507 507 PHE PHE B . n 
B 1 15  CYS 15  508 508 CYS CYS B . n 
B 1 16  GLU 16  509 509 GLU GLU B . n 
B 1 17  LYS 17  510 510 LYS LYS B . n 
B 1 18  ALA 18  511 511 ALA ALA B . n 
B 1 19  LYS 19  512 512 LYS LYS B . n 
B 1 20  LEU 20  513 513 LEU LEU B . n 
B 1 21  LEU 21  514 514 LEU LEU B . n 
B 1 22  ILE 22  515 515 ILE ILE B . n 
B 1 23  PHE 23  516 516 PHE PHE B . n 
B 1 24  ASP 24  517 ?   ?   ?   B . n 
B 1 25  SER 25  518 ?   ?   ?   B . n 
B 1 26  ASP 26  519 ?   ?   ?   B . n 
B 1 27  THR 27  520 ?   ?   ?   B . n 
B 1 28  LYS 28  521 ?   ?   ?   B . n 
B 1 29  GLY 29  522 522 GLY GLY B . n 
B 1 30  TYR 30  523 523 TYR TYR B . n 
B 1 31  THR 31  524 524 THR THR B . n 
B 1 32  SER 32  525 525 SER SER B . n 
B 1 33  ARG 33  526 526 ARG ARG B . n 
B 1 34  GLY 34  527 527 GLY GLY B . n 
B 1 35  VAL 35  528 528 VAL VAL B . n 
B 1 36  GLY 36  529 529 GLY GLY B . n 
B 1 37  GLU 37  530 530 GLU GLU B . n 
B 1 38  LEU 38  531 531 LEU LEU B . n 
B 1 39  LYS 39  532 532 LYS LYS B . n 
B 1 40  LEU 40  533 533 LEU LEU B . n 
B 1 41  LEU 41  534 534 LEU LEU B . n 
B 1 42  ARG 42  535 535 ARG ARG B . n 
B 1 43  LYS 43  536 536 LYS LYS B . n 
B 1 44  LYS 44  537 537 LYS LYS B . n 
B 1 45  ASP 45  538 538 ASP ASP B . n 
B 1 46  ASP 46  539 539 ASP ASP B . n 
B 1 47  LYS 47  540 540 LYS LYS B . n 
B 1 48  GLY 48  541 541 GLY GLY B . n 
B 1 49  LYS 49  542 542 LYS LYS B . n 
B 1 50  VAL 50  543 543 VAL VAL B . n 
B 1 51  ARG 51  544 544 ARG ARG B . n 
B 1 52  VAL 52  545 545 VAL VAL B . n 
B 1 53  LEU 53  546 546 LEU LEU B . n 
B 1 54  CYS 54  547 547 CYS CYS B . n 
B 1 55  ARG 55  548 548 ARG ARG B . n 
B 1 56  SER 56  549 549 SER SER B . n 
B 1 57  GLU 57  550 ?   ?   ?   B . n 
B 1 58  GLY 58  551 ?   ?   ?   B . n 
B 1 59  MSE 59  552 ?   ?   ?   B . n 
B 1 60  GLY 60  553 553 GLY GLY B . n 
B 1 61  HIS 61  554 554 HIS HIS B . n 
B 1 62  VAL 62  555 555 VAL VAL B . n 
B 1 63  LEU 63  556 556 LEU LEU B . n 
B 1 64  LEU 64  557 557 LEU LEU B . n 
B 1 65  ASN 65  558 558 ASN ASN B . n 
B 1 66  THR 66  559 559 THR THR B . n 
B 1 67  SER 67  560 560 SER SER B . n 
B 1 68  VAL 68  561 561 VAL VAL B . n 
B 1 69  VAL 69  562 562 VAL VAL B . n 
B 1 70  LYS 70  563 563 LYS LYS B . n 
B 1 71  SER 71  564 564 SER SER B . n 
B 1 72  PHE 72  565 565 PHE PHE B . n 
B 1 73  LYS 73  566 566 LYS LYS B . n 
B 1 74  TYR 74  567 567 TYR TYR B . n 
B 1 75  GLN 75  568 568 GLN GLN B . n 
B 1 76  PRO 76  569 569 PRO PRO B . n 
B 1 77  ILE 77  570 570 ILE ILE B . n 
B 1 78  ASP 78  571 571 ASP ASP B . n 
B 1 79  ALA 79  572 572 ALA ALA B . n 
B 1 80  ASP 80  573 573 ASP ASP B . n 
B 1 81  ASN 81  574 574 ASN ASN B . n 
B 1 82  GLU 82  575 575 GLU GLU B . n 
B 1 83  ASN 83  576 576 ASN ASN B . n 
B 1 84  LEU 84  577 577 LEU LEU B . n 
B 1 85  ILE 85  578 578 ILE ILE B . n 
B 1 86  LYS 86  579 579 LYS LYS B . n 
B 1 87  TRP 87  580 580 TRP TRP B . n 
B 1 88  PRO 88  581 581 PRO PRO B . n 
B 1 89  ILE 89  582 582 ILE ILE B . n 
B 1 90  ILE 90  583 583 ILE ILE B . n 
B 1 91  THR 91  584 584 THR THR B . n 
B 1 92  ASP 92  585 ?   ?   ?   B . n 
B 1 93  GLY 93  586 ?   ?   ?   B . n 
B 1 94  LYS 94  587 ?   ?   ?   B . n 
B 1 95  LEU 95  588 588 LEU LEU B . n 
B 1 96  GLU 96  589 589 GLU GLU B . n 
B 1 97  THR 97  590 590 THR THR B . n 
B 1 98  PHE 98  591 591 PHE PHE B . n 
B 1 99  ILE 99  592 592 ILE ILE B . n 
B 1 100 ILE 100 593 593 ILE ILE B . n 
B 1 101 LYS 101 594 594 LYS LYS B . n 
B 1 102 VAL 102 595 595 VAL VAL B . n 
B 1 103 LYS 103 596 596 LYS LYS B . n 
B 1 104 GLN 104 597 597 GLN GLN B . n 
B 1 105 LYS 105 598 598 LYS LYS B . n 
B 1 106 ALA 106 599 599 ALA ALA B . n 
B 1 107 ASP 107 600 600 ASP ASP B . n 
B 1 108 GLY 108 601 601 GLY GLY B . n 
B 1 109 ARG 109 602 602 ARG ARG B . n 
B 1 110 ARG 110 603 603 ARG ARG B . n 
B 1 111 LEU 111 604 604 LEU LEU B . n 
B 1 112 VAL 112 605 605 VAL VAL B . n 
B 1 113 GLY 113 606 606 GLY GLY B . n 
B 1 114 ALA 114 607 607 ALA ALA B . n 
B 1 115 VAL 115 608 608 VAL VAL B . n 
B 1 116 ALA 116 609 609 ALA ALA B . n 
B 1 117 ASP 117 610 610 ASP ASP B . n 
B 1 118 ALA 118 611 611 ALA ALA B . n 
B 1 119 GLN 119 612 612 GLN GLN B . n 
B 1 120 GLN 120 613 613 GLN GLN B . n 
B 1 121 ALA 121 614 614 ALA ALA B . n 
B 1 122 MSE 122 615 615 MSE MSE B . n 
B 1 123 GLU 123 616 ?   ?   ?   B . n 
B 1 124 GLY 124 617 ?   ?   ?   B . n 
B 1 125 HIS 125 618 ?   ?   ?   B . n 
B 1 126 HIS 126 619 ?   ?   ?   B . n 
B 1 127 HIS 127 620 ?   ?   ?   B . n 
B 1 128 HIS 128 621 ?   ?   ?   B . n 
B 1 129 HIS 129 622 ?   ?   ?   B . n 
B 1 130 HIS 130 623 ?   ?   ?   B . n 
# 
loop_
_pdbx_nonpoly_scheme.asym_id 
_pdbx_nonpoly_scheme.entity_id 
_pdbx_nonpoly_scheme.mon_id 
_pdbx_nonpoly_scheme.ndb_seq_num 
_pdbx_nonpoly_scheme.pdb_seq_num 
_pdbx_nonpoly_scheme.auth_seq_num 
_pdbx_nonpoly_scheme.pdb_mon_id 
_pdbx_nonpoly_scheme.auth_mon_id 
_pdbx_nonpoly_scheme.pdb_strand_id 
_pdbx_nonpoly_scheme.pdb_ins_code 
C 2 HOH 1  1  1  HOH HOH A . 
C 2 HOH 2  4  4  HOH HOH A . 
C 2 HOH 3  6  6  HOH HOH A . 
C 2 HOH 4  8  8  HOH HOH A . 
C 2 HOH 5  10 10 HOH HOH A . 
C 2 HOH 6  14 14 HOH HOH A . 
C 2 HOH 7  15 15 HOH HOH A . 
C 2 HOH 8  16 16 HOH HOH A . 
C 2 HOH 9  18 18 HOH HOH A . 
C 2 HOH 10 19 19 HOH HOH A . 
C 2 HOH 11 20 20 HOH HOH A . 
C 2 HOH 12 21 21 HOH HOH A . 
C 2 HOH 13 22 22 HOH HOH A . 
C 2 HOH 14 23 23 HOH HOH A . 
C 2 HOH 15 25 25 HOH HOH A . 
C 2 HOH 16 26 26 HOH HOH A . 
C 2 HOH 17 27 27 HOH HOH A . 
D 2 HOH 1  2  2  HOH HOH B . 
D 2 HOH 2  3  3  HOH HOH B . 
D 2 HOH 3  5  5  HOH HOH B . 
D 2 HOH 4  7  7  HOH HOH B . 
D 2 HOH 5  9  9  HOH HOH B . 
D 2 HOH 6  11 11 HOH HOH B . 
D 2 HOH 7  12 12 HOH HOH B . 
D 2 HOH 8  13 13 HOH HOH B . 
D 2 HOH 9  17 17 HOH HOH B . 
D 2 HOH 10 24 24 HOH HOH B . 
# 
loop_
_pdbx_unobs_or_zero_occ_atoms.id 
_pdbx_unobs_or_zero_occ_atoms.PDB_model_num 
_pdbx_unobs_or_zero_occ_atoms.polymer_flag 
_pdbx_unobs_or_zero_occ_atoms.occupancy_flag 
_pdbx_unobs_or_zero_occ_atoms.auth_asym_id 
_pdbx_unobs_or_zero_occ_atoms.auth_comp_id 
_pdbx_unobs_or_zero_occ_atoms.auth_seq_id 
_pdbx_unobs_or_zero_occ_atoms.PDB_ins_code 
_pdbx_unobs_or_zero_occ_atoms.auth_atom_id 
_pdbx_unobs_or_zero_occ_atoms.label_alt_id 
_pdbx_unobs_or_zero_occ_atoms.label_asym_id 
_pdbx_unobs_or_zero_occ_atoms.label_comp_id 
_pdbx_unobs_or_zero_occ_atoms.label_seq_id 
_pdbx_unobs_or_zero_occ_atoms.label_atom_id 
1   1 Y 1 A LYS 510 ? CG  ? A LYS 17  CG  
2   1 Y 1 A LYS 510 ? CD  ? A LYS 17  CD  
3   1 Y 1 A LYS 510 ? CE  ? A LYS 17  CE  
4   1 Y 1 A LYS 510 ? NZ  ? A LYS 17  NZ  
5   1 Y 1 A GLU 530 ? CG  ? A GLU 37  CG  
6   1 Y 1 A GLU 530 ? CD  ? A GLU 37  CD  
7   1 Y 1 A GLU 530 ? OE1 ? A GLU 37  OE1 
8   1 Y 1 A GLU 530 ? OE2 ? A GLU 37  OE2 
9   1 Y 1 A LYS 536 ? CG  ? A LYS 43  CG  
10  1 Y 1 A LYS 536 ? CD  ? A LYS 43  CD  
11  1 Y 1 A LYS 536 ? CE  ? A LYS 43  CE  
12  1 Y 1 A LYS 536 ? NZ  ? A LYS 43  NZ  
13  1 Y 1 A LYS 540 ? CG  ? A LYS 47  CG  
14  1 Y 1 A LYS 540 ? CD  ? A LYS 47  CD  
15  1 Y 1 A LYS 540 ? CE  ? A LYS 47  CE  
16  1 Y 1 A LYS 540 ? NZ  ? A LYS 47  NZ  
17  1 Y 1 A LYS 542 ? CG  ? A LYS 49  CG  
18  1 Y 1 A LYS 542 ? CD  ? A LYS 49  CD  
19  1 Y 1 A LYS 542 ? CE  ? A LYS 49  CE  
20  1 Y 1 A LYS 542 ? NZ  ? A LYS 49  NZ  
21  1 Y 1 A LYS 563 ? CG  ? A LYS 70  CG  
22  1 Y 1 A LYS 563 ? CD  ? A LYS 70  CD  
23  1 Y 1 A LYS 563 ? CE  ? A LYS 70  CE  
24  1 Y 1 A LYS 563 ? NZ  ? A LYS 70  NZ  
25  1 Y 1 A GLU 575 ? CG  ? A GLU 82  CG  
26  1 Y 1 A GLU 575 ? CD  ? A GLU 82  CD  
27  1 Y 1 A GLU 575 ? OE1 ? A GLU 82  OE1 
28  1 Y 1 A GLU 575 ? OE2 ? A GLU 82  OE2 
29  1 Y 1 A ASP 585 ? CG  ? A ASP 92  CG  
30  1 Y 1 A ASP 585 ? OD1 ? A ASP 92  OD1 
31  1 Y 1 A ASP 585 ? OD2 ? A ASP 92  OD2 
32  1 Y 1 A LYS 587 ? CG  ? A LYS 94  CG  
33  1 Y 1 A LYS 587 ? CD  ? A LYS 94  CD  
34  1 Y 1 A LYS 587 ? CE  ? A LYS 94  CE  
35  1 Y 1 A LYS 587 ? NZ  ? A LYS 94  NZ  
36  1 Y 1 A LYS 594 ? CG  ? A LYS 101 CG  
37  1 Y 1 A LYS 594 ? CD  ? A LYS 101 CD  
38  1 Y 1 A LYS 594 ? CE  ? A LYS 101 CE  
39  1 Y 1 A LYS 594 ? NZ  ? A LYS 101 NZ  
40  1 Y 1 A LYS 596 ? CG  ? A LYS 103 CG  
41  1 Y 1 A LYS 596 ? CD  ? A LYS 103 CD  
42  1 Y 1 A LYS 596 ? CE  ? A LYS 103 CE  
43  1 Y 1 A LYS 596 ? NZ  ? A LYS 103 NZ  
44  1 Y 1 A LYS 598 ? CG  ? A LYS 105 CG  
45  1 Y 1 A LYS 598 ? CD  ? A LYS 105 CD  
46  1 Y 1 A LYS 598 ? CE  ? A LYS 105 CE  
47  1 Y 1 A LYS 598 ? NZ  ? A LYS 105 NZ  
48  1 Y 1 A ARG 602 ? CG  ? A ARG 109 CG  
49  1 Y 1 A ARG 602 ? CD  ? A ARG 109 CD  
50  1 Y 1 A ARG 602 ? NE  ? A ARG 109 NE  
51  1 Y 1 A ARG 602 ? CZ  ? A ARG 109 CZ  
52  1 Y 1 A ARG 602 ? NH1 ? A ARG 109 NH1 
53  1 Y 1 A ARG 602 ? NH2 ? A ARG 109 NH2 
54  1 Y 1 A ASP 610 ? CG  ? A ASP 117 CG  
55  1 Y 1 A ASP 610 ? OD1 ? A ASP 117 OD1 
56  1 Y 1 A ASP 610 ? OD2 ? A ASP 117 OD2 
57  1 Y 1 A GLN 613 ? CG  ? A GLN 120 CG  
58  1 Y 1 A GLN 613 ? CD  ? A GLN 120 CD  
59  1 Y 1 A GLN 613 ? OE1 ? A GLN 120 OE1 
60  1 Y 1 A GLN 613 ? NE2 ? A GLN 120 NE2 
61  1 Y 1 B GLU 509 ? CG  ? B GLU 16  CG  
62  1 Y 1 B GLU 509 ? CD  ? B GLU 16  CD  
63  1 Y 1 B GLU 509 ? OE1 ? B GLU 16  OE1 
64  1 Y 1 B GLU 509 ? OE2 ? B GLU 16  OE2 
65  1 Y 1 B GLU 530 ? CG  ? B GLU 37  CG  
66  1 Y 1 B GLU 530 ? CD  ? B GLU 37  CD  
67  1 Y 1 B GLU 530 ? OE1 ? B GLU 37  OE1 
68  1 Y 1 B GLU 530 ? OE2 ? B GLU 37  OE2 
69  1 Y 1 B LYS 537 ? CG  ? B LYS 44  CG  
70  1 Y 1 B LYS 537 ? CD  ? B LYS 44  CD  
71  1 Y 1 B LYS 537 ? CE  ? B LYS 44  CE  
72  1 Y 1 B LYS 537 ? NZ  ? B LYS 44  NZ  
73  1 Y 1 B ARG 548 ? CG  ? B ARG 55  CG  
74  1 Y 1 B ARG 548 ? CD  ? B ARG 55  CD  
75  1 Y 1 B ARG 548 ? NE  ? B ARG 55  NE  
76  1 Y 1 B ARG 548 ? CZ  ? B ARG 55  CZ  
77  1 Y 1 B ARG 548 ? NH1 ? B ARG 55  NH1 
78  1 Y 1 B ARG 548 ? NH2 ? B ARG 55  NH2 
79  1 Y 1 B LYS 563 ? CG  ? B LYS 70  CG  
80  1 Y 1 B LYS 563 ? CD  ? B LYS 70  CD  
81  1 Y 1 B LYS 563 ? CE  ? B LYS 70  CE  
82  1 Y 1 B LYS 563 ? NZ  ? B LYS 70  NZ  
83  1 Y 1 B GLU 575 ? CG  ? B GLU 82  CG  
84  1 Y 1 B GLU 575 ? CD  ? B GLU 82  CD  
85  1 Y 1 B GLU 575 ? OE1 ? B GLU 82  OE1 
86  1 Y 1 B GLU 575 ? OE2 ? B GLU 82  OE2 
87  1 Y 1 B LYS 579 ? CG  ? B LYS 86  CG  
88  1 Y 1 B LYS 579 ? CD  ? B LYS 86  CD  
89  1 Y 1 B LYS 579 ? CE  ? B LYS 86  CE  
90  1 Y 1 B LYS 579 ? NZ  ? B LYS 86  NZ  
91  1 Y 1 B LYS 596 ? CG  ? B LYS 103 CG  
92  1 Y 1 B LYS 596 ? CD  ? B LYS 103 CD  
93  1 Y 1 B LYS 596 ? CE  ? B LYS 103 CE  
94  1 Y 1 B LYS 596 ? NZ  ? B LYS 103 NZ  
95  1 Y 1 B LYS 598 ? CG  ? B LYS 105 CG  
96  1 Y 1 B LYS 598 ? CD  ? B LYS 105 CD  
97  1 Y 1 B LYS 598 ? CE  ? B LYS 105 CE  
98  1 Y 1 B LYS 598 ? NZ  ? B LYS 105 NZ  
99  1 Y 1 B ASP 610 ? CG  ? B ASP 117 CG  
100 1 Y 1 B ASP 610 ? OD1 ? B ASP 117 OD1 
101 1 Y 1 B ASP 610 ? OD2 ? B ASP 117 OD2 
# 
loop_
_software.pdbx_ordinal 
_software.name 
_software.version 
_software.date 
_software.type 
_software.contact_author 
_software.contact_author_email 
_software.classification 
_software.location 
_software.language 
_software.citation_id 
1 REFMAC      5.5.0109 ?               program 'Garib N. Murshudov' garib@ysbl.york.ac.uk refinement        
http://www.ccp4.ac.uk/dist/html/refmac5.html Fortran_77 ? 
2 PDB_EXTRACT 3.100    'May. 21, 2010' package PDB                  help@deposit.rcsb.org 'data extraction' 
http://sw-tools.pdb.org/apps/PDB_EXTRACT/    C++        ? 
3 MOSFLM      .        ?               ?       ?                    ?                     'data reduction'  ? ?          ? 
4 SCALA       .        ?               ?       ?                    ?                     'data scaling'    ? ?          ? 
5 SHELX       C        ?               ?       ?                    ?                     phasing           ? ?          ? 
6 SHELXD      .        ?               ?       ?                    ?                     phasing           ? ?          ? 
7 SHELXE      .        ?               ?       ?                    ?                     'model building'  ? ?          ? 
# 
_cell.length_a           57.540 
_cell.length_b           62.550 
_cell.length_c           76.250 
_cell.angle_alpha        90.000 
_cell.angle_beta         90.000 
_cell.angle_gamma        90.000 
_cell.entry_id           3N7C 
_cell.pdbx_unique_axis   ? 
_cell.Z_PDB              8 
_cell.length_a_esd       ? 
_cell.length_b_esd       ? 
_cell.length_c_esd       ? 
_cell.angle_alpha_esd    ? 
_cell.angle_beta_esd     ? 
_cell.angle_gamma_esd    ? 
# 
_symmetry.space_group_name_H-M             'P 21 21 21' 
_symmetry.entry_id                         3N7C 
_symmetry.pdbx_full_space_group_name_H-M   ? 
_symmetry.Int_Tables_number                19 
_symmetry.cell_setting                     ? 
_symmetry.space_group_name_Hall            ? 
# 
_exptl.crystals_number   1 
_exptl.entry_id          3N7C 
_exptl.method            'X-RAY DIFFRACTION' 
# 
_exptl_crystal.id                    1 
_exptl_crystal.density_Matthews      2.31 
_exptl_crystal.density_meas          ? 
_exptl_crystal.density_percent_sol   46.86 
_exptl_crystal.description           ? 
_exptl_crystal.F_000                 ? 
_exptl_crystal.preparation           ? 
# 
_exptl_crystal_grow.crystal_id      1 
_exptl_crystal_grow.method          'VAPOR DIFFUSION, SITTING DROP' 
_exptl_crystal_grow.pH              5.5 
_exptl_crystal_grow.temp            294 
_exptl_crystal_grow.pdbx_details    '100mM Bis-Tris pH 5.5 + 25% PEG 3350, VAPOR DIFFUSION, SITTING DROP, temperature 294K' 
_exptl_crystal_grow.temp_details    ? 
_exptl_crystal_grow.pdbx_pH_range   ? 
# 
_diffrn.id                     1 
_diffrn.ambient_temp           100 
_diffrn.ambient_temp_details   ? 
_diffrn.crystal_id             1 
# 
_diffrn_detector.diffrn_id              1 
_diffrn_detector.detector               CCD 
_diffrn_detector.type                   'RAYONIX MX225HE' 
_diffrn_detector.pdbx_collection_date   2010-02-10 
_diffrn_detector.details                ? 
# 
_diffrn_radiation.diffrn_id                        1 
_diffrn_radiation.pdbx_diffrn_protocol             'SINGLE WAVELENGTH' 
_diffrn_radiation.monochromator                    diamond 
_diffrn_radiation.wavelength_id                    1 
_diffrn_radiation.pdbx_monochromatic_or_laue_m_l   M 
_diffrn_radiation.pdbx_scattering_type             x-ray 
# 
_diffrn_radiation_wavelength.id           1 
_diffrn_radiation_wavelength.wavelength   0.97929 
_diffrn_radiation_wavelength.wt           1.0 
# 
_diffrn_source.diffrn_id                   1 
_diffrn_source.source                      SYNCHROTRON 
_diffrn_source.type                        'APS BEAMLINE 31-ID' 
_diffrn_source.pdbx_wavelength_list        0.97929 
_diffrn_source.pdbx_wavelength             ? 
_diffrn_source.pdbx_synchrotron_site       APS 
_diffrn_source.pdbx_synchrotron_beamline   31-ID 
# 
_reflns.entry_id                     3N7C 
_reflns.observed_criterion_sigma_F   ? 
_reflns.observed_criterion_sigma_I   ? 
_reflns.d_resolution_high            2.26 
_reflns.d_resolution_low             38.12 
_reflns.number_all                   ? 
_reflns.number_obs                   13396 
_reflns.percent_possible_obs         99.7 
_reflns.pdbx_Rmerge_I_obs            ? 
_reflns.pdbx_Rsym_value              0.103 
_reflns.pdbx_netI_over_sigmaI        15.7 
_reflns.B_iso_Wilson_estimate        42.54 
_reflns.pdbx_redundancy              13.5 
_reflns.R_free_details               ? 
_reflns.limit_h_max                  ? 
_reflns.limit_h_min                  ? 
_reflns.limit_k_max                  ? 
_reflns.limit_k_min                  ? 
_reflns.limit_l_max                  ? 
_reflns.limit_l_min                  ? 
_reflns.observed_criterion_F_max     ? 
_reflns.observed_criterion_F_min     ? 
_reflns.pdbx_chi_squared             ? 
_reflns.pdbx_scaling_rejects         ? 
_reflns.pdbx_diffrn_id               1 
_reflns.pdbx_ordinal                 1 
# 
_reflns_shell.d_res_high             2.26 
_reflns_shell.d_res_low              2.38 
_reflns_shell.percent_possible_obs   ? 
_reflns_shell.percent_possible_all   100.0 
_reflns_shell.Rmerge_I_obs           ? 
_reflns_shell.meanI_over_sigI_obs    5.3 
_reflns_shell.pdbx_Rsym_value        0.580 
_reflns_shell.pdbx_redundancy        13.7 
_reflns_shell.number_unique_all      1925 
_reflns_shell.number_measured_all    ? 
_reflns_shell.number_measured_obs    ? 
_reflns_shell.number_unique_obs      ? 
_reflns_shell.pdbx_chi_squared       ? 
_reflns_shell.pdbx_diffrn_id         ? 
_reflns_shell.pdbx_ordinal           1 
# 
_refine.entry_id                                 3N7C 
_refine.ls_d_res_high                            2.260 
_refine.ls_d_res_low                             21.170 
_refine.pdbx_ls_sigma_F                          0.00 
_refine.pdbx_data_cutoff_high_absF               ? 
_refine.pdbx_data_cutoff_low_absF                ? 
_refine.ls_percent_reflns_obs                    99.620 
_refine.ls_number_reflns_obs                     13335 
_refine.ls_number_reflns_all                     ? 
_refine.pdbx_ls_cross_valid_method               THROUGHOUT 
_refine.pdbx_R_Free_selection_details            RANDOM 
_refine.details                                  
'HYDROGENS HAVE BEEN ADDED IN THE RIDING POSITIONS U VALUES      : REFINED INDIVIDUALLY' 
_refine.ls_R_factor_all                          ? 
_refine.ls_R_factor_obs                          0.236 
_refine.ls_R_factor_R_work                       0.234 
_refine.ls_wR_factor_R_work                      ? 
_refine.ls_R_factor_R_free                       0.293 
_refine.ls_wR_factor_R_free                      ? 
_refine.ls_percent_reflns_R_free                 4.900 
_refine.ls_number_reflns_R_free                  654 
_refine.ls_R_factor_R_free_error                 ? 
_refine.B_iso_mean                               43.780 
_refine.solvent_model_param_bsol                 ? 
_refine.solvent_model_param_ksol                 ? 
_refine.pdbx_isotropic_thermal_model             ? 
_refine.aniso_B[1][1]                            -0.110 
_refine.aniso_B[2][2]                            0.050 
_refine.aniso_B[3][3]                            0.070 
_refine.aniso_B[1][2]                            0.000 
_refine.aniso_B[1][3]                            0.000 
_refine.aniso_B[2][3]                            0.000 
_refine.correlation_coeff_Fo_to_Fc               0.927 
_refine.correlation_coeff_Fo_to_Fc_free          0.906 
_refine.overall_SU_R_Cruickshank_DPI             ? 
_refine.overall_SU_R_free                        ? 
_refine.pdbx_overall_ESU_R_Free                  0.241 
_refine.overall_SU_ML                            0.183 
_refine.overall_SU_B                             7.248 
_refine.solvent_model_details                    'BABINET MODEL WITH MASK' 
_refine.pdbx_solvent_vdw_probe_radii             1.400 
_refine.pdbx_solvent_ion_probe_radii             0.800 
_refine.pdbx_solvent_shrinkage_radii             0.800 
_refine.ls_number_parameters                     ? 
_refine.ls_number_restraints                     ? 
_refine.pdbx_starting_model                      ? 
_refine.pdbx_method_to_determine_struct          SAD 
_refine.pdbx_stereochemistry_target_values       'MAXIMUM LIKELIHOOD WITH PHASES' 
_refine.pdbx_stereochem_target_val_spec_case     ? 
_refine.overall_FOM_work_R_set                   ? 
_refine.B_iso_max                                71.73 
_refine.B_iso_min                                23.93 
_refine.occupancy_max                            1.00 
_refine.occupancy_min                            0.50 
_refine.pdbx_ls_sigma_I                          ? 
_refine.ls_redundancy_reflns_obs                 ? 
_refine.ls_R_factor_R_free_error_details         ? 
_refine.pdbx_data_cutoff_high_rms_absF           ? 
_refine.overall_FOM_free_R_set                   ? 
_refine.pdbx_overall_phase_error                 ? 
_refine.pdbx_refine_id                           'X-RAY DIFFRACTION' 
_refine.pdbx_overall_ESU_R                       0.276 
_refine.pdbx_diffrn_id                           1 
_refine.pdbx_TLS_residual_ADP_flag               ? 
_refine.pdbx_overall_SU_R_free_Cruickshank_DPI   ? 
_refine.pdbx_overall_SU_R_Blow_DPI               ? 
_refine.pdbx_overall_SU_R_free_Blow_DPI          ? 
# 
_refine_hist.pdbx_refine_id                   'X-RAY DIFFRACTION' 
_refine_hist.cycle_id                         LAST 
_refine_hist.pdbx_number_atoms_protein        1562 
_refine_hist.pdbx_number_atoms_nucleic_acid   0 
_refine_hist.pdbx_number_atoms_ligand         0 
_refine_hist.number_atoms_solvent             27 
_refine_hist.number_atoms_total               1589 
_refine_hist.d_res_high                       2.260 
_refine_hist.d_res_low                        21.170 
# 
loop_
_refine_ls_restr.type 
_refine_ls_restr.number 
_refine_ls_restr.dev_ideal 
_refine_ls_restr.dev_ideal_target 
_refine_ls_restr.weight 
_refine_ls_restr.pdbx_refine_id 
_refine_ls_restr.pdbx_restraint_function 
r_bond_refined_d       1619 0.020  0.022  ? 'X-RAY DIFFRACTION' ? 
r_bond_other_d         1086 0.001  0.020  ? 'X-RAY DIFFRACTION' ? 
r_angle_refined_deg    2191 1.774  1.977  ? 'X-RAY DIFFRACTION' ? 
r_angle_other_deg      2658 0.982  3.000  ? 'X-RAY DIFFRACTION' ? 
r_dihedral_angle_1_deg 215  6.606  5.000  ? 'X-RAY DIFFRACTION' ? 
r_dihedral_angle_2_deg 60   38.846 23.333 ? 'X-RAY DIFFRACTION' ? 
r_dihedral_angle_3_deg 283  16.859 15.000 ? 'X-RAY DIFFRACTION' ? 
r_dihedral_angle_4_deg 12   25.631 15.000 ? 'X-RAY DIFFRACTION' ? 
r_chiral_restr         269  0.099  0.200  ? 'X-RAY DIFFRACTION' ? 
r_gen_planes_refined   1782 0.007  0.020  ? 'X-RAY DIFFRACTION' ? 
r_gen_planes_other     324  0.001  0.020  ? 'X-RAY DIFFRACTION' ? 
r_mcbond_it            1054 1.163  1.500  ? 'X-RAY DIFFRACTION' ? 
r_mcbond_other         438  0.239  1.500  ? 'X-RAY DIFFRACTION' ? 
r_mcangle_it           1671 2.188  2.000  ? 'X-RAY DIFFRACTION' ? 
r_scbond_it            565  2.907  3.000  ? 'X-RAY DIFFRACTION' ? 
r_scangle_it           514  4.599  4.500  ? 'X-RAY DIFFRACTION' ? 
# 
_refine_ls_shell.d_res_high                       2.260 
_refine_ls_shell.d_res_low                        2.318 
_refine_ls_shell.pdbx_total_number_of_bins_used   20 
_refine_ls_shell.percent_reflns_obs               100.000 
_refine_ls_shell.number_reflns_R_work             908 
_refine_ls_shell.R_factor_all                     ? 
_refine_ls_shell.R_factor_R_work                  0.255 
_refine_ls_shell.R_factor_R_free                  0.356 
_refine_ls_shell.percent_reflns_R_free            ? 
_refine_ls_shell.number_reflns_R_free             54 
_refine_ls_shell.R_factor_R_free_error            ? 
_refine_ls_shell.number_reflns_all                962 
_refine_ls_shell.number_reflns_obs                ? 
_refine_ls_shell.redundancy_reflns_obs            ? 
_refine_ls_shell.pdbx_refine_id                   'X-RAY DIFFRACTION' 
# 
_struct.entry_id                  3N7C 
_struct.title                     
'Crystal structure of the RAN binding domain from the nuclear pore complex component NUP2 from Ashbya gossypii' 
_struct.pdbx_model_details        ? 
_struct.pdbx_CASP_flag            ? 
_struct.pdbx_model_type_details   ? 
# 
_struct_keywords.entry_id        3N7C 
_struct_keywords.text            
;Nuclear pore complex, NUP2, Ran-binding domain, Nucleoporin, STRUCTURAL GENOMICS, PSI-2, PROTEIN STRUCTURE INITIATIVE, NEW YORK STRUCTURAL GENOMIX RESEARCH CONSORTIUM, NYSGXRC, New York SGX Research Center for Structural Genomics, PROTEIN TRANSPORT
;
_struct_keywords.pdbx_keywords   'PROTEIN TRANSPORT' 
# 
loop_
_struct_asym.id 
_struct_asym.pdbx_blank_PDB_chainid_flag 
_struct_asym.pdbx_modified 
_struct_asym.entity_id 
_struct_asym.details 
A N N 1 ? 
B N N 1 ? 
C N N 2 ? 
D N N 2 ? 
# 
_struct_ref.id                         1 
_struct_ref.db_name                    UNP 
_struct_ref.db_code                    Q75DJ0_ASHGO 
_struct_ref.pdbx_db_accession          Q75DJ0 
_struct_ref.entity_id                  1 
_struct_ref.pdbx_seq_one_letter_code   
;TNGEENEEVLFCEKAKLLIFDSDTKGYTSRGVGELKLLRKKDDKGKVRVLCRSEGMGHVLLNTSVVKSFKYQPIDADNEN
LIKWPIITDGKLETFIIKVKQKADGRRLVGAVADAQQAM
;
_struct_ref.pdbx_align_begin           497 
_struct_ref.pdbx_db_isoform            ? 
# 
loop_
_struct_ref_seq.align_id 
_struct_ref_seq.ref_id 
_struct_ref_seq.pdbx_PDB_id_code 
_struct_ref_seq.pdbx_strand_id 
_struct_ref_seq.seq_align_beg 
_struct_ref_seq.pdbx_seq_align_beg_ins_code 
_struct_ref_seq.seq_align_end 
_struct_ref_seq.pdbx_seq_align_end_ins_code 
_struct_ref_seq.pdbx_db_accession 
_struct_ref_seq.db_align_beg 
_struct_ref_seq.pdbx_db_align_beg_ins_code 
_struct_ref_seq.db_align_end 
_struct_ref_seq.pdbx_db_align_end_ins_code 
_struct_ref_seq.pdbx_auth_seq_align_beg 
_struct_ref_seq.pdbx_auth_seq_align_end 
1 1 3N7C A 4 ? 122 ? Q75DJ0 497 ? 615 ? 497 615 
2 1 3N7C B 4 ? 122 ? Q75DJ0 497 ? 615 ? 497 615 
# 
loop_
_struct_ref_seq_dif.align_id 
_struct_ref_seq_dif.pdbx_pdb_id_code 
_struct_ref_seq_dif.mon_id 
_struct_ref_seq_dif.pdbx_pdb_strand_id 
_struct_ref_seq_dif.seq_num 
_struct_ref_seq_dif.pdbx_pdb_ins_code 
_struct_ref_seq_dif.pdbx_seq_db_name 
_struct_ref_seq_dif.pdbx_seq_db_accession_code 
_struct_ref_seq_dif.db_mon_id 
_struct_ref_seq_dif.pdbx_seq_db_seq_num 
_struct_ref_seq_dif.details 
_struct_ref_seq_dif.pdbx_auth_seq_num 
_struct_ref_seq_dif.pdbx_ordinal 
1 3N7C MSE A 1   ? UNP Q75DJ0 ? ? 'expression tag' 494 1  
1 3N7C SER A 2   ? UNP Q75DJ0 ? ? 'expression tag' 495 2  
1 3N7C LEU A 3   ? UNP Q75DJ0 ? ? 'expression tag' 496 3  
1 3N7C GLU A 123 ? UNP Q75DJ0 ? ? 'expression tag' 616 4  
1 3N7C GLY A 124 ? UNP Q75DJ0 ? ? 'expression tag' 617 5  
1 3N7C HIS A 125 ? UNP Q75DJ0 ? ? 'expression tag' 618 6  
1 3N7C HIS A 126 ? UNP Q75DJ0 ? ? 'expression tag' 619 7  
1 3N7C HIS A 127 ? UNP Q75DJ0 ? ? 'expression tag' 620 8  
1 3N7C HIS A 128 ? UNP Q75DJ0 ? ? 'expression tag' 621 9  
1 3N7C HIS A 129 ? UNP Q75DJ0 ? ? 'expression tag' 622 10 
1 3N7C HIS A 130 ? UNP Q75DJ0 ? ? 'expression tag' 623 11 
2 3N7C MSE B 1   ? UNP Q75DJ0 ? ? 'expression tag' 494 12 
2 3N7C SER B 2   ? UNP Q75DJ0 ? ? 'expression tag' 495 13 
2 3N7C LEU B 3   ? UNP Q75DJ0 ? ? 'expression tag' 496 14 
2 3N7C GLU B 123 ? UNP Q75DJ0 ? ? 'expression tag' 616 15 
2 3N7C GLY B 124 ? UNP Q75DJ0 ? ? 'expression tag' 617 16 
2 3N7C HIS B 125 ? UNP Q75DJ0 ? ? 'expression tag' 618 17 
2 3N7C HIS B 126 ? UNP Q75DJ0 ? ? 'expression tag' 619 18 
2 3N7C HIS B 127 ? UNP Q75DJ0 ? ? 'expression tag' 620 19 
2 3N7C HIS B 128 ? UNP Q75DJ0 ? ? 'expression tag' 621 20 
2 3N7C HIS B 129 ? UNP Q75DJ0 ? ? 'expression tag' 622 21 
2 3N7C HIS B 130 ? UNP Q75DJ0 ? ? 'expression tag' 623 22 
# 
loop_
_pdbx_struct_assembly.id 
_pdbx_struct_assembly.details 
_pdbx_struct_assembly.method_details 
_pdbx_struct_assembly.oligomeric_details 
_pdbx_struct_assembly.oligomeric_count 
1 author_and_software_defined_assembly PISA monomeric 1 
2 author_and_software_defined_assembly PISA monomeric 1 
# 
loop_
_pdbx_struct_assembly_gen.assembly_id 
_pdbx_struct_assembly_gen.oper_expression 
_pdbx_struct_assembly_gen.asym_id_list 
1 1 A,C 
2 1 B,D 
# 
_pdbx_struct_oper_list.id                   1 
_pdbx_struct_oper_list.type                 'identity operation' 
_pdbx_struct_oper_list.name                 1_555 
_pdbx_struct_oper_list.symmetry_operation   x,y,z 
_pdbx_struct_oper_list.matrix[1][1]         1.0000000000 
_pdbx_struct_oper_list.matrix[1][2]         0.0000000000 
_pdbx_struct_oper_list.matrix[1][3]         0.0000000000 
_pdbx_struct_oper_list.vector[1]            0.0000000000 
_pdbx_struct_oper_list.matrix[2][1]         0.0000000000 
_pdbx_struct_oper_list.matrix[2][2]         1.0000000000 
_pdbx_struct_oper_list.matrix[2][3]         0.0000000000 
_pdbx_struct_oper_list.vector[2]            0.0000000000 
_pdbx_struct_oper_list.matrix[3][1]         0.0000000000 
_pdbx_struct_oper_list.matrix[3][2]         0.0000000000 
_pdbx_struct_oper_list.matrix[3][3]         1.0000000000 
_pdbx_struct_oper_list.vector[3]            0.0000000000 
# 
_struct_biol.id        1 
_struct_biol.details   ? 
# 
loop_
_struct_conf.conf_type_id 
_struct_conf.id 
_struct_conf.pdbx_PDB_helix_id 
_struct_conf.beg_label_comp_id 
_struct_conf.beg_label_asym_id 
_struct_conf.beg_label_seq_id 
_struct_conf.pdbx_beg_PDB_ins_code 
_struct_conf.end_label_comp_id 
_struct_conf.end_label_asym_id 
_struct_conf.end_label_seq_id 
_struct_conf.pdbx_end_PDB_ins_code 
_struct_conf.beg_auth_comp_id 
_struct_conf.beg_auth_asym_id 
_struct_conf.beg_auth_seq_id 
_struct_conf.end_auth_comp_id 
_struct_conf.end_auth_asym_id 
_struct_conf.end_auth_seq_id 
_struct_conf.pdbx_PDB_helix_class 
_struct_conf.details 
_struct_conf.pdbx_PDB_helix_length 
HELX_P HELX_P1 1 GLN A 104 ? MSE A 122 ? GLN A 597 MSE A 615 1 ? 19 
HELX_P HELX_P2 2 GLN B 104 ? ALA B 121 ? GLN B 597 ALA B 614 1 ? 18 
# 
_struct_conf_type.id          HELX_P 
_struct_conf_type.criteria    ? 
_struct_conf_type.reference   ? 
# 
loop_
_struct_conn.id 
_struct_conn.conn_type_id 
_struct_conn.pdbx_leaving_atom_flag 
_struct_conn.pdbx_PDB_id 
_struct_conn.ptnr1_label_asym_id 
_struct_conn.ptnr1_label_comp_id 
_struct_conn.ptnr1_label_seq_id 
_struct_conn.ptnr1_label_atom_id 
_struct_conn.pdbx_ptnr1_label_alt_id 
_struct_conn.pdbx_ptnr1_PDB_ins_code 
_struct_conn.pdbx_ptnr1_standard_comp_id 
_struct_conn.ptnr1_symmetry 
_struct_conn.ptnr2_label_asym_id 
_struct_conn.ptnr2_label_comp_id 
_struct_conn.ptnr2_label_seq_id 
_struct_conn.ptnr2_label_atom_id 
_struct_conn.pdbx_ptnr2_label_alt_id 
_struct_conn.pdbx_ptnr2_PDB_ins_code 
_struct_conn.ptnr1_auth_asym_id 
_struct_conn.ptnr1_auth_comp_id 
_struct_conn.ptnr1_auth_seq_id 
_struct_conn.ptnr2_auth_asym_id 
_struct_conn.ptnr2_auth_comp_id 
_struct_conn.ptnr2_auth_seq_id 
_struct_conn.ptnr2_symmetry 
_struct_conn.pdbx_ptnr3_label_atom_id 
_struct_conn.pdbx_ptnr3_label_seq_id 
_struct_conn.pdbx_ptnr3_label_comp_id 
_struct_conn.pdbx_ptnr3_label_asym_id 
_struct_conn.pdbx_ptnr3_label_alt_id 
_struct_conn.pdbx_ptnr3_PDB_ins_code 
_struct_conn.details 
_struct_conn.pdbx_dist_value 
_struct_conn.pdbx_value_order 
_struct_conn.pdbx_role 
covale1 covale both ? A GLY 58  C ? ? ? 1_555 A MSE 59  N ? ? A GLY 551 A MSE 552 1_555 ? ? ? ? ? ? ? 1.333 ? ? 
covale2 covale both ? A MSE 59  C ? ? ? 1_555 A GLY 60  N ? ? A MSE 552 A GLY 553 1_555 ? ? ? ? ? ? ? 1.326 ? ? 
covale3 covale both ? A ALA 121 C ? ? ? 1_555 A MSE 122 N ? ? A ALA 614 A MSE 615 1_555 ? ? ? ? ? ? ? 1.330 ? ? 
covale4 covale both ? B ALA 121 C ? ? ? 1_555 B MSE 122 N ? ? B ALA 614 B MSE 615 1_555 ? ? ? ? ? ? ? 1.340 ? ? 
# 
_struct_conn_type.id          covale 
_struct_conn_type.criteria    ? 
_struct_conn_type.reference   ? 
# 
loop_
_pdbx_modification_feature.ordinal 
_pdbx_modification_feature.label_comp_id 
_pdbx_modification_feature.label_asym_id 
_pdbx_modification_feature.label_seq_id 
_pdbx_modification_feature.label_alt_id 
_pdbx_modification_feature.modified_residue_label_comp_id 
_pdbx_modification_feature.modified_residue_label_asym_id 
_pdbx_modification_feature.modified_residue_label_seq_id 
_pdbx_modification_feature.modified_residue_label_alt_id 
_pdbx_modification_feature.auth_comp_id 
_pdbx_modification_feature.auth_asym_id 
_pdbx_modification_feature.auth_seq_id 
_pdbx_modification_feature.PDB_ins_code 
_pdbx_modification_feature.symmetry 
_pdbx_modification_feature.modified_residue_auth_comp_id 
_pdbx_modification_feature.modified_residue_auth_asym_id 
_pdbx_modification_feature.modified_residue_auth_seq_id 
_pdbx_modification_feature.modified_residue_PDB_ins_code 
_pdbx_modification_feature.modified_residue_symmetry 
_pdbx_modification_feature.comp_id_linking_atom 
_pdbx_modification_feature.modified_residue_id_linking_atom 
_pdbx_modification_feature.modified_residue_id 
_pdbx_modification_feature.ref_pcm_id 
_pdbx_modification_feature.ref_comp_id 
_pdbx_modification_feature.type 
_pdbx_modification_feature.category 
1 MSE A 59  ? . . . . MSE A 552 ? 1_555 . . . . . . . MET 1 MSE Selenomethionine 'Named protein modification' 
2 MSE A 122 ? . . . . MSE A 615 ? 1_555 . . . . . . . MET 1 MSE Selenomethionine 'Named protein modification' 
3 MSE B 122 ? . . . . MSE B 615 ? 1_555 . . . . . . . MET 1 MSE Selenomethionine 'Named protein modification' 
# 
loop_
_struct_sheet.id 
_struct_sheet.type 
_struct_sheet.number_strands 
_struct_sheet.details 
A ? 7 ? 
B ? 7 ? 
# 
loop_
_struct_sheet_order.sheet_id 
_struct_sheet_order.range_id_1 
_struct_sheet_order.range_id_2 
_struct_sheet_order.offset 
_struct_sheet_order.sense 
A 1 2 ? anti-parallel 
A 2 3 ? anti-parallel 
A 3 4 ? anti-parallel 
A 4 5 ? anti-parallel 
A 5 6 ? anti-parallel 
A 6 7 ? anti-parallel 
B 1 2 ? anti-parallel 
B 2 3 ? anti-parallel 
B 3 4 ? anti-parallel 
B 4 5 ? anti-parallel 
B 5 6 ? anti-parallel 
B 6 7 ? anti-parallel 
# 
loop_
_struct_sheet_range.sheet_id 
_struct_sheet_range.id 
_struct_sheet_range.beg_label_comp_id 
_struct_sheet_range.beg_label_asym_id 
_struct_sheet_range.beg_label_seq_id 
_struct_sheet_range.pdbx_beg_PDB_ins_code 
_struct_sheet_range.end_label_comp_id 
_struct_sheet_range.end_label_asym_id 
_struct_sheet_range.end_label_seq_id 
_struct_sheet_range.pdbx_end_PDB_ins_code 
_struct_sheet_range.beg_auth_comp_id 
_struct_sheet_range.beg_auth_asym_id 
_struct_sheet_range.beg_auth_seq_id 
_struct_sheet_range.end_auth_comp_id 
_struct_sheet_range.end_auth_asym_id 
_struct_sheet_range.end_auth_seq_id 
A 1 VAL A 62 ? SER A 67  ? VAL A 555 SER A 560 
A 2 ASP A 46 ? ARG A 55  ? ASP A 539 ARG A 548 
A 3 TYR A 30 ? LYS A 43  ? TYR A 523 LYS A 536 
A 4 GLU A 11 ? PHE A 23  ? GLU A 504 PHE A 516 
A 5 LYS A 94 ? LYS A 101 ? LYS A 587 LYS A 594 
A 6 LEU A 84 ? THR A 91  ? LEU A 577 THR A 584 
A 7 GLN A 75 ? PRO A 76  ? GLN A 568 PRO A 569 
B 1 VAL B 62 ? SER B 67  ? VAL B 555 SER B 560 
B 2 ASP B 46 ? ARG B 55  ? ASP B 539 ARG B 548 
B 3 THR B 31 ? LYS B 43  ? THR B 524 LYS B 536 
B 4 GLU B 11 ? ILE B 22  ? GLU B 504 ILE B 515 
B 5 GLU B 96 ? LYS B 101 ? GLU B 589 LYS B 594 
B 6 LEU B 84 ? ILE B 89  ? LEU B 577 ILE B 582 
B 7 GLN B 75 ? PRO B 76  ? GLN B 568 PRO B 569 
# 
loop_
_pdbx_struct_sheet_hbond.sheet_id 
_pdbx_struct_sheet_hbond.range_id_1 
_pdbx_struct_sheet_hbond.range_id_2 
_pdbx_struct_sheet_hbond.range_1_label_atom_id 
_pdbx_struct_sheet_hbond.range_1_label_comp_id 
_pdbx_struct_sheet_hbond.range_1_label_asym_id 
_pdbx_struct_sheet_hbond.range_1_label_seq_id 
_pdbx_struct_sheet_hbond.range_1_PDB_ins_code 
_pdbx_struct_sheet_hbond.range_1_auth_atom_id 
_pdbx_struct_sheet_hbond.range_1_auth_comp_id 
_pdbx_struct_sheet_hbond.range_1_auth_asym_id 
_pdbx_struct_sheet_hbond.range_1_auth_seq_id 
_pdbx_struct_sheet_hbond.range_2_label_atom_id 
_pdbx_struct_sheet_hbond.range_2_label_comp_id 
_pdbx_struct_sheet_hbond.range_2_label_asym_id 
_pdbx_struct_sheet_hbond.range_2_label_seq_id 
_pdbx_struct_sheet_hbond.range_2_PDB_ins_code 
_pdbx_struct_sheet_hbond.range_2_auth_atom_id 
_pdbx_struct_sheet_hbond.range_2_auth_comp_id 
_pdbx_struct_sheet_hbond.range_2_auth_asym_id 
_pdbx_struct_sheet_hbond.range_2_auth_seq_id 
A 1 2 O THR A 66 ? O THR A 559 N VAL A 52  ? N VAL A 545 
A 2 3 O ARG A 51 ? O ARG A 544 N LEU A 41  ? N LEU A 534 
A 3 4 O LEU A 38 ? O LEU A 531 N GLU A 16  ? N GLU A 509 
A 4 5 N LYS A 19 ? N LYS A 512 O LYS A 101 ? O LYS A 594 
A 5 6 O GLU A 96 ? O GLU A 589 N ILE A 89  ? N ILE A 582 
A 6 7 O LYS A 86 ? O LYS A 579 N GLN A 75  ? N GLN A 568 
B 1 2 O LEU B 63 ? O LEU B 556 N CYS B 54  ? N CYS B 547 
B 2 3 O LEU B 53 ? O LEU B 546 N LYS B 39  ? N LYS B 532 
B 3 4 O LEU B 40 ? O LEU B 533 N LEU B 13  ? N LEU B 506 
B 4 5 N LYS B 19 ? N LYS B 512 O LYS B 101 ? O LYS B 594 
B 5 6 O PHE B 98 ? O PHE B 591 N TRP B 87  ? N TRP B 580 
B 6 7 O LYS B 86 ? O LYS B 579 N GLN B 75  ? N GLN B 568 
# 
_pdbx_entry_details.entry_id                   3N7C 
_pdbx_entry_details.compound_details           ? 
_pdbx_entry_details.source_details             ? 
_pdbx_entry_details.nonpolymer_details         ? 
_pdbx_entry_details.sequence_details           ? 
_pdbx_entry_details.has_ligand_of_interest     ? 
_pdbx_entry_details.has_protein_modification   Y 
# 
_pdbx_validate_close_contact.id               1 
_pdbx_validate_close_contact.PDB_model_num    1 
_pdbx_validate_close_contact.auth_atom_id_1   OE1 
_pdbx_validate_close_contact.auth_asym_id_1   B 
_pdbx_validate_close_contact.auth_comp_id_1   GLU 
_pdbx_validate_close_contact.auth_seq_id_1    504 
_pdbx_validate_close_contact.PDB_ins_code_1   ? 
_pdbx_validate_close_contact.label_alt_id_1   ? 
_pdbx_validate_close_contact.auth_atom_id_2   NE 
_pdbx_validate_close_contact.auth_asym_id_2   B 
_pdbx_validate_close_contact.auth_comp_id_2   ARG 
_pdbx_validate_close_contact.auth_seq_id_2    535 
_pdbx_validate_close_contact.PDB_ins_code_2   ? 
_pdbx_validate_close_contact.label_alt_id_2   A 
_pdbx_validate_close_contact.dist             2.18 
# 
_pdbx_validate_torsion.id              1 
_pdbx_validate_torsion.PDB_model_num   1 
_pdbx_validate_torsion.auth_comp_id    ASN 
_pdbx_validate_torsion.auth_asym_id    B 
_pdbx_validate_torsion.auth_seq_id     574 
_pdbx_validate_torsion.PDB_ins_code    ? 
_pdbx_validate_torsion.label_alt_id    ? 
_pdbx_validate_torsion.phi             -140.24 
_pdbx_validate_torsion.psi             52.19 
# 
_pdbx_SG_project.id                    1 
_pdbx_SG_project.project_name          'PSI, Protein Structure Initiative' 
_pdbx_SG_project.full_name_of_center   'New York SGX Research Center for Structural Genomics' 
_pdbx_SG_project.initial_of_center     NYSGXRC 
# 
loop_
_pdbx_struct_mod_residue.id 
_pdbx_struct_mod_residue.label_asym_id 
_pdbx_struct_mod_residue.label_comp_id 
_pdbx_struct_mod_residue.label_seq_id 
_pdbx_struct_mod_residue.auth_asym_id 
_pdbx_struct_mod_residue.auth_comp_id 
_pdbx_struct_mod_residue.auth_seq_id 
_pdbx_struct_mod_residue.PDB_ins_code 
_pdbx_struct_mod_residue.parent_comp_id 
_pdbx_struct_mod_residue.details 
1 A MSE 59  A MSE 552 ? MET SELENOMETHIONINE 
2 A MSE 122 A MSE 615 ? MET SELENOMETHIONINE 
3 B MSE 122 B MSE 615 ? MET SELENOMETHIONINE 
# 
loop_
_pdbx_unobs_or_zero_occ_residues.id 
_pdbx_unobs_or_zero_occ_residues.PDB_model_num 
_pdbx_unobs_or_zero_occ_residues.polymer_flag 
_pdbx_unobs_or_zero_occ_residues.occupancy_flag 
_pdbx_unobs_or_zero_occ_residues.auth_asym_id 
_pdbx_unobs_or_zero_occ_residues.auth_comp_id 
_pdbx_unobs_or_zero_occ_residues.auth_seq_id 
_pdbx_unobs_or_zero_occ_residues.PDB_ins_code 
_pdbx_unobs_or_zero_occ_residues.label_asym_id 
_pdbx_unobs_or_zero_occ_residues.label_comp_id 
_pdbx_unobs_or_zero_occ_residues.label_seq_id 
1  1 Y 1 A MSE 494 ? A MSE 1   
2  1 Y 1 A SER 495 ? A SER 2   
3  1 Y 1 A LEU 496 ? A LEU 3   
4  1 Y 1 A THR 497 ? A THR 4   
5  1 Y 1 A ASN 498 ? A ASN 5   
6  1 Y 1 A GLY 499 ? A GLY 6   
7  1 Y 1 A GLU 500 ? A GLU 7   
8  1 Y 1 A GLU 501 ? A GLU 8   
9  1 Y 1 A ASN 502 ? A ASN 9   
10 1 Y 1 A ASP 519 ? A ASP 26  
11 1 Y 1 A THR 520 ? A THR 27  
12 1 Y 1 A LYS 521 ? A LYS 28  
13 1 Y 1 A GLU 550 ? A GLU 57  
14 1 Y 1 A GLU 616 ? A GLU 123 
15 1 Y 1 A GLY 617 ? A GLY 124 
16 1 Y 1 A HIS 618 ? A HIS 125 
17 1 Y 1 A HIS 619 ? A HIS 126 
18 1 Y 1 A HIS 620 ? A HIS 127 
19 1 Y 1 A HIS 621 ? A HIS 128 
20 1 Y 1 A HIS 622 ? A HIS 129 
21 1 Y 1 A HIS 623 ? A HIS 130 
22 1 Y 1 B MSE 494 ? B MSE 1   
23 1 Y 1 B SER 495 ? B SER 2   
24 1 Y 1 B LEU 496 ? B LEU 3   
25 1 Y 1 B THR 497 ? B THR 4   
26 1 Y 1 B ASN 498 ? B ASN 5   
27 1 Y 1 B GLY 499 ? B GLY 6   
28 1 Y 1 B GLU 500 ? B GLU 7   
29 1 Y 1 B GLU 501 ? B GLU 8   
30 1 Y 1 B ASN 502 ? B ASN 9   
31 1 Y 1 B ASP 517 ? B ASP 24  
32 1 Y 1 B SER 518 ? B SER 25  
33 1 Y 1 B ASP 519 ? B ASP 26  
34 1 Y 1 B THR 520 ? B THR 27  
35 1 Y 1 B LYS 521 ? B LYS 28  
36 1 Y 1 B GLU 550 ? B GLU 57  
37 1 Y 1 B GLY 551 ? B GLY 58  
38 1 Y 1 B MSE 552 ? B MSE 59  
39 1 Y 1 B ASP 585 ? B ASP 92  
40 1 Y 1 B GLY 586 ? B GLY 93  
41 1 Y 1 B LYS 587 ? B LYS 94  
42 1 Y 1 B GLU 616 ? B GLU 123 
43 1 Y 1 B GLY 617 ? B GLY 124 
44 1 Y 1 B HIS 618 ? B HIS 125 
45 1 Y 1 B HIS 619 ? B HIS 126 
46 1 Y 1 B HIS 620 ? B HIS 127 
47 1 Y 1 B HIS 621 ? B HIS 128 
48 1 Y 1 B HIS 622 ? B HIS 129 
49 1 Y 1 B HIS 623 ? B HIS 130 
# 
loop_
_chem_comp_atom.comp_id 
_chem_comp_atom.atom_id 
_chem_comp_atom.type_symbol 
_chem_comp_atom.pdbx_aromatic_flag 
_chem_comp_atom.pdbx_stereo_config 
_chem_comp_atom.pdbx_ordinal 
ALA N    N  N N 1   
ALA CA   C  N S 2   
ALA C    C  N N 3   
ALA O    O  N N 4   
ALA CB   C  N N 5   
ALA OXT  O  N N 6   
ALA H    H  N N 7   
ALA H2   H  N N 8   
ALA HA   H  N N 9   
ALA HB1  H  N N 10  
ALA HB2  H  N N 11  
ALA HB3  H  N N 12  
ALA HXT  H  N N 13  
ARG N    N  N N 14  
ARG CA   C  N S 15  
ARG C    C  N N 16  
ARG O    O  N N 17  
ARG CB   C  N N 18  
ARG CG   C  N N 19  
ARG CD   C  N N 20  
ARG NE   N  N N 21  
ARG CZ   C  N N 22  
ARG NH1  N  N N 23  
ARG NH2  N  N N 24  
ARG OXT  O  N N 25  
ARG H    H  N N 26  
ARG H2   H  N N 27  
ARG HA   H  N N 28  
ARG HB2  H  N N 29  
ARG HB3  H  N N 30  
ARG HG2  H  N N 31  
ARG HG3  H  N N 32  
ARG HD2  H  N N 33  
ARG HD3  H  N N 34  
ARG HE   H  N N 35  
ARG HH11 H  N N 36  
ARG HH12 H  N N 37  
ARG HH21 H  N N 38  
ARG HH22 H  N N 39  
ARG HXT  H  N N 40  
ASN N    N  N N 41  
ASN CA   C  N S 42  
ASN C    C  N N 43  
ASN O    O  N N 44  
ASN CB   C  N N 45  
ASN CG   C  N N 46  
ASN OD1  O  N N 47  
ASN ND2  N  N N 48  
ASN OXT  O  N N 49  
ASN H    H  N N 50  
ASN H2   H  N N 51  
ASN HA   H  N N 52  
ASN HB2  H  N N 53  
ASN HB3  H  N N 54  
ASN HD21 H  N N 55  
ASN HD22 H  N N 56  
ASN HXT  H  N N 57  
ASP N    N  N N 58  
ASP CA   C  N S 59  
ASP C    C  N N 60  
ASP O    O  N N 61  
ASP CB   C  N N 62  
ASP CG   C  N N 63  
ASP OD1  O  N N 64  
ASP OD2  O  N N 65  
ASP OXT  O  N N 66  
ASP H    H  N N 67  
ASP H2   H  N N 68  
ASP HA   H  N N 69  
ASP HB2  H  N N 70  
ASP HB3  H  N N 71  
ASP HD2  H  N N 72  
ASP HXT  H  N N 73  
CYS N    N  N N 74  
CYS CA   C  N R 75  
CYS C    C  N N 76  
CYS O    O  N N 77  
CYS CB   C  N N 78  
CYS SG   S  N N 79  
CYS OXT  O  N N 80  
CYS H    H  N N 81  
CYS H2   H  N N 82  
CYS HA   H  N N 83  
CYS HB2  H  N N 84  
CYS HB3  H  N N 85  
CYS HG   H  N N 86  
CYS HXT  H  N N 87  
GLN N    N  N N 88  
GLN CA   C  N S 89  
GLN C    C  N N 90  
GLN O    O  N N 91  
GLN CB   C  N N 92  
GLN CG   C  N N 93  
GLN CD   C  N N 94  
GLN OE1  O  N N 95  
GLN NE2  N  N N 96  
GLN OXT  O  N N 97  
GLN H    H  N N 98  
GLN H2   H  N N 99  
GLN HA   H  N N 100 
GLN HB2  H  N N 101 
GLN HB3  H  N N 102 
GLN HG2  H  N N 103 
GLN HG3  H  N N 104 
GLN HE21 H  N N 105 
GLN HE22 H  N N 106 
GLN HXT  H  N N 107 
GLU N    N  N N 108 
GLU CA   C  N S 109 
GLU C    C  N N 110 
GLU O    O  N N 111 
GLU CB   C  N N 112 
GLU CG   C  N N 113 
GLU CD   C  N N 114 
GLU OE1  O  N N 115 
GLU OE2  O  N N 116 
GLU OXT  O  N N 117 
GLU H    H  N N 118 
GLU H2   H  N N 119 
GLU HA   H  N N 120 
GLU HB2  H  N N 121 
GLU HB3  H  N N 122 
GLU HG2  H  N N 123 
GLU HG3  H  N N 124 
GLU HE2  H  N N 125 
GLU HXT  H  N N 126 
GLY N    N  N N 127 
GLY CA   C  N N 128 
GLY C    C  N N 129 
GLY O    O  N N 130 
GLY OXT  O  N N 131 
GLY H    H  N N 132 
GLY H2   H  N N 133 
GLY HA2  H  N N 134 
GLY HA3  H  N N 135 
GLY HXT  H  N N 136 
HIS N    N  N N 137 
HIS CA   C  N S 138 
HIS C    C  N N 139 
HIS O    O  N N 140 
HIS CB   C  N N 141 
HIS CG   C  Y N 142 
HIS ND1  N  Y N 143 
HIS CD2  C  Y N 144 
HIS CE1  C  Y N 145 
HIS NE2  N  Y N 146 
HIS OXT  O  N N 147 
HIS H    H  N N 148 
HIS H2   H  N N 149 
HIS HA   H  N N 150 
HIS HB2  H  N N 151 
HIS HB3  H  N N 152 
HIS HD1  H  N N 153 
HIS HD2  H  N N 154 
HIS HE1  H  N N 155 
HIS HE2  H  N N 156 
HIS HXT  H  N N 157 
HOH O    O  N N 158 
HOH H1   H  N N 159 
HOH H2   H  N N 160 
ILE N    N  N N 161 
ILE CA   C  N S 162 
ILE C    C  N N 163 
ILE O    O  N N 164 
ILE CB   C  N S 165 
ILE CG1  C  N N 166 
ILE CG2  C  N N 167 
ILE CD1  C  N N 168 
ILE OXT  O  N N 169 
ILE H    H  N N 170 
ILE H2   H  N N 171 
ILE HA   H  N N 172 
ILE HB   H  N N 173 
ILE HG12 H  N N 174 
ILE HG13 H  N N 175 
ILE HG21 H  N N 176 
ILE HG22 H  N N 177 
ILE HG23 H  N N 178 
ILE HD11 H  N N 179 
ILE HD12 H  N N 180 
ILE HD13 H  N N 181 
ILE HXT  H  N N 182 
LEU N    N  N N 183 
LEU CA   C  N S 184 
LEU C    C  N N 185 
LEU O    O  N N 186 
LEU CB   C  N N 187 
LEU CG   C  N N 188 
LEU CD1  C  N N 189 
LEU CD2  C  N N 190 
LEU OXT  O  N N 191 
LEU H    H  N N 192 
LEU H2   H  N N 193 
LEU HA   H  N N 194 
LEU HB2  H  N N 195 
LEU HB3  H  N N 196 
LEU HG   H  N N 197 
LEU HD11 H  N N 198 
LEU HD12 H  N N 199 
LEU HD13 H  N N 200 
LEU HD21 H  N N 201 
LEU HD22 H  N N 202 
LEU HD23 H  N N 203 
LEU HXT  H  N N 204 
LYS N    N  N N 205 
LYS CA   C  N S 206 
LYS C    C  N N 207 
LYS O    O  N N 208 
LYS CB   C  N N 209 
LYS CG   C  N N 210 
LYS CD   C  N N 211 
LYS CE   C  N N 212 
LYS NZ   N  N N 213 
LYS OXT  O  N N 214 
LYS H    H  N N 215 
LYS H2   H  N N 216 
LYS HA   H  N N 217 
LYS HB2  H  N N 218 
LYS HB3  H  N N 219 
LYS HG2  H  N N 220 
LYS HG3  H  N N 221 
LYS HD2  H  N N 222 
LYS HD3  H  N N 223 
LYS HE2  H  N N 224 
LYS HE3  H  N N 225 
LYS HZ1  H  N N 226 
LYS HZ2  H  N N 227 
LYS HZ3  H  N N 228 
LYS HXT  H  N N 229 
MSE N    N  N N 230 
MSE CA   C  N S 231 
MSE C    C  N N 232 
MSE O    O  N N 233 
MSE OXT  O  N N 234 
MSE CB   C  N N 235 
MSE CG   C  N N 236 
MSE SE   SE N N 237 
MSE CE   C  N N 238 
MSE H    H  N N 239 
MSE H2   H  N N 240 
MSE HA   H  N N 241 
MSE HXT  H  N N 242 
MSE HB2  H  N N 243 
MSE HB3  H  N N 244 
MSE HG2  H  N N 245 
MSE HG3  H  N N 246 
MSE HE1  H  N N 247 
MSE HE2  H  N N 248 
MSE HE3  H  N N 249 
PHE N    N  N N 250 
PHE CA   C  N S 251 
PHE C    C  N N 252 
PHE O    O  N N 253 
PHE CB   C  N N 254 
PHE CG   C  Y N 255 
PHE CD1  C  Y N 256 
PHE CD2  C  Y N 257 
PHE CE1  C  Y N 258 
PHE CE2  C  Y N 259 
PHE CZ   C  Y N 260 
PHE OXT  O  N N 261 
PHE H    H  N N 262 
PHE H2   H  N N 263 
PHE HA   H  N N 264 
PHE HB2  H  N N 265 
PHE HB3  H  N N 266 
PHE HD1  H  N N 267 
PHE HD2  H  N N 268 
PHE HE1  H  N N 269 
PHE HE2  H  N N 270 
PHE HZ   H  N N 271 
PHE HXT  H  N N 272 
PRO N    N  N N 273 
PRO CA   C  N S 274 
PRO C    C  N N 275 
PRO O    O  N N 276 
PRO CB   C  N N 277 
PRO CG   C  N N 278 
PRO CD   C  N N 279 
PRO OXT  O  N N 280 
PRO H    H  N N 281 
PRO HA   H  N N 282 
PRO HB2  H  N N 283 
PRO HB3  H  N N 284 
PRO HG2  H  N N 285 
PRO HG3  H  N N 286 
PRO HD2  H  N N 287 
PRO HD3  H  N N 288 
PRO HXT  H  N N 289 
SER N    N  N N 290 
SER CA   C  N S 291 
SER C    C  N N 292 
SER O    O  N N 293 
SER CB   C  N N 294 
SER OG   O  N N 295 
SER OXT  O  N N 296 
SER H    H  N N 297 
SER H2   H  N N 298 
SER HA   H  N N 299 
SER HB2  H  N N 300 
SER HB3  H  N N 301 
SER HG   H  N N 302 
SER HXT  H  N N 303 
THR N    N  N N 304 
THR CA   C  N S 305 
THR C    C  N N 306 
THR O    O  N N 307 
THR CB   C  N R 308 
THR OG1  O  N N 309 
THR CG2  C  N N 310 
THR OXT  O  N N 311 
THR H    H  N N 312 
THR H2   H  N N 313 
THR HA   H  N N 314 
THR HB   H  N N 315 
THR HG1  H  N N 316 
THR HG21 H  N N 317 
THR HG22 H  N N 318 
THR HG23 H  N N 319 
THR HXT  H  N N 320 
TRP N    N  N N 321 
TRP CA   C  N S 322 
TRP C    C  N N 323 
TRP O    O  N N 324 
TRP CB   C  N N 325 
TRP CG   C  Y N 326 
TRP CD1  C  Y N 327 
TRP CD2  C  Y N 328 
TRP NE1  N  Y N 329 
TRP CE2  C  Y N 330 
TRP CE3  C  Y N 331 
TRP CZ2  C  Y N 332 
TRP CZ3  C  Y N 333 
TRP CH2  C  Y N 334 
TRP OXT  O  N N 335 
TRP H    H  N N 336 
TRP H2   H  N N 337 
TRP HA   H  N N 338 
TRP HB2  H  N N 339 
TRP HB3  H  N N 340 
TRP HD1  H  N N 341 
TRP HE1  H  N N 342 
TRP HE3  H  N N 343 
TRP HZ2  H  N N 344 
TRP HZ3  H  N N 345 
TRP HH2  H  N N 346 
TRP HXT  H  N N 347 
TYR N    N  N N 348 
TYR CA   C  N S 349 
TYR C    C  N N 350 
TYR O    O  N N 351 
TYR CB   C  N N 352 
TYR CG   C  Y N 353 
TYR CD1  C  Y N 354 
TYR CD2  C  Y N 355 
TYR CE1  C  Y N 356 
TYR CE2  C  Y N 357 
TYR CZ   C  Y N 358 
TYR OH   O  N N 359 
TYR OXT  O  N N 360 
TYR H    H  N N 361 
TYR H2   H  N N 362 
TYR HA   H  N N 363 
TYR HB2  H  N N 364 
TYR HB3  H  N N 365 
TYR HD1  H  N N 366 
TYR HD2  H  N N 367 
TYR HE1  H  N N 368 
TYR HE2  H  N N 369 
TYR HH   H  N N 370 
TYR HXT  H  N N 371 
VAL N    N  N N 372 
VAL CA   C  N S 373 
VAL C    C  N N 374 
VAL O    O  N N 375 
VAL CB   C  N N 376 
VAL CG1  C  N N 377 
VAL CG2  C  N N 378 
VAL OXT  O  N N 379 
VAL H    H  N N 380 
VAL H2   H  N N 381 
VAL HA   H  N N 382 
VAL HB   H  N N 383 
VAL HG11 H  N N 384 
VAL HG12 H  N N 385 
VAL HG13 H  N N 386 
VAL HG21 H  N N 387 
VAL HG22 H  N N 388 
VAL HG23 H  N N 389 
VAL HXT  H  N N 390 
# 
loop_
_chem_comp_bond.comp_id 
_chem_comp_bond.atom_id_1 
_chem_comp_bond.atom_id_2 
_chem_comp_bond.value_order 
_chem_comp_bond.pdbx_aromatic_flag 
_chem_comp_bond.pdbx_stereo_config 
_chem_comp_bond.pdbx_ordinal 
ALA N   CA   sing N N 1   
ALA N   H    sing N N 2   
ALA N   H2   sing N N 3   
ALA CA  C    sing N N 4   
ALA CA  CB   sing N N 5   
ALA CA  HA   sing N N 6   
ALA C   O    doub N N 7   
ALA C   OXT  sing N N 8   
ALA CB  HB1  sing N N 9   
ALA CB  HB2  sing N N 10  
ALA CB  HB3  sing N N 11  
ALA OXT HXT  sing N N 12  
ARG N   CA   sing N N 13  
ARG N   H    sing N N 14  
ARG N   H2   sing N N 15  
ARG CA  C    sing N N 16  
ARG CA  CB   sing N N 17  
ARG CA  HA   sing N N 18  
ARG C   O    doub N N 19  
ARG C   OXT  sing N N 20  
ARG CB  CG   sing N N 21  
ARG CB  HB2  sing N N 22  
ARG CB  HB3  sing N N 23  
ARG CG  CD   sing N N 24  
ARG CG  HG2  sing N N 25  
ARG CG  HG3  sing N N 26  
ARG CD  NE   sing N N 27  
ARG CD  HD2  sing N N 28  
ARG CD  HD3  sing N N 29  
ARG NE  CZ   sing N N 30  
ARG NE  HE   sing N N 31  
ARG CZ  NH1  sing N N 32  
ARG CZ  NH2  doub N N 33  
ARG NH1 HH11 sing N N 34  
ARG NH1 HH12 sing N N 35  
ARG NH2 HH21 sing N N 36  
ARG NH2 HH22 sing N N 37  
ARG OXT HXT  sing N N 38  
ASN N   CA   sing N N 39  
ASN N   H    sing N N 40  
ASN N   H2   sing N N 41  
ASN CA  C    sing N N 42  
ASN CA  CB   sing N N 43  
ASN CA  HA   sing N N 44  
ASN C   O    doub N N 45  
ASN C   OXT  sing N N 46  
ASN CB  CG   sing N N 47  
ASN CB  HB2  sing N N 48  
ASN CB  HB3  sing N N 49  
ASN CG  OD1  doub N N 50  
ASN CG  ND2  sing N N 51  
ASN ND2 HD21 sing N N 52  
ASN ND2 HD22 sing N N 53  
ASN OXT HXT  sing N N 54  
ASP N   CA   sing N N 55  
ASP N   H    sing N N 56  
ASP N   H2   sing N N 57  
ASP CA  C    sing N N 58  
ASP CA  CB   sing N N 59  
ASP CA  HA   sing N N 60  
ASP C   O    doub N N 61  
ASP C   OXT  sing N N 62  
ASP CB  CG   sing N N 63  
ASP CB  HB2  sing N N 64  
ASP CB  HB3  sing N N 65  
ASP CG  OD1  doub N N 66  
ASP CG  OD2  sing N N 67  
ASP OD2 HD2  sing N N 68  
ASP OXT HXT  sing N N 69  
CYS N   CA   sing N N 70  
CYS N   H    sing N N 71  
CYS N   H2   sing N N 72  
CYS CA  C    sing N N 73  
CYS CA  CB   sing N N 74  
CYS CA  HA   sing N N 75  
CYS C   O    doub N N 76  
CYS C   OXT  sing N N 77  
CYS CB  SG   sing N N 78  
CYS CB  HB2  sing N N 79  
CYS CB  HB3  sing N N 80  
CYS SG  HG   sing N N 81  
CYS OXT HXT  sing N N 82  
GLN N   CA   sing N N 83  
GLN N   H    sing N N 84  
GLN N   H2   sing N N 85  
GLN CA  C    sing N N 86  
GLN CA  CB   sing N N 87  
GLN CA  HA   sing N N 88  
GLN C   O    doub N N 89  
GLN C   OXT  sing N N 90  
GLN CB  CG   sing N N 91  
GLN CB  HB2  sing N N 92  
GLN CB  HB3  sing N N 93  
GLN CG  CD   sing N N 94  
GLN CG  HG2  sing N N 95  
GLN CG  HG3  sing N N 96  
GLN CD  OE1  doub N N 97  
GLN CD  NE2  sing N N 98  
GLN NE2 HE21 sing N N 99  
GLN NE2 HE22 sing N N 100 
GLN OXT HXT  sing N N 101 
GLU N   CA   sing N N 102 
GLU N   H    sing N N 103 
GLU N   H2   sing N N 104 
GLU CA  C    sing N N 105 
GLU CA  CB   sing N N 106 
GLU CA  HA   sing N N 107 
GLU C   O    doub N N 108 
GLU C   OXT  sing N N 109 
GLU CB  CG   sing N N 110 
GLU CB  HB2  sing N N 111 
GLU CB  HB3  sing N N 112 
GLU CG  CD   sing N N 113 
GLU CG  HG2  sing N N 114 
GLU CG  HG3  sing N N 115 
GLU CD  OE1  doub N N 116 
GLU CD  OE2  sing N N 117 
GLU OE2 HE2  sing N N 118 
GLU OXT HXT  sing N N 119 
GLY N   CA   sing N N 120 
GLY N   H    sing N N 121 
GLY N   H2   sing N N 122 
GLY CA  C    sing N N 123 
GLY CA  HA2  sing N N 124 
GLY CA  HA3  sing N N 125 
GLY C   O    doub N N 126 
GLY C   OXT  sing N N 127 
GLY OXT HXT  sing N N 128 
HIS N   CA   sing N N 129 
HIS N   H    sing N N 130 
HIS N   H2   sing N N 131 
HIS CA  C    sing N N 132 
HIS CA  CB   sing N N 133 
HIS CA  HA   sing N N 134 
HIS C   O    doub N N 135 
HIS C   OXT  sing N N 136 
HIS CB  CG   sing N N 137 
HIS CB  HB2  sing N N 138 
HIS CB  HB3  sing N N 139 
HIS CG  ND1  sing Y N 140 
HIS CG  CD2  doub Y N 141 
HIS ND1 CE1  doub Y N 142 
HIS ND1 HD1  sing N N 143 
HIS CD2 NE2  sing Y N 144 
HIS CD2 HD2  sing N N 145 
HIS CE1 NE2  sing Y N 146 
HIS CE1 HE1  sing N N 147 
HIS NE2 HE2  sing N N 148 
HIS OXT HXT  sing N N 149 
HOH O   H1   sing N N 150 
HOH O   H2   sing N N 151 
ILE N   CA   sing N N 152 
ILE N   H    sing N N 153 
ILE N   H2   sing N N 154 
ILE CA  C    sing N N 155 
ILE CA  CB   sing N N 156 
ILE CA  HA   sing N N 157 
ILE C   O    doub N N 158 
ILE C   OXT  sing N N 159 
ILE CB  CG1  sing N N 160 
ILE CB  CG2  sing N N 161 
ILE CB  HB   sing N N 162 
ILE CG1 CD1  sing N N 163 
ILE CG1 HG12 sing N N 164 
ILE CG1 HG13 sing N N 165 
ILE CG2 HG21 sing N N 166 
ILE CG2 HG22 sing N N 167 
ILE CG2 HG23 sing N N 168 
ILE CD1 HD11 sing N N 169 
ILE CD1 HD12 sing N N 170 
ILE CD1 HD13 sing N N 171 
ILE OXT HXT  sing N N 172 
LEU N   CA   sing N N 173 
LEU N   H    sing N N 174 
LEU N   H2   sing N N 175 
LEU CA  C    sing N N 176 
LEU CA  CB   sing N N 177 
LEU CA  HA   sing N N 178 
LEU C   O    doub N N 179 
LEU C   OXT  sing N N 180 
LEU CB  CG   sing N N 181 
LEU CB  HB2  sing N N 182 
LEU CB  HB3  sing N N 183 
LEU CG  CD1  sing N N 184 
LEU CG  CD2  sing N N 185 
LEU CG  HG   sing N N 186 
LEU CD1 HD11 sing N N 187 
LEU CD1 HD12 sing N N 188 
LEU CD1 HD13 sing N N 189 
LEU CD2 HD21 sing N N 190 
LEU CD2 HD22 sing N N 191 
LEU CD2 HD23 sing N N 192 
LEU OXT HXT  sing N N 193 
LYS N   CA   sing N N 194 
LYS N   H    sing N N 195 
LYS N   H2   sing N N 196 
LYS CA  C    sing N N 197 
LYS CA  CB   sing N N 198 
LYS CA  HA   sing N N 199 
LYS C   O    doub N N 200 
LYS C   OXT  sing N N 201 
LYS CB  CG   sing N N 202 
LYS CB  HB2  sing N N 203 
LYS CB  HB3  sing N N 204 
LYS CG  CD   sing N N 205 
LYS CG  HG2  sing N N 206 
LYS CG  HG3  sing N N 207 
LYS CD  CE   sing N N 208 
LYS CD  HD2  sing N N 209 
LYS CD  HD3  sing N N 210 
LYS CE  NZ   sing N N 211 
LYS CE  HE2  sing N N 212 
LYS CE  HE3  sing N N 213 
LYS NZ  HZ1  sing N N 214 
LYS NZ  HZ2  sing N N 215 
LYS NZ  HZ3  sing N N 216 
LYS OXT HXT  sing N N 217 
MSE N   CA   sing N N 218 
MSE N   H    sing N N 219 
MSE N   H2   sing N N 220 
MSE CA  C    sing N N 221 
MSE CA  CB   sing N N 222 
MSE CA  HA   sing N N 223 
MSE C   O    doub N N 224 
MSE C   OXT  sing N N 225 
MSE OXT HXT  sing N N 226 
MSE CB  CG   sing N N 227 
MSE CB  HB2  sing N N 228 
MSE CB  HB3  sing N N 229 
MSE CG  SE   sing N N 230 
MSE CG  HG2  sing N N 231 
MSE CG  HG3  sing N N 232 
MSE SE  CE   sing N N 233 
MSE CE  HE1  sing N N 234 
MSE CE  HE2  sing N N 235 
MSE CE  HE3  sing N N 236 
PHE N   CA   sing N N 237 
PHE N   H    sing N N 238 
PHE N   H2   sing N N 239 
PHE CA  C    sing N N 240 
PHE CA  CB   sing N N 241 
PHE CA  HA   sing N N 242 
PHE C   O    doub N N 243 
PHE C   OXT  sing N N 244 
PHE CB  CG   sing N N 245 
PHE CB  HB2  sing N N 246 
PHE CB  HB3  sing N N 247 
PHE CG  CD1  doub Y N 248 
PHE CG  CD2  sing Y N 249 
PHE CD1 CE1  sing Y N 250 
PHE CD1 HD1  sing N N 251 
PHE CD2 CE2  doub Y N 252 
PHE CD2 HD2  sing N N 253 
PHE CE1 CZ   doub Y N 254 
PHE CE1 HE1  sing N N 255 
PHE CE2 CZ   sing Y N 256 
PHE CE2 HE2  sing N N 257 
PHE CZ  HZ   sing N N 258 
PHE OXT HXT  sing N N 259 
PRO N   CA   sing N N 260 
PRO N   CD   sing N N 261 
PRO N   H    sing N N 262 
PRO CA  C    sing N N 263 
PRO CA  CB   sing N N 264 
PRO CA  HA   sing N N 265 
PRO C   O    doub N N 266 
PRO C   OXT  sing N N 267 
PRO CB  CG   sing N N 268 
PRO CB  HB2  sing N N 269 
PRO CB  HB3  sing N N 270 
PRO CG  CD   sing N N 271 
PRO CG  HG2  sing N N 272 
PRO CG  HG3  sing N N 273 
PRO CD  HD2  sing N N 274 
PRO CD  HD3  sing N N 275 
PRO OXT HXT  sing N N 276 
SER N   CA   sing N N 277 
SER N   H    sing N N 278 
SER N   H2   sing N N 279 
SER CA  C    sing N N 280 
SER CA  CB   sing N N 281 
SER CA  HA   sing N N 282 
SER C   O    doub N N 283 
SER C   OXT  sing N N 284 
SER CB  OG   sing N N 285 
SER CB  HB2  sing N N 286 
SER CB  HB3  sing N N 287 
SER OG  HG   sing N N 288 
SER OXT HXT  sing N N 289 
THR N   CA   sing N N 290 
THR N   H    sing N N 291 
THR N   H2   sing N N 292 
THR CA  C    sing N N 293 
THR CA  CB   sing N N 294 
THR CA  HA   sing N N 295 
THR C   O    doub N N 296 
THR C   OXT  sing N N 297 
THR CB  OG1  sing N N 298 
THR CB  CG2  sing N N 299 
THR CB  HB   sing N N 300 
THR OG1 HG1  sing N N 301 
THR CG2 HG21 sing N N 302 
THR CG2 HG22 sing N N 303 
THR CG2 HG23 sing N N 304 
THR OXT HXT  sing N N 305 
TRP N   CA   sing N N 306 
TRP N   H    sing N N 307 
TRP N   H2   sing N N 308 
TRP CA  C    sing N N 309 
TRP CA  CB   sing N N 310 
TRP CA  HA   sing N N 311 
TRP C   O    doub N N 312 
TRP C   OXT  sing N N 313 
TRP CB  CG   sing N N 314 
TRP CB  HB2  sing N N 315 
TRP CB  HB3  sing N N 316 
TRP CG  CD1  doub Y N 317 
TRP CG  CD2  sing Y N 318 
TRP CD1 NE1  sing Y N 319 
TRP CD1 HD1  sing N N 320 
TRP CD2 CE2  doub Y N 321 
TRP CD2 CE3  sing Y N 322 
TRP NE1 CE2  sing Y N 323 
TRP NE1 HE1  sing N N 324 
TRP CE2 CZ2  sing Y N 325 
TRP CE3 CZ3  doub Y N 326 
TRP CE3 HE3  sing N N 327 
TRP CZ2 CH2  doub Y N 328 
TRP CZ2 HZ2  sing N N 329 
TRP CZ3 CH2  sing Y N 330 
TRP CZ3 HZ3  sing N N 331 
TRP CH2 HH2  sing N N 332 
TRP OXT HXT  sing N N 333 
TYR N   CA   sing N N 334 
TYR N   H    sing N N 335 
TYR N   H2   sing N N 336 
TYR CA  C    sing N N 337 
TYR CA  CB   sing N N 338 
TYR CA  HA   sing N N 339 
TYR C   O    doub N N 340 
TYR C   OXT  sing N N 341 
TYR CB  CG   sing N N 342 
TYR CB  HB2  sing N N 343 
TYR CB  HB3  sing N N 344 
TYR CG  CD1  doub Y N 345 
TYR CG  CD2  sing Y N 346 
TYR CD1 CE1  sing Y N 347 
TYR CD1 HD1  sing N N 348 
TYR CD2 CE2  doub Y N 349 
TYR CD2 HD2  sing N N 350 
TYR CE1 CZ   doub Y N 351 
TYR CE1 HE1  sing N N 352 
TYR CE2 CZ   sing Y N 353 
TYR CE2 HE2  sing N N 354 
TYR CZ  OH   sing N N 355 
TYR OH  HH   sing N N 356 
TYR OXT HXT  sing N N 357 
VAL N   CA   sing N N 358 
VAL N   H    sing N N 359 
VAL N   H2   sing N N 360 
VAL CA  C    sing N N 361 
VAL CA  CB   sing N N 362 
VAL CA  HA   sing N N 363 
VAL C   O    doub N N 364 
VAL C   OXT  sing N N 365 
VAL CB  CG1  sing N N 366 
VAL CB  CG2  sing N N 367 
VAL CB  HB   sing N N 368 
VAL CG1 HG11 sing N N 369 
VAL CG1 HG12 sing N N 370 
VAL CG1 HG13 sing N N 371 
VAL CG2 HG21 sing N N 372 
VAL CG2 HG22 sing N N 373 
VAL CG2 HG23 sing N N 374 
VAL OXT HXT  sing N N 375 
# 
_atom_sites.entry_id                    3N7C 
_atom_sites.fract_transf_matrix[1][1]   0.00975714 
_atom_sites.fract_transf_matrix[1][2]   0.01380922 
_atom_sites.fract_transf_matrix[1][3]   0.00401663 
_atom_sites.fract_transf_matrix[2][1]   0.00044688 
_atom_sites.fract_transf_matrix[2][2]   0.00417136 
_atom_sites.fract_transf_matrix[2][3]   -0.01542674 
_atom_sites.fract_transf_matrix[3][1]   -0.01084676 
_atom_sites.fract_transf_matrix[3][2]   0.00718988 
_atom_sites.fract_transf_matrix[3][3]   0.00162992 
_atom_sites.fract_transf_vector[1]      0.151939 
_atom_sites.fract_transf_vector[2]      -0.137677 
_atom_sites.fract_transf_vector[3]      -0.132744 
# 
loop_
_atom_type.symbol 
C  
N  
O  
S  
SE 
# 
loop_
_atom_site.group_PDB 
_atom_site.id 
_atom_site.type_symbol 
_atom_site.label_atom_id 
_atom_site.label_alt_id 
_atom_site.label_comp_id 
_atom_site.label_asym_id 
_atom_site.label_entity_id 
_atom_site.label_seq_id 
_atom_site.pdbx_PDB_ins_code 
_atom_site.Cartn_x 
_atom_site.Cartn_y 
_atom_site.Cartn_z 
_atom_site.occupancy 
_atom_site.B_iso_or_equiv 
_atom_site.pdbx_formal_charge 
_atom_site.auth_seq_id 
_atom_site.auth_comp_id 
_atom_site.auth_asym_id 
_atom_site.auth_atom_id 
_atom_site.pdbx_PDB_model_num 
ATOM   1    N  N   . GLU A 1 10  ? 17.744  -15.833 -8.556  1.00 47.74 ? 503 GLU A N   1 
ATOM   2    C  CA  . GLU A 1 10  ? 17.456  -14.528 -7.843  1.00 48.77 ? 503 GLU A CA  1 
ATOM   3    C  C   . GLU A 1 10  ? 18.588  -13.491 -7.720  1.00 47.97 ? 503 GLU A C   1 
ATOM   4    O  O   . GLU A 1 10  ? 19.689  -13.804 -7.344  1.00 47.86 ? 503 GLU A O   1 
ATOM   5    C  CB  . GLU A 1 10  ? 16.872  -14.786 -6.442  1.00 48.98 ? 503 GLU A CB  1 
ATOM   6    C  CG  . GLU A 1 10  ? 15.397  -15.191 -6.488  1.00 51.22 ? 503 GLU A CG  1 
ATOM   7    C  CD  . GLU A 1 10  ? 14.796  -15.440 -5.086  1.00 57.47 ? 503 GLU A CD  1 
ATOM   8    O  OE1 . GLU A 1 10  ? 15.462  -16.111 -4.235  1.00 57.43 ? 503 GLU A OE1 1 
ATOM   9    O  OE2 . GLU A 1 10  ? 13.643  -14.969 -4.859  1.00 57.74 ? 503 GLU A OE2 1 
ATOM   10   N  N   . GLU A 1 11  ? 18.277  -12.223 -7.991  1.00 48.01 ? 504 GLU A N   1 
ATOM   11   C  CA  . GLU A 1 11  ? 19.244  -11.117 -7.803  1.00 47.47 ? 504 GLU A CA  1 
ATOM   12   C  C   . GLU A 1 11  ? 18.956  -10.326 -6.529  1.00 46.39 ? 504 GLU A C   1 
ATOM   13   O  O   . GLU A 1 11  ? 17.797  -10.175 -6.127  1.00 46.35 ? 504 GLU A O   1 
ATOM   14   C  CB  . GLU A 1 11  ? 19.287  -10.187 -9.030  1.00 48.81 ? 504 GLU A CB  1 
ATOM   15   C  CG  . GLU A 1 11  ? 17.947  -9.512  -9.448  1.00 53.10 ? 504 GLU A CG  1 
ATOM   16   C  CD  . GLU A 1 11  ? 17.737  -9.325  -10.988 1.00 58.39 ? 504 GLU A CD  1 
ATOM   17   O  OE1 . GLU A 1 11  ? 18.365  -10.045 -11.826 1.00 66.07 ? 504 GLU A OE1 1 
ATOM   18   O  OE2 . GLU A 1 11  ? 16.914  -8.465  -11.364 1.00 56.18 ? 504 GLU A OE2 1 
ATOM   19   N  N   . VAL A 1 12  ? 20.016  -9.859  -5.883  1.00 44.94 ? 505 VAL A N   1 
ATOM   20   C  CA  . VAL A 1 12  ? 19.916  -9.069  -4.691  1.00 44.71 ? 505 VAL A CA  1 
ATOM   21   C  C   . VAL A 1 12  ? 19.865  -7.590  -5.055  1.00 45.12 ? 505 VAL A C   1 
ATOM   22   O  O   . VAL A 1 12  ? 20.859  -7.028  -5.507  1.00 46.46 ? 505 VAL A O   1 
ATOM   23   C  CB  . VAL A 1 12  ? 21.089  -9.314  -3.729  1.00 44.64 ? 505 VAL A CB  1 
ATOM   24   C  CG1 . VAL A 1 12  ? 20.858  -8.527  -2.482  1.00 43.25 ? 505 VAL A CG1 1 
ATOM   25   C  CG2 . VAL A 1 12  ? 21.254  -10.841 -3.424  1.00 42.72 ? 505 VAL A CG2 1 
ATOM   26   N  N   . LEU A 1 13  ? 18.702  -6.974  -4.832  1.00 44.24 ? 506 LEU A N   1 
ATOM   27   C  CA  . LEU A 1 13  ? 18.472  -5.572  -5.052  1.00 43.43 ? 506 LEU A CA  1 
ATOM   28   C  C   . LEU A 1 13  ? 18.832  -4.736  -3.856  1.00 43.01 ? 506 LEU A C   1 
ATOM   29   O  O   . LEU A 1 13  ? 18.974  -3.543  -3.963  1.00 44.36 ? 506 LEU A O   1 
ATOM   30   C  CB  . LEU A 1 13  ? 16.990  -5.330  -5.383  1.00 43.60 ? 506 LEU A CB  1 
ATOM   31   C  CG  . LEU A 1 13  ? 16.413  -6.212  -6.471  1.00 42.85 ? 506 LEU A CG  1 
ATOM   32   C  CD1 . LEU A 1 13  ? 14.980  -6.009  -6.688  1.00 43.54 ? 506 LEU A CD1 1 
ATOM   33   C  CD2 . LEU A 1 13  ? 17.143  -5.947  -7.733  1.00 48.02 ? 506 LEU A CD2 1 
ATOM   34   N  N   . PHE A 1 14  ? 18.922  -5.321  -2.687  1.00 42.73 ? 507 PHE A N   1 
ATOM   35   C  CA  . PHE A 1 14  ? 19.183  -4.525  -1.505  1.00 41.86 ? 507 PHE A CA  1 
ATOM   36   C  C   . PHE A 1 14  ? 19.644  -5.503  -0.490  1.00 42.01 ? 507 PHE A C   1 
ATOM   37   O  O   . PHE A 1 14  ? 19.193  -6.628  -0.545  1.00 42.07 ? 507 PHE A O   1 
ATOM   38   C  CB  . PHE A 1 14  ? 17.882  -3.851  -1.016  1.00 42.01 ? 507 PHE A CB  1 
ATOM   39   C  CG  . PHE A 1 14  ? 18.036  -3.181  0.275   1.00 40.60 ? 507 PHE A CG  1 
ATOM   40   C  CD1 . PHE A 1 14  ? 17.903  -3.890  1.447   1.00 43.44 ? 507 PHE A CD1 1 
ATOM   41   C  CD2 . PHE A 1 14  ? 18.390  -1.854  0.328   1.00 43.05 ? 507 PHE A CD2 1 
ATOM   42   C  CE1 . PHE A 1 14  ? 18.079  -3.279  2.668   1.00 45.08 ? 507 PHE A CE1 1 
ATOM   43   C  CE2 . PHE A 1 14  ? 18.571  -1.217  1.534   1.00 46.05 ? 507 PHE A CE2 1 
ATOM   44   C  CZ  . PHE A 1 14  ? 18.418  -1.934  2.720   1.00 46.02 ? 507 PHE A CZ  1 
ATOM   45   N  N   . CYS A 1 15  ? 20.514  -5.087  0.428   1.00 42.88 ? 508 CYS A N   1 
ATOM   46   C  CA  . CYS A 1 15  ? 20.993  -5.915  1.527   1.00 46.10 ? 508 CYS A CA  1 
ATOM   47   C  C   . CYS A 1 15  ? 21.559  -5.113  2.742   1.00 47.26 ? 508 CYS A C   1 
ATOM   48   O  O   . CYS A 1 15  ? 22.505  -4.342  2.584   1.00 47.69 ? 508 CYS A O   1 
ATOM   49   C  CB  . CYS A 1 15  ? 22.075  -6.876  1.027   1.00 46.47 ? 508 CYS A CB  1 
ATOM   50   S  SG  . CYS A 1 15  ? 22.583  -8.004  2.305   1.00 54.86 ? 508 CYS A SG  1 
ATOM   51   N  N   . GLU A 1 16  ? 20.993  -5.309  3.943   1.00 48.39 ? 509 GLU A N   1 
ATOM   52   C  CA  . GLU A 1 16  ? 21.450  -4.620  5.169   1.00 48.90 ? 509 GLU A CA  1 
ATOM   53   C  C   . GLU A 1 16  ? 21.085  -5.410  6.395   1.00 47.97 ? 509 GLU A C   1 
ATOM   54   O  O   . GLU A 1 16  ? 20.104  -6.136  6.392   1.00 49.29 ? 509 GLU A O   1 
ATOM   55   C  CB  . GLU A 1 16  ? 20.762  -3.263  5.385   1.00 50.07 ? 509 GLU A CB  1 
ATOM   56   C  CG  . GLU A 1 16  ? 21.272  -2.093  4.611   1.00 54.14 ? 509 GLU A CG  1 
ATOM   57   C  CD  . GLU A 1 16  ? 22.634  -1.618  5.068   1.00 58.92 ? 509 GLU A CD  1 
ATOM   58   O  OE1 . GLU A 1 16  ? 23.530  -2.459  5.322   1.00 59.99 ? 509 GLU A OE1 1 
ATOM   59   O  OE2 . GLU A 1 16  ? 22.807  -0.381  5.146   1.00 63.27 ? 509 GLU A OE2 1 
ATOM   60   N  N   . LYS A 1 17  ? 21.837  -5.194  7.468   1.00 47.11 ? 510 LYS A N   1 
ATOM   61   C  CA  . LYS A 1 17  ? 21.469  -5.674  8.779   1.00 46.32 ? 510 LYS A CA  1 
ATOM   62   C  C   . LYS A 1 17  ? 20.193  -4.891  9.153   1.00 45.07 ? 510 LYS A C   1 
ATOM   63   O  O   . LYS A 1 17  ? 20.075  -3.698  8.920   1.00 43.99 ? 510 LYS A O   1 
ATOM   64   C  CB  . LYS A 1 17  ? 22.641  -5.474  9.792   1.00 46.18 ? 510 LYS A CB  1 
ATOM   65   N  N   . ALA A 1 18  ? 19.204  -5.587  9.664   1.00 44.64 ? 511 ALA A N   1 
ATOM   66   C  CA  . ALA A 1 18  ? 17.980  -4.932  10.095  1.00 44.92 ? 511 ALA A CA  1 
ATOM   67   C  C   . ALA A 1 18  ? 17.439  -5.645  11.313  1.00 45.14 ? 511 ALA A C   1 
ATOM   68   O  O   . ALA A 1 18  ? 17.767  -6.805  11.542  1.00 45.53 ? 511 ALA A O   1 
ATOM   69   C  CB  . ALA A 1 18  ? 16.942  -4.886  8.974   1.00 43.24 ? 511 ALA A CB  1 
ATOM   70   N  N   . LYS A 1 19  ? 16.648  -4.907  12.098  1.00 45.26 ? 512 LYS A N   1 
ATOM   71   C  CA  . LYS A 1 19  ? 15.852  -5.438  13.182  1.00 45.86 ? 512 LYS A CA  1 
ATOM   72   C  C   . LYS A 1 19  ? 14.337  -5.417  12.758  1.00 45.45 ? 512 LYS A C   1 
ATOM   73   O  O   . LYS A 1 19  ? 13.840  -4.473  12.144  1.00 43.89 ? 512 LYS A O   1 
ATOM   74   C  CB  . LYS A 1 19  ? 16.152  -4.597  14.433  1.00 46.76 ? 512 LYS A CB  1 
ATOM   75   C  CG  . LYS A 1 19  ? 15.468  -5.025  15.714  1.00 49.12 ? 512 LYS A CG  1 
ATOM   76   C  CD  . LYS A 1 19  ? 16.049  -4.283  16.919  1.00 51.61 ? 512 LYS A CD  1 
ATOM   77   C  CE  . LYS A 1 19  ? 17.302  -4.997  17.423  1.00 54.15 ? 512 LYS A CE  1 
ATOM   78   N  NZ  . LYS A 1 19  ? 18.124  -4.198  18.375  1.00 56.82 ? 512 LYS A NZ  1 
ATOM   79   N  N   . LEU A 1 20  ? 13.636  -6.508  13.040  1.00 45.28 ? 513 LEU A N   1 
ATOM   80   C  CA  . LEU A 1 20  ? 12.252  -6.672  12.658  1.00 44.62 ? 513 LEU A CA  1 
ATOM   81   C  C   . LEU A 1 20  ? 11.444  -6.479  13.905  1.00 45.00 ? 513 LEU A C   1 
ATOM   82   O  O   . LEU A 1 20  ? 11.675  -7.151  14.878  1.00 44.66 ? 513 LEU A O   1 
ATOM   83   C  CB  . LEU A 1 20  ? 12.036  -8.074  12.117  1.00 44.20 ? 513 LEU A CB  1 
ATOM   84   C  CG  . LEU A 1 20  ? 10.622  -8.532  11.780  1.00 41.70 ? 513 LEU A CG  1 
ATOM   85   C  CD1 . LEU A 1 20  ? 10.006  -7.635  10.714  1.00 40.60 ? 513 LEU A CD1 1 
ATOM   86   C  CD2 . LEU A 1 20  ? 10.681  -9.987  11.328  1.00 38.07 ? 513 LEU A CD2 1 
ATOM   87   N  N   . LEU A 1 21  ? 10.523  -5.541  13.895  1.00 46.04 ? 514 LEU A N   1 
ATOM   88   C  CA  . LEU A 1 21  ? 9.682   -5.336  15.062  1.00 47.96 ? 514 LEU A CA  1 
ATOM   89   C  C   . LEU A 1 21  ? 8.245   -5.649  14.690  1.00 48.48 ? 514 LEU A C   1 
ATOM   90   O  O   . LEU A 1 21  ? 7.840   -5.298  13.624  1.00 46.93 ? 514 LEU A O   1 
ATOM   91   C  CB  . LEU A 1 21  ? 9.835   -3.906  15.544  1.00 48.22 ? 514 LEU A CB  1 
ATOM   92   C  CG  . LEU A 1 21  ? 11.267  -3.678  16.030  1.00 49.51 ? 514 LEU A CG  1 
ATOM   93   C  CD1 . LEU A 1 21  ? 11.782  -2.301  15.658  1.00 50.72 ? 514 LEU A CD1 1 
ATOM   94   C  CD2 . LEU A 1 21  ? 11.276  -3.904  17.555  1.00 53.35 ? 514 LEU A CD2 1 
ATOM   95   N  N   . ILE A 1 22  ? 7.524   -6.363  15.558  1.00 50.56 ? 515 ILE A N   1 
ATOM   96   C  CA  . ILE A 1 22  ? 6.121   -6.746  15.339  1.00 52.25 ? 515 ILE A CA  1 
ATOM   97   C  C   . ILE A 1 22  ? 5.305   -6.317  16.565  1.00 54.29 ? 515 ILE A C   1 
ATOM   98   O  O   . ILE A 1 22  ? 5.794   -6.389  17.688  1.00 54.05 ? 515 ILE A O   1 
ATOM   99   C  CB  . ILE A 1 22  ? 5.968   -8.279  15.122  1.00 52.03 ? 515 ILE A CB  1 
ATOM   100  C  CG1 . ILE A 1 22  ? 6.755   -8.723  13.880  1.00 52.67 ? 515 ILE A CG1 1 
ATOM   101  C  CG2 . ILE A 1 22  ? 4.487   -8.686  15.009  1.00 50.62 ? 515 ILE A CG2 1 
ATOM   102  C  CD1 . ILE A 1 22  ? 6.728   -10.232 13.599  1.00 52.93 ? 515 ILE A CD1 1 
ATOM   103  N  N   . PHE A 1 23  ? 4.078   -5.861  16.346  1.00 57.00 ? 516 PHE A N   1 
ATOM   104  C  CA  . PHE A 1 23  ? 3.181   -5.457  17.443  1.00 59.53 ? 516 PHE A CA  1 
ATOM   105  C  C   . PHE A 1 23  ? 2.765   -6.628  18.362  1.00 61.28 ? 516 PHE A C   1 
ATOM   106  O  O   . PHE A 1 23  ? 2.327   -7.682  17.878  1.00 61.11 ? 516 PHE A O   1 
ATOM   107  C  CB  . PHE A 1 23  ? 1.923   -4.774  16.889  1.00 59.78 ? 516 PHE A CB  1 
ATOM   108  C  CG  . PHE A 1 23  ? 1.026   -4.179  17.966  1.00 62.16 ? 516 PHE A CG  1 
ATOM   109  C  CD1 . PHE A 1 23  ? 1.312   -2.931  18.519  1.00 63.59 ? 516 PHE A CD1 1 
ATOM   110  C  CD2 . PHE A 1 23  ? -0.104  -4.870  18.424  1.00 62.95 ? 516 PHE A CD2 1 
ATOM   111  C  CE1 . PHE A 1 23  ? 0.496   -2.377  19.525  1.00 64.71 ? 516 PHE A CE1 1 
ATOM   112  C  CE2 . PHE A 1 23  ? -0.935  -4.313  19.416  1.00 63.97 ? 516 PHE A CE2 1 
ATOM   113  C  CZ  . PHE A 1 23  ? -0.629  -3.066  19.967  1.00 64.40 ? 516 PHE A CZ  1 
ATOM   114  N  N   . ASP A 1 24  ? 2.922   -6.449  19.684  1.00 63.15 ? 517 ASP A N   1 
ATOM   115  C  CA  A ASP A 1 24  ? 2.451   -7.406  20.707  0.50 63.88 ? 517 ASP A CA  1 
ATOM   116  C  CA  B ASP A 1 24  ? 2.325   -7.410  20.615  0.50 63.85 ? 517 ASP A CA  1 
ATOM   117  C  C   . ASP A 1 24  ? 1.439   -6.725  21.641  1.00 64.61 ? 517 ASP A C   1 
ATOM   118  O  O   . ASP A 1 24  ? 1.759   -5.657  22.203  1.00 64.51 ? 517 ASP A O   1 
ATOM   119  C  CB  A ASP A 1 24  ? 3.655   -7.921  21.523  0.50 63.74 ? 517 ASP A CB  1 
ATOM   120  C  CB  B ASP A 1 24  ? 3.344   -8.339  21.287  0.50 63.66 ? 517 ASP A CB  1 
ATOM   121  C  CG  A ASP A 1 24  ? 3.250   -8.538  22.861  0.50 63.51 ? 517 ASP A CG  1 
ATOM   122  C  CG  B ASP A 1 24  ? 2.752   -9.724  21.564  0.50 63.43 ? 517 ASP A CG  1 
ATOM   123  O  OD1 A ASP A 1 24  ? 2.289   -9.334  22.896  0.50 64.06 ? 517 ASP A OD1 1 
ATOM   124  O  OD1 B ASP A 1 24  ? 1.918   -10.183 20.744  0.50 60.26 ? 517 ASP A OD1 1 
ATOM   125  O  OD2 A ASP A 1 24  ? 3.902   -8.231  23.878  0.50 63.28 ? 517 ASP A OD2 1 
ATOM   126  O  OD2 B ASP A 1 24  ? 3.108   -10.345 22.592  0.50 62.66 ? 517 ASP A OD2 1 
ATOM   127  N  N   . SER A 1 25  ? 0.276   -7.352  21.831  1.00 66.24 ? 518 SER A N   1 
ATOM   128  C  CA  . SER A 1 25  ? -0.749  -6.902  22.773  1.00 67.70 ? 518 SER A CA  1 
ATOM   129  C  C   . SER A 1 25  ? -0.454  -7.433  24.175  1.00 67.96 ? 518 SER A C   1 
ATOM   130  O  O   . SER A 1 25  ? 0.380   -6.892  24.887  1.00 68.94 ? 518 SER A O   1 
ATOM   131  C  CB  . SER A 1 25  ? -2.099  -7.453  22.340  1.00 68.15 ? 518 SER A CB  1 
ATOM   132  O  OG  . SER A 1 25  ? -2.077  -8.859  22.485  1.00 69.12 ? 518 SER A OG  1 
ATOM   133  N  N   . GLY A 1 29  ? 2.898   -2.517  22.920  1.00 60.38 ? 522 GLY A N   1 
ATOM   134  C  CA  . GLY A 1 29  ? 3.775   -1.867  21.929  1.00 60.44 ? 522 GLY A CA  1 
ATOM   135  C  C   . GLY A 1 29  ? 4.467   -2.787  20.919  1.00 60.14 ? 522 GLY A C   1 
ATOM   136  O  O   . GLY A 1 29  ? 4.017   -3.919  20.698  1.00 60.16 ? 522 GLY A O   1 
ATOM   137  N  N   . TYR A 1 30  ? 5.562   -2.294  20.316  1.00 59.36 ? 523 TYR A N   1 
ATOM   138  C  CA  . TYR A 1 30  ? 6.322   -3.018  19.270  1.00 59.16 ? 523 TYR A CA  1 
ATOM   139  C  C   . TYR A 1 30  ? 7.555   -3.654  19.892  1.00 58.88 ? 523 TYR A C   1 
ATOM   140  O  O   . TYR A 1 30  ? 8.298   -2.995  20.631  1.00 58.94 ? 523 TYR A O   1 
ATOM   141  C  CB  . TYR A 1 30  ? 6.745   -2.093  18.085  1.00 58.94 ? 523 TYR A CB  1 
ATOM   142  C  CG  . TYR A 1 30  ? 5.730   -2.029  16.955  1.00 59.03 ? 523 TYR A CG  1 
ATOM   143  C  CD1 . TYR A 1 30  ? 5.643   -3.057  16.025  1.00 59.64 ? 523 TYR A CD1 1 
ATOM   144  C  CD2 . TYR A 1 30  ? 4.857   -0.948  16.821  1.00 58.94 ? 523 TYR A CD2 1 
ATOM   145  C  CE1 . TYR A 1 30  ? 4.718   -3.028  15.000  1.00 58.86 ? 523 TYR A CE1 1 
ATOM   146  C  CE2 . TYR A 1 30  ? 3.923   -0.909  15.807  1.00 59.49 ? 523 TYR A CE2 1 
ATOM   147  C  CZ  . TYR A 1 30  ? 3.860   -1.959  14.891  1.00 59.89 ? 523 TYR A CZ  1 
ATOM   148  O  OH  . TYR A 1 30  ? 2.933   -1.955  13.877  1.00 58.92 ? 523 TYR A OH  1 
ATOM   149  N  N   . THR A 1 31  ? 7.767   -4.932  19.610  1.00 58.83 ? 524 THR A N   1 
ATOM   150  C  CA  . THR A 1 31  ? 8.889   -5.657  20.189  1.00 59.36 ? 524 THR A CA  1 
ATOM   151  C  C   . THR A 1 31  ? 9.680   -6.425  19.139  1.00 59.21 ? 524 THR A C   1 
ATOM   152  O  O   . THR A 1 31  ? 9.114   -6.934  18.159  1.00 58.47 ? 524 THR A O   1 
ATOM   153  C  CB  . THR A 1 31  ? 8.436   -6.607  21.304  1.00 59.59 ? 524 THR A CB  1 
ATOM   154  O  OG1 . THR A 1 31  ? 7.332   -7.394  20.846  1.00 60.68 ? 524 THR A OG1 1 
ATOM   155  C  CG2 . THR A 1 31  ? 8.007   -5.797  22.523  1.00 61.04 ? 524 THR A CG2 1 
ATOM   156  N  N   . SER A 1 32  ? 10.993  -6.482  19.389  1.00 58.75 ? 525 SER A N   1 
ATOM   157  C  CA  . SER A 1 32  ? 11.978  -6.979  18.457  1.00 59.12 ? 525 SER A CA  1 
ATOM   158  C  C   . SER A 1 32  ? 11.812  -8.472  18.326  1.00 59.04 ? 525 SER A C   1 
ATOM   159  O  O   . SER A 1 32  ? 11.429  -9.123  19.281  1.00 59.30 ? 525 SER A O   1 
ATOM   160  C  CB  . SER A 1 32  ? 13.385  -6.628  18.945  1.00 58.63 ? 525 SER A CB  1 
ATOM   161  O  OG  . SER A 1 32  ? 14.359  -7.080  18.030  1.00 58.89 ? 525 SER A OG  1 
ATOM   162  N  N   . ARG A 1 33  ? 12.029  -9.017  17.134  1.00 59.27 ? 526 ARG A N   1 
ATOM   163  C  CA  . ARG A 1 33  ? 11.833  -10.474 16.927  1.00 59.14 ? 526 ARG A CA  1 
ATOM   164  C  C   . ARG A 1 33  ? 13.106  -11.131 16.432  1.00 58.75 ? 526 ARG A C   1 
ATOM   165  O  O   . ARG A 1 33  ? 13.163  -12.352 16.250  1.00 60.13 ? 526 ARG A O   1 
ATOM   166  C  CB  . ARG A 1 33  ? 10.660  -10.735 15.987  1.00 58.89 ? 526 ARG A CB  1 
ATOM   167  C  CG  . ARG A 1 33  ? 9.325   -10.116 16.454  1.00 60.11 ? 526 ARG A CG  1 
ATOM   168  C  CD  . ARG A 1 33  ? 8.963   -10.471 17.931  1.00 62.57 ? 526 ARG A CD  1 
ATOM   169  N  NE  . ARG A 1 33  ? 7.598   -10.093 18.341  1.00 62.55 ? 526 ARG A NE  1 
ATOM   170  C  CZ  . ARG A 1 33  ? 6.527   -10.877 18.232  1.00 65.04 ? 526 ARG A CZ  1 
ATOM   171  N  NH1 . ARG A 1 33  ? 6.633   -12.097 17.708  1.00 67.92 ? 526 ARG A NH1 1 
ATOM   172  N  NH2 . ARG A 1 33  ? 5.340   -10.454 18.649  1.00 65.74 ? 526 ARG A NH2 1 
ATOM   173  N  N   . GLY A 1 34  ? 14.141  -10.321 16.252  1.00 57.74 ? 527 GLY A N   1 
ATOM   174  C  CA  . GLY A 1 34  ? 15.432  -10.821 15.826  1.00 57.19 ? 527 GLY A CA  1 
ATOM   175  C  C   . GLY A 1 34  ? 16.132  -9.788  14.982  1.00 56.60 ? 527 GLY A C   1 
ATOM   176  O  O   . GLY A 1 34  ? 15.513  -8.824  14.518  1.00 56.43 ? 527 GLY A O   1 
ATOM   177  N  N   . VAL A 1 35  ? 17.430  -9.991  14.807  1.00 56.08 ? 528 VAL A N   1 
ATOM   178  C  CA  . VAL A 1 35  ? 18.264  -9.156  13.961  1.00 54.70 ? 528 VAL A CA  1 
ATOM   179  C  C   . VAL A 1 35  ? 18.807  -10.061 12.894  1.00 53.78 ? 528 VAL A C   1 
ATOM   180  O  O   . VAL A 1 35  ? 19.150  -11.209 13.168  1.00 54.10 ? 528 VAL A O   1 
ATOM   181  C  CB  . VAL A 1 35  ? 19.407  -8.543  14.760  1.00 55.13 ? 528 VAL A CB  1 
ATOM   182  C  CG1 . VAL A 1 35  ? 20.296  -7.677  13.864  1.00 53.89 ? 528 VAL A CG1 1 
ATOM   183  C  CG2 . VAL A 1 35  ? 18.822  -7.735  15.952  1.00 54.08 ? 528 VAL A CG2 1 
ATOM   184  N  N   . GLY A 1 36  ? 18.857  -9.560  11.672  1.00 52.69 ? 529 GLY A N   1 
ATOM   185  C  CA  . GLY A 1 36  ? 19.249  -10.384 10.532  1.00 51.98 ? 529 GLY A CA  1 
ATOM   186  C  C   . GLY A 1 36  ? 19.682  -9.561  9.340   1.00 50.67 ? 529 GLY A C   1 
ATOM   187  O  O   . GLY A 1 36  ? 19.682  -8.327  9.402   1.00 51.28 ? 529 GLY A O   1 
ATOM   188  N  N   . GLU A 1 37  ? 20.072  -10.259 8.278   1.00 48.22 ? 530 GLU A N   1 
ATOM   189  C  CA  . GLU A 1 37  ? 20.416  -9.639  7.001   1.00 46.67 ? 530 GLU A CA  1 
ATOM   190  C  C   . GLU A 1 37  ? 19.124  -9.616  6.161   1.00 44.64 ? 530 GLU A C   1 
ATOM   191  O  O   . GLU A 1 37  ? 18.490  -10.667 5.928   1.00 43.23 ? 530 GLU A O   1 
ATOM   192  C  CB  . GLU A 1 37  ? 21.533  -10.420 6.275   1.00 45.53 ? 530 GLU A CB  1 
ATOM   193  N  N   . LEU A 1 38  ? 18.731  -8.414  5.750   1.00 42.24 ? 531 LEU A N   1 
ATOM   194  C  CA  A LEU A 1 38  ? 17.493  -8.239  5.013   0.50 41.72 ? 531 LEU A CA  1 
ATOM   195  C  CA  B LEU A 1 38  ? 17.495  -8.213  5.019   0.50 41.79 ? 531 LEU A CA  1 
ATOM   196  C  C   . LEU A 1 38  ? 17.879  -8.066  3.574   1.00 41.15 ? 531 LEU A C   1 
ATOM   197  O  O   . LEU A 1 38  ? 18.682  -7.197  3.256   1.00 41.93 ? 531 LEU A O   1 
ATOM   198  C  CB  A LEU A 1 38  ? 16.721  -7.012  5.493   0.50 41.33 ? 531 LEU A CB  1 
ATOM   199  C  CB  B LEU A 1 38  ? 16.809  -6.936  5.497   0.50 41.50 ? 531 LEU A CB  1 
ATOM   200  C  CG  A LEU A 1 38  ? 15.412  -6.669  4.763   0.50 41.64 ? 531 LEU A CG  1 
ATOM   201  C  CG  B LEU A 1 38  ? 15.480  -6.498  4.873   0.50 42.01 ? 531 LEU A CG  1 
ATOM   202  C  CD1 A LEU A 1 38  ? 14.365  -7.770  4.916   0.50 38.54 ? 531 LEU A CD1 1 
ATOM   203  C  CD1 B LEU A 1 38  ? 14.970  -5.289  5.630   0.50 39.82 ? 531 LEU A CD1 1 
ATOM   204  C  CD2 A LEU A 1 38  ? 14.863  -5.341  5.260   0.50 39.66 ? 531 LEU A CD2 1 
ATOM   205  C  CD2 B LEU A 1 38  ? 15.598  -6.177  3.387   0.50 40.85 ? 531 LEU A CD2 1 
ATOM   206  N  N   . LYS A 1 39  ? 17.301  -8.892  2.712   1.00 39.44 ? 532 LYS A N   1 
ATOM   207  C  CA  . LYS A 1 39  ? 17.542  -8.809  1.300   1.00 37.75 ? 532 LYS A CA  1 
ATOM   208  C  C   . LYS A 1 39  ? 16.253  -8.625  0.551   1.00 36.92 ? 532 LYS A C   1 
ATOM   209  O  O   . LYS A 1 39  ? 15.244  -9.253  0.881   1.00 36.33 ? 532 LYS A O   1 
ATOM   210  C  CB  . LYS A 1 39  ? 18.169  -10.083 0.796   1.00 37.56 ? 532 LYS A CB  1 
ATOM   211  C  CG  . LYS A 1 39  ? 19.511  -10.398 1.372   1.00 42.29 ? 532 LYS A CG  1 
ATOM   212  C  CD  . LYS A 1 39  ? 20.071  -11.717 0.828   1.00 45.22 ? 532 LYS A CD  1 
ATOM   213  C  CE  . LYS A 1 39  ? 21.234  -12.179 1.693   1.00 48.02 ? 532 LYS A CE  1 
ATOM   214  N  NZ  . LYS A 1 39  ? 21.728  -13.512 1.229   1.00 50.57 ? 532 LYS A NZ  1 
ATOM   215  N  N   . LEU A 1 40  ? 16.315  -7.812  -0.497  1.00 35.01 ? 533 LEU A N   1 
ATOM   216  C  CA  . LEU A 1 40  ? 15.285  -7.704  -1.447  1.00 35.47 ? 533 LEU A CA  1 
ATOM   217  C  C   . LEU A 1 40  ? 15.707  -8.534  -2.670  1.00 35.92 ? 533 LEU A C   1 
ATOM   218  O  O   . LEU A 1 40  ? 16.786  -8.291  -3.265  1.00 35.35 ? 533 LEU A O   1 
ATOM   219  C  CB  . LEU A 1 40  ? 15.092  -6.238  -1.806  1.00 35.29 ? 533 LEU A CB  1 
ATOM   220  C  CG  . LEU A 1 40  ? 13.905  -5.892  -2.685  1.00 36.95 ? 533 LEU A CG  1 
ATOM   221  C  CD1 . LEU A 1 40  ? 12.595  -6.367  -2.024  1.00 38.35 ? 533 LEU A CD1 1 
ATOM   222  C  CD2 . LEU A 1 40  ? 13.921  -4.357  -2.958  1.00 39.81 ? 533 LEU A CD2 1 
ATOM   223  N  N   . LEU A 1 41  ? 14.848  -9.487  -3.057  1.00 35.76 ? 534 LEU A N   1 
ATOM   224  C  CA  . LEU A 1 41  ? 15.190  -10.491 -4.063  1.00 36.06 ? 534 LEU A CA  1 
ATOM   225  C  C   . LEU A 1 41  ? 14.225  -10.512 -5.199  1.00 36.62 ? 534 LEU A C   1 
ATOM   226  O  O   . LEU A 1 41  ? 13.029  -10.516 -4.972  1.00 36.82 ? 534 LEU A O   1 
ATOM   227  C  CB  . LEU A 1 41  ? 15.212  -11.868 -3.456  1.00 36.38 ? 534 LEU A CB  1 
ATOM   228  C  CG  . LEU A 1 41  ? 16.185  -12.107 -2.334  1.00 37.34 ? 534 LEU A CG  1 
ATOM   229  C  CD1 . LEU A 1 41  ? 15.808  -13.408 -1.635  1.00 35.72 ? 534 LEU A CD1 1 
ATOM   230  C  CD2 . LEU A 1 41  ? 17.579  -12.176 -2.949  1.00 38.88 ? 534 LEU A CD2 1 
ATOM   231  N  N   . ARG A 1 42  ? 14.741  -10.555 -6.428  1.00 37.40 ? 535 ARG A N   1 
ATOM   232  C  CA  . ARG A 1 42  ? 13.906  -10.682 -7.609  1.00 37.91 ? 535 ARG A CA  1 
ATOM   233  C  C   . ARG A 1 42  ? 14.370  -11.941 -8.390  1.00 39.02 ? 535 ARG A C   1 
ATOM   234  O  O   . ARG A 1 42  ? 15.574  -12.165 -8.533  1.00 39.18 ? 535 ARG A O   1 
ATOM   235  C  CB  . ARG A 1 42  ? 13.987  -9.403  -8.447  1.00 37.56 ? 535 ARG A CB  1 
ATOM   236  C  CG  . ARG A 1 42  ? 13.276  -9.476  -9.811  1.00 39.00 ? 535 ARG A CG  1 
ATOM   237  C  CD  . ARG A 1 42  ? 13.047  -8.084  -10.493 1.00 40.24 ? 535 ARG A CD  1 
ATOM   238  N  NE  . ARG A 1 42  ? 14.293  -7.354  -10.693 1.00 41.03 ? 535 ARG A NE  1 
ATOM   239  C  CZ  . ARG A 1 42  ? 14.456  -6.039  -10.584 1.00 42.21 ? 535 ARG A CZ  1 
ATOM   240  N  NH1 . ARG A 1 42  ? 13.439  -5.225  -10.272 1.00 41.99 ? 535 ARG A NH1 1 
ATOM   241  N  NH2 . ARG A 1 42  ? 15.678  -5.546  -10.737 1.00 42.78 ? 535 ARG A NH2 1 
ATOM   242  N  N   . LYS A 1 43  ? 13.429  -12.766 -8.845  1.00 40.83 ? 536 LYS A N   1 
ATOM   243  C  CA  . LYS A 1 43  ? 13.732  -13.895 -9.732  1.00 44.07 ? 536 LYS A CA  1 
ATOM   244  C  C   . LYS A 1 43  ? 14.363  -13.397 -11.061 1.00 46.22 ? 536 LYS A C   1 
ATOM   245  O  O   . LYS A 1 43  ? 13.854  -12.443 -11.644 1.00 47.57 ? 536 LYS A O   1 
ATOM   246  C  CB  . LYS A 1 43  ? 12.458  -14.707 -10.005 1.00 43.96 ? 536 LYS A CB  1 
ATOM   247  N  N   . LYS A 1 44  ? 15.470  -13.994 -11.508 1.00 48.82 ? 537 LYS A N   1 
ATOM   248  C  CA  . LYS A 1 44  ? 16.120  -13.591 -12.790 1.00 51.55 ? 537 LYS A CA  1 
ATOM   249  C  C   . LYS A 1 44  ? 15.240  -13.861 -14.028 1.00 54.02 ? 537 LYS A C   1 
ATOM   250  O  O   . LYS A 1 44  ? 15.314  -13.110 -15.022 1.00 55.72 ? 537 LYS A O   1 
ATOM   251  C  CB  . LYS A 1 44  ? 17.500  -14.247 -12.973 1.00 51.52 ? 537 LYS A CB  1 
ATOM   252  C  CG  . LYS A 1 44  ? 18.432  -14.148 -11.748 1.00 53.25 ? 537 LYS A CG  1 
ATOM   253  C  CD  . LYS A 1 44  ? 19.912  -14.260 -12.109 1.00 55.76 ? 537 LYS A CD  1 
ATOM   254  C  CE  . LYS A 1 44  ? 20.784  -14.475 -10.855 1.00 58.41 ? 537 LYS A CE  1 
ATOM   255  N  NZ  . LYS A 1 44  ? 22.268  -14.259 -11.101 1.00 58.84 ? 537 LYS A NZ  1 
ATOM   256  N  N   . ASP A 1 45  ? 14.389  -14.887 -13.966 1.00 55.88 ? 538 ASP A N   1 
ATOM   257  C  CA  . ASP A 1 45  ? 13.461  -15.168 -15.069 1.00 58.06 ? 538 ASP A CA  1 
ATOM   258  C  C   . ASP A 1 45  ? 12.053  -14.552 -14.901 1.00 58.26 ? 538 ASP A C   1 
ATOM   259  O  O   . ASP A 1 45  ? 11.160  -14.789 -15.725 1.00 58.15 ? 538 ASP A O   1 
ATOM   260  C  CB  . ASP A 1 45  ? 13.375  -16.678 -15.391 1.00 59.14 ? 538 ASP A CB  1 
ATOM   261  C  CG  . ASP A 1 45  ? 13.694  -17.576 -14.200 1.00 63.76 ? 538 ASP A CG  1 
ATOM   262  O  OD1 . ASP A 1 45  ? 13.108  -17.337 -13.101 1.00 70.63 ? 538 ASP A OD1 1 
ATOM   263  O  OD2 . ASP A 1 45  ? 14.513  -18.527 -14.376 1.00 66.41 ? 538 ASP A OD2 1 
ATOM   264  N  N   . ASP A 1 46  ? 11.846  -13.739 -13.861 1.00 58.07 ? 539 ASP A N   1 
ATOM   265  C  CA  . ASP A 1 46  ? 10.514  -13.148 -13.643 1.00 57.59 ? 539 ASP A CA  1 
ATOM   266  C  C   . ASP A 1 46  ? 10.508  -11.881 -12.767 1.00 55.78 ? 539 ASP A C   1 
ATOM   267  O  O   . ASP A 1 46  ? 10.457  -11.960 -11.544 1.00 55.68 ? 539 ASP A O   1 
ATOM   268  C  CB  . ASP A 1 46  ? 9.570   -14.206 -13.054 1.00 58.15 ? 539 ASP A CB  1 
ATOM   269  C  CG  . ASP A 1 46  ? 8.116   -13.786 -13.134 1.00 60.35 ? 539 ASP A CG  1 
ATOM   270  O  OD1 . ASP A 1 46  ? 7.823   -12.575 -13.168 1.00 64.14 ? 539 ASP A OD1 1 
ATOM   271  O  OD2 . ASP A 1 46  ? 7.259   -14.671 -13.169 1.00 63.94 ? 539 ASP A OD2 1 
ATOM   272  N  N   . LYS A 1 47  ? 10.508  -10.714 -13.400 1.00 53.93 ? 540 LYS A N   1 
ATOM   273  C  CA  . LYS A 1 47  ? 10.607  -9.448  -12.660 1.00 52.44 ? 540 LYS A CA  1 
ATOM   274  C  C   . LYS A 1 47  ? 9.410   -9.178  -11.691 1.00 50.35 ? 540 LYS A C   1 
ATOM   275  O  O   . LYS A 1 47  ? 9.538   -8.391  -10.770 1.00 49.38 ? 540 LYS A O   1 
ATOM   276  C  CB  . LYS A 1 47  ? 10.864  -8.276  -13.632 1.00 52.59 ? 540 LYS A CB  1 
ATOM   277  N  N   . GLY A 1 48  ? 8.285   -9.860  -11.906 1.00 48.17 ? 541 GLY A N   1 
ATOM   278  C  CA  . GLY A 1 48  ? 7.117   -9.801  -11.029 1.00 46.73 ? 541 GLY A CA  1 
ATOM   279  C  C   . GLY A 1 48  ? 7.133   -10.649 -9.762  1.00 45.50 ? 541 GLY A C   1 
ATOM   280  O  O   . GLY A 1 48  ? 6.159   -10.649 -9.008  1.00 46.31 ? 541 GLY A O   1 
ATOM   281  N  N   . LYS A 1 49  ? 8.214   -11.395 -9.539  1.00 43.19 ? 542 LYS A N   1 
ATOM   282  C  CA  . LYS A 1 49  ? 8.406   -12.195 -8.317  1.00 41.01 ? 542 LYS A CA  1 
ATOM   283  C  C   . LYS A 1 49  ? 9.534   -11.553 -7.515  1.00 38.15 ? 542 LYS A C   1 
ATOM   284  O  O   . LYS A 1 49  ? 10.696  -11.776 -7.761  1.00 36.52 ? 542 LYS A O   1 
ATOM   285  C  CB  . LYS A 1 49  ? 8.710   -13.675 -8.636  1.00 40.82 ? 542 LYS A CB  1 
ATOM   286  N  N   . VAL A 1 50  ? 9.128   -10.725 -6.563  1.00 35.65 ? 543 VAL A N   1 
ATOM   287  C  CA  . VAL A 1 50  ? 9.994   -9.962  -5.743  1.00 33.37 ? 543 VAL A CA  1 
ATOM   288  C  C   . VAL A 1 50  ? 9.564   -10.264 -4.344  1.00 32.44 ? 543 VAL A C   1 
ATOM   289  O  O   . VAL A 1 50  ? 8.384   -10.249 -4.058  1.00 30.75 ? 543 VAL A O   1 
ATOM   290  C  CB  . VAL A 1 50  ? 9.841   -8.457  -6.037  1.00 34.01 ? 543 VAL A CB  1 
ATOM   291  C  CG1 . VAL A 1 50  ? 10.685  -7.616  -5.073  1.00 32.98 ? 543 VAL A CG1 1 
ATOM   292  C  CG2 . VAL A 1 50  ? 10.153  -8.152  -7.528  1.00 32.01 ? 543 VAL A CG2 1 
ATOM   293  N  N   . ARG A 1 51  ? 10.537  -10.576 -3.493  1.00 32.09 ? 544 ARG A N   1 
ATOM   294  C  CA  . ARG A 1 51  ? 10.289  -10.898 -2.102  1.00 32.81 ? 544 ARG A CA  1 
ATOM   295  C  C   . ARG A 1 51  ? 11.316  -10.254 -1.194  1.00 32.14 ? 544 ARG A C   1 
ATOM   296  O  O   . ARG A 1 51  ? 12.392  -9.873  -1.656  1.00 31.47 ? 544 ARG A O   1 
ATOM   297  C  CB  . ARG A 1 51  ? 10.283  -12.410 -1.896  1.00 32.41 ? 544 ARG A CB  1 
ATOM   298  C  CG  . ARG A 1 51  ? 11.640  -13.098 -2.028  1.00 37.16 ? 544 ARG A CG  1 
ATOM   299  C  CD  . ARG A 1 51  ? 11.475  -14.642 -1.863  1.00 39.80 ? 544 ARG A CD  1 
ATOM   300  N  NE  . ARG A 1 51  ? 12.692  -15.401 -2.175  1.00 40.09 ? 544 ARG A NE  1 
ATOM   301  C  CZ  . ARG A 1 51  ? 13.273  -16.289 -1.371  1.00 40.53 ? 544 ARG A CZ  1 
ATOM   302  N  NH1 . ARG A 1 51  ? 12.790  -16.544 -0.171  1.00 41.05 ? 544 ARG A NH1 1 
ATOM   303  N  NH2 . ARG A 1 51  ? 14.343  -16.944 -1.785  1.00 42.22 ? 544 ARG A NH2 1 
ATOM   304  N  N   . VAL A 1 52  ? 10.976  -10.123 0.090   1.00 32.24 ? 545 VAL A N   1 
ATOM   305  C  CA  A VAL A 1 52  ? 11.949  -9.790  1.116   0.50 32.28 ? 545 VAL A CA  1 
ATOM   306  C  CA  B VAL A 1 52  ? 11.981  -9.804  1.098   0.50 33.24 ? 545 VAL A CA  1 
ATOM   307  C  C   . VAL A 1 52  ? 12.257  -11.030 1.971   1.00 33.76 ? 545 VAL A C   1 
ATOM   308  O  O   . VAL A 1 52  ? 11.343  -11.761 2.360   1.00 34.05 ? 545 VAL A O   1 
ATOM   309  C  CB  A VAL A 1 52  ? 11.462  -8.604  2.012   0.50 32.27 ? 545 VAL A CB  1 
ATOM   310  C  CB  B VAL A 1 52  ? 11.590  -8.593  1.985   0.50 33.40 ? 545 VAL A CB  1 
ATOM   311  C  CG1 A VAL A 1 52  ? 10.058  -8.851  2.602   0.50 26.80 ? 545 VAL A CG1 1 
ATOM   312  C  CG1 B VAL A 1 52  ? 12.378  -8.602  3.286   0.50 33.66 ? 545 VAL A CG1 1 
ATOM   313  C  CG2 A VAL A 1 52  ? 12.496  -8.289  3.096   0.50 32.15 ? 545 VAL A CG2 1 
ATOM   314  C  CG2 B VAL A 1 52  ? 11.846  -7.272  1.234   0.50 34.06 ? 545 VAL A CG2 1 
ATOM   315  N  N   . LEU A 1 53  ? 13.536  -11.241 2.270   1.00 35.39 ? 546 LEU A N   1 
ATOM   316  C  CA  . LEU A 1 53  ? 14.019  -12.321 3.072   1.00 37.26 ? 546 LEU A CA  1 
ATOM   317  C  C   . LEU A 1 53  ? 14.945  -11.739 4.121   1.00 39.44 ? 546 LEU A C   1 
ATOM   318  O  O   . LEU A 1 53  ? 15.888  -11.021 3.826   1.00 38.42 ? 546 LEU A O   1 
ATOM   319  C  CB  . LEU A 1 53  ? 14.773  -13.366 2.249   1.00 37.51 ? 546 LEU A CB  1 
ATOM   320  C  CG  . LEU A 1 53  ? 15.193  -14.635 3.061   1.00 38.11 ? 546 LEU A CG  1 
ATOM   321  C  CD1 . LEU A 1 53  ? 13.965  -15.433 3.391   1.00 37.66 ? 546 LEU A CD1 1 
ATOM   322  C  CD2 . LEU A 1 53  ? 16.188  -15.568 2.313   1.00 41.00 ? 546 LEU A CD2 1 
ATOM   323  N  N   . CYS A 1 54  ? 14.627  -12.039 5.365   1.00 41.38 ? 547 CYS A N   1 
ATOM   324  C  CA  . CYS A 1 54  ? 15.397  -11.595 6.472   1.00 44.60 ? 547 CYS A CA  1 
ATOM   325  C  C   . CYS A 1 54  ? 15.735  -12.817 7.313   1.00 45.14 ? 547 CYS A C   1 
ATOM   326  O  O   . CYS A 1 54  ? 14.852  -13.511 7.798   1.00 44.79 ? 547 CYS A O   1 
ATOM   327  C  CB  . CYS A 1 54  ? 14.610  -10.590 7.291   1.00 44.63 ? 547 CYS A CB  1 
ATOM   328  S  SG  . CYS A 1 54  ? 15.641  -9.858  8.525   1.00 51.79 ? 547 CYS A SG  1 
ATOM   329  N  N   . ARG A 1 55  ? 17.025  -13.044 7.484   1.00 47.39 ? 548 ARG A N   1 
ATOM   330  C  CA  . ARG A 1 55  ? 17.575  -14.308 7.978   1.00 49.59 ? 548 ARG A CA  1 
ATOM   331  C  C   . ARG A 1 55  ? 18.568  -13.961 9.095   1.00 50.17 ? 548 ARG A C   1 
ATOM   332  O  O   . ARG A 1 55  ? 19.538  -13.257 8.829   1.00 50.34 ? 548 ARG A O   1 
ATOM   333  C  CB  . ARG A 1 55  ? 18.257  -15.004 6.787   1.00 50.34 ? 548 ARG A CB  1 
ATOM   334  C  CG  . ARG A 1 55  ? 18.526  -16.487 6.891   1.00 53.99 ? 548 ARG A CG  1 
ATOM   335  C  CD  . ARG A 1 55  ? 19.358  -16.998 5.697   1.00 58.87 ? 548 ARG A CD  1 
ATOM   336  N  NE  . ARG A 1 55  ? 18.576  -17.678 4.664   1.00 62.45 ? 548 ARG A NE  1 
ATOM   337  C  CZ  . ARG A 1 55  ? 18.000  -18.880 4.812   1.00 64.42 ? 548 ARG A CZ  1 
ATOM   338  N  NH1 . ARG A 1 55  ? 18.058  -19.531 5.980   1.00 63.44 ? 548 ARG A NH1 1 
ATOM   339  N  NH2 . ARG A 1 55  ? 17.319  -19.423 3.794   1.00 64.48 ? 548 ARG A NH2 1 
ATOM   340  N  N   . SER A 1 56  ? 18.310  -14.371 10.342  1.00 51.02 ? 549 SER A N   1 
ATOM   341  C  CA  . SER A 1 56  ? 19.311  -14.191 11.412  1.00 52.90 ? 549 SER A CA  1 
ATOM   342  C  C   . SER A 1 56  ? 20.472  -15.172 11.221  1.00 53.27 ? 549 SER A C   1 
ATOM   343  O  O   . SER A 1 56  ? 21.610  -14.756 11.063  1.00 54.59 ? 549 SER A O   1 
ATOM   344  C  CB  . SER A 1 56  ? 18.725  -14.386 12.822  1.00 53.06 ? 549 SER A CB  1 
ATOM   345  O  OG  . SER A 1 56  ? 18.638  -15.769 13.108  1.00 55.53 ? 549 SER A OG  1 
ATOM   346  N  N   . GLY A 1 58  ? 23.242  -16.315 13.241  1.00 66.56 ? 551 GLY A N   1 
ATOM   347  C  CA  . GLY A 1 58  ? 24.038  -17.520 12.997  1.00 66.38 ? 551 GLY A CA  1 
ATOM   348  C  C   . GLY A 1 58  ? 23.267  -18.786 13.352  1.00 66.61 ? 551 GLY A C   1 
ATOM   349  O  O   . GLY A 1 58  ? 23.848  -19.890 13.478  1.00 67.74 ? 551 GLY A O   1 
HETATM 350  N  N   . MSE A 1 59  ? 21.961  -18.614 13.559  1.00 64.85 ? 552 MSE A N   1 
HETATM 351  C  CA  . MSE A 1 59  ? 21.015  -19.687 13.456  1.00 63.16 ? 552 MSE A CA  1 
HETATM 352  C  C   . MSE A 1 59  ? 20.464  -19.733 12.020  1.00 61.07 ? 552 MSE A C   1 
HETATM 353  O  O   . MSE A 1 59  ? 19.957  -20.764 11.565  1.00 61.69 ? 552 MSE A O   1 
HETATM 354  C  CB  . MSE A 1 59  ? 19.895  -19.486 14.475  1.00 64.01 ? 552 MSE A CB  1 
HETATM 355  C  CG  . MSE A 1 59  ? 18.721  -20.414 14.292  1.00 65.95 ? 552 MSE A CG  1 
HETATM 356  SE SE  . MSE A 1 59  ? 17.797  -20.797 15.952  1.00 71.73 ? 552 MSE A SE  1 
HETATM 357  C  CE  . MSE A 1 59  ? 16.556  -19.305 16.151  1.00 68.58 ? 552 MSE A CE  1 
ATOM   358  N  N   . GLY A 1 60  ? 20.554  -18.636 11.282  1.00 57.74 ? 553 GLY A N   1 
ATOM   359  C  CA  . GLY A 1 60  ? 19.938  -18.607 9.949   1.00 54.84 ? 553 GLY A CA  1 
ATOM   360  C  C   . GLY A 1 60  ? 18.432  -18.760 10.034  1.00 51.95 ? 553 GLY A C   1 
ATOM   361  O  O   . GLY A 1 60  ? 17.810  -19.311 9.139   1.00 51.59 ? 553 GLY A O   1 
ATOM   362  N  N   . HIS A 1 61  ? 17.860  -18.279 11.134  1.00 48.43 ? 554 HIS A N   1 
ATOM   363  C  CA  . HIS A 1 61  ? 16.426  -18.261 11.363  1.00 46.24 ? 554 HIS A CA  1 
ATOM   364  C  C   . HIS A 1 61  ? 15.819  -17.288 10.310  1.00 44.36 ? 554 HIS A C   1 
ATOM   365  O  O   . HIS A 1 61  ? 16.264  -16.160 10.206  1.00 42.95 ? 554 HIS A O   1 
ATOM   366  C  CB  . HIS A 1 61  ? 16.246  -17.786 12.805  1.00 46.42 ? 554 HIS A CB  1 
ATOM   367  C  CG  . HIS A 1 61  ? 14.847  -17.666 13.263  1.00 48.20 ? 554 HIS A CG  1 
ATOM   368  N  ND1 . HIS A 1 61  ? 13.868  -18.564 12.921  1.00 53.85 ? 554 HIS A ND1 1 
ATOM   369  C  CD2 . HIS A 1 61  ? 14.262  -16.762 14.080  1.00 52.45 ? 554 HIS A CD2 1 
ATOM   370  C  CE1 . HIS A 1 61  ? 12.728  -18.210 13.487  1.00 53.86 ? 554 HIS A CE1 1 
ATOM   371  N  NE2 . HIS A 1 61  ? 12.941  -17.115 14.194  1.00 54.68 ? 554 HIS A NE2 1 
ATOM   372  N  N   . VAL A 1 62  ? 14.856  -17.743 9.505   1.00 42.28 ? 555 VAL A N   1 
ATOM   373  C  CA  . VAL A 1 62  ? 14.075  -16.847 8.644   1.00 40.87 ? 555 VAL A CA  1 
ATOM   374  C  C   . VAL A 1 62  ? 13.083  -16.055 9.516   1.00 41.04 ? 555 VAL A C   1 
ATOM   375  O  O   . VAL A 1 62  ? 12.106  -16.624 10.013  1.00 42.16 ? 555 VAL A O   1 
ATOM   376  C  CB  . VAL A 1 62  ? 13.266  -17.599 7.531   1.00 40.78 ? 555 VAL A CB  1 
ATOM   377  C  CG1 . VAL A 1 62  ? 12.336  -16.622 6.768   1.00 36.25 ? 555 VAL A CG1 1 
ATOM   378  C  CG2 . VAL A 1 62  ? 14.208  -18.400 6.563   1.00 38.28 ? 555 VAL A CG2 1 
ATOM   379  N  N   . LEU A 1 63  ? 13.364  -14.762 9.701   1.00 39.36 ? 556 LEU A N   1 
ATOM   380  C  CA  . LEU A 1 63  ? 12.470  -13.844 10.377  1.00 39.01 ? 556 LEU A CA  1 
ATOM   381  C  C   . LEU A 1 63  ? 11.348  -13.341 9.452   1.00 37.91 ? 556 LEU A C   1 
ATOM   382  O  O   . LEU A 1 63  ? 10.251  -13.093 9.902   1.00 36.74 ? 556 LEU A O   1 
ATOM   383  C  CB  . LEU A 1 63  ? 13.268  -12.648 10.961  1.00 39.19 ? 556 LEU A CB  1 
ATOM   384  C  CG  . LEU A 1 63  ? 14.382  -12.983 11.960  1.00 40.71 ? 556 LEU A CG  1 
ATOM   385  C  CD1 . LEU A 1 63  ? 15.206  -11.777 12.433  1.00 41.73 ? 556 LEU A CD1 1 
ATOM   386  C  CD2 . LEU A 1 63  ? 13.722  -13.670 13.145  1.00 43.39 ? 556 LEU A CD2 1 
ATOM   387  N  N   . LEU A 1 64  ? 11.624  -13.163 8.163   1.00 37.82 ? 557 LEU A N   1 
ATOM   388  C  CA  . LEU A 1 64  ? 10.592  -12.677 7.267   1.00 36.90 ? 557 LEU A CA  1 
ATOM   389  C  C   . LEU A 1 64  ? 10.821  -13.238 5.875   1.00 35.40 ? 557 LEU A C   1 
ATOM   390  O  O   . LEU A 1 64  ? 11.927  -13.255 5.394   1.00 35.05 ? 557 LEU A O   1 
ATOM   391  C  CB  . LEU A 1 64  ? 10.658  -11.139 7.281   1.00 37.73 ? 557 LEU A CB  1 
ATOM   392  C  CG  . LEU A 1 64  ? 9.582   -10.339 6.543   1.00 38.41 ? 557 LEU A CG  1 
ATOM   393  C  CD1 . LEU A 1 64  ? 8.222   -10.508 7.253   1.00 35.22 ? 557 LEU A CD1 1 
ATOM   394  C  CD2 . LEU A 1 64  ? 10.017  -8.878  6.403   1.00 35.48 ? 557 LEU A CD2 1 
ATOM   395  N  N   . ASN A 1 65  ? 9.778   -13.730 5.243   1.00 34.08 ? 558 ASN A N   1 
ATOM   396  C  CA  . ASN A 1 65  ? 9.882   -14.264 3.902   1.00 34.56 ? 558 ASN A CA  1 
ATOM   397  C  C   . ASN A 1 65  ? 8.585   -13.993 3.187   1.00 33.60 ? 558 ASN A C   1 
ATOM   398  O  O   . ASN A 1 65  ? 7.634   -14.782 3.254   1.00 34.77 ? 558 ASN A O   1 
ATOM   399  C  CB  . ASN A 1 65  ? 10.211  -15.774 3.885   1.00 34.73 ? 558 ASN A CB  1 
ATOM   400  C  CG  . ASN A 1 65  ? 10.260  -16.324 2.469   1.00 38.36 ? 558 ASN A CG  1 
ATOM   401  O  OD1 . ASN A 1 65  ? 10.446  -15.565 1.519   1.00 42.21 ? 558 ASN A OD1 1 
ATOM   402  N  ND2 . ASN A 1 65  ? 10.112  -17.634 2.317   1.00 39.51 ? 558 ASN A ND2 1 
ATOM   403  N  N   . THR A 1 66  ? 8.509   -12.867 2.505   1.00 32.37 ? 559 THR A N   1 
ATOM   404  C  CA  . THR A 1 66  ? 7.208   -12.479 1.981   1.00 31.98 ? 559 THR A CA  1 
ATOM   405  C  C   . THR A 1 66  ? 7.332   -11.682 0.695   1.00 31.11 ? 559 THR A C   1 
ATOM   406  O  O   . THR A 1 66  ? 8.341   -11.031 0.456   1.00 29.87 ? 559 THR A O   1 
ATOM   407  C  CB  . THR A 1 66  ? 6.381   -11.702 3.045   1.00 31.63 ? 559 THR A CB  1 
ATOM   408  O  OG1 . THR A 1 66  ? 5.025   -11.675 2.647   1.00 34.39 ? 559 THR A OG1 1 
ATOM   409  C  CG2 . THR A 1 66  ? 6.863   -10.287 3.235   1.00 31.09 ? 559 THR A CG2 1 
ATOM   410  N  N   . SER A 1 67  ? 6.273   -11.733 -0.092  1.00 30.58 ? 560 SER A N   1 
ATOM   411  C  CA  . SER A 1 67  ? 6.244   -11.122 -1.389  1.00 31.85 ? 560 SER A CA  1 
ATOM   412  C  C   . SER A 1 67  ? 6.004   -9.632  -1.238  1.00 31.64 ? 560 SER A C   1 
ATOM   413  O  O   . SER A 1 67  ? 5.279   -9.204  -0.354  1.00 32.50 ? 560 SER A O   1 
ATOM   414  C  CB  . SER A 1 67  ? 5.156   -11.734 -2.243  1.00 31.53 ? 560 SER A CB  1 
ATOM   415  O  OG  . SER A 1 67  ? 5.523   -13.068 -2.509  1.00 35.02 ? 560 SER A OG  1 
ATOM   416  N  N   . VAL A 1 68  ? 6.668   -8.853  -2.077  1.00 30.86 ? 561 VAL A N   1 
ATOM   417  C  CA  . VAL A 1 68  ? 6.331   -7.443  -2.263  1.00 30.15 ? 561 VAL A CA  1 
ATOM   418  C  C   . VAL A 1 68  ? 5.045   -7.333  -3.099  1.00 30.75 ? 561 VAL A C   1 
ATOM   419  O  O   . VAL A 1 68  ? 4.997   -7.845  -4.238  1.00 30.40 ? 561 VAL A O   1 
ATOM   420  C  CB  . VAL A 1 68  ? 7.442   -6.717  -2.997  1.00 30.06 ? 561 VAL A CB  1 
ATOM   421  C  CG1 . VAL A 1 68  ? 6.960   -5.316  -3.480  1.00 29.40 ? 561 VAL A CG1 1 
ATOM   422  C  CG2 . VAL A 1 68  ? 8.691   -6.660  -2.106  1.00 28.03 ? 561 VAL A CG2 1 
ATOM   423  N  N   . VAL A 1 69  ? 4.031   -6.666  -2.545  1.00 29.09 ? 562 VAL A N   1 
ATOM   424  C  CA  . VAL A 1 69  ? 2.671   -6.568  -3.142  1.00 30.23 ? 562 VAL A CA  1 
ATOM   425  C  C   . VAL A 1 69  ? 2.559   -5.276  -3.920  1.00 31.15 ? 562 VAL A C   1 
ATOM   426  O  O   . VAL A 1 69  ? 3.006   -4.223  -3.426  1.00 31.64 ? 562 VAL A O   1 
ATOM   427  C  CB  . VAL A 1 69  ? 1.625   -6.582  -1.971  1.00 31.40 ? 562 VAL A CB  1 
ATOM   428  C  CG1 . VAL A 1 69  ? 0.182   -6.255  -2.434  1.00 31.74 ? 562 VAL A CG1 1 
ATOM   429  C  CG2 . VAL A 1 69  ? 1.706   -7.962  -1.164  1.00 30.62 ? 562 VAL A CG2 1 
ATOM   430  N  N   . LYS A 1 70  ? 1.991   -5.299  -5.125  1.00 31.93 ? 563 LYS A N   1 
ATOM   431  C  CA  . LYS A 1 70  ? 1.964   -4.097  -5.963  1.00 32.29 ? 563 LYS A CA  1 
ATOM   432  C  C   . LYS A 1 70  ? 1.091   -2.989  -5.340  1.00 32.59 ? 563 LYS A C   1 
ATOM   433  O  O   . LYS A 1 70  ? 1.349   -1.797  -5.515  1.00 33.15 ? 563 LYS A O   1 
ATOM   434  C  CB  . LYS A 1 70  ? 1.493   -4.418  -7.392  1.00 33.67 ? 563 LYS A CB  1 
ATOM   435  N  N   . SER A 1 71  ? 0.081   -3.397  -4.581  1.00 31.96 ? 564 SER A N   1 
ATOM   436  C  CA  . SER A 1 71  ? -0.891  -2.491  -3.990  1.00 32.30 ? 564 SER A CA  1 
ATOM   437  C  C   . SER A 1 71  ? -0.499  -1.816  -2.674  1.00 31.23 ? 564 SER A C   1 
ATOM   438  O  O   . SER A 1 71  ? -1.275  -1.052  -2.151  1.00 31.89 ? 564 SER A O   1 
ATOM   439  C  CB  . SER A 1 71  ? -2.169  -3.300  -3.696  1.00 32.37 ? 564 SER A CB  1 
ATOM   440  O  OG  . SER A 1 71  ? -2.817  -3.515  -4.921  1.00 35.74 ? 564 SER A OG  1 
ATOM   441  N  N   . PHE A 1 72  ? 0.630   -2.195  -2.093  1.00 30.05 ? 565 PHE A N   1 
ATOM   442  C  CA  . PHE A 1 72  ? 1.048   -1.662  -0.823  1.00 29.65 ? 565 PHE A CA  1 
ATOM   443  C  C   . PHE A 1 72  ? 2.142   -0.610  -0.977  1.00 29.76 ? 565 PHE A C   1 
ATOM   444  O  O   . PHE A 1 72  ? 2.994   -0.726  -1.841  1.00 28.55 ? 565 PHE A O   1 
ATOM   445  C  CB  . PHE A 1 72  ? 1.595   -2.791  0.061   1.00 29.11 ? 565 PHE A CB  1 
ATOM   446  C  CG  . PHE A 1 72  ? 0.557   -3.749  0.604   1.00 29.32 ? 565 PHE A CG  1 
ATOM   447  C  CD1 . PHE A 1 72  ? -0.806  -3.543  0.444   1.00 29.81 ? 565 PHE A CD1 1 
ATOM   448  C  CD2 . PHE A 1 72  ? 0.983   -4.859  1.326   1.00 27.00 ? 565 PHE A CD2 1 
ATOM   449  C  CE1 . PHE A 1 72  ? -1.713  -4.445  0.990   1.00 34.69 ? 565 PHE A CE1 1 
ATOM   450  C  CE2 . PHE A 1 72  ? 0.103   -5.770  1.835   1.00 31.26 ? 565 PHE A CE2 1 
ATOM   451  C  CZ  . PHE A 1 72  ? -1.245  -5.568  1.710   1.00 33.93 ? 565 PHE A CZ  1 
ATOM   452  N  N   . LYS A 1 73  ? 2.140   0.372   -0.090  1.00 30.48 ? 566 LYS A N   1 
ATOM   453  C  CA  . LYS A 1 73  ? 3.242   1.339   0.035   1.00 32.22 ? 566 LYS A CA  1 
ATOM   454  C  C   . LYS A 1 73  ? 4.112   0.983   1.213   1.00 31.48 ? 566 LYS A C   1 
ATOM   455  O  O   . LYS A 1 73  ? 3.618   0.690   2.288   1.00 31.10 ? 566 LYS A O   1 
ATOM   456  C  CB  . LYS A 1 73  ? 2.767   2.746   0.338   1.00 33.04 ? 566 LYS A CB  1 
ATOM   457  C  CG  . LYS A 1 73  ? 2.131   3.558   -0.819  1.00 39.02 ? 566 LYS A CG  1 
ATOM   458  C  CD  . LYS A 1 73  ? 2.033   5.056   -0.360  1.00 43.57 ? 566 LYS A CD  1 
ATOM   459  C  CE  . LYS A 1 73  ? 1.790   6.039   -1.490  1.00 47.90 ? 566 LYS A CE  1 
ATOM   460  N  NZ  . LYS A 1 73  ? 1.874   7.496   -0.997  1.00 51.75 ? 566 LYS A NZ  1 
ATOM   461  N  N   . TYR A 1 74  ? 5.418   1.039   0.989   1.00 30.80 ? 567 TYR A N   1 
ATOM   462  C  CA  . TYR A 1 74  ? 6.387   0.560   1.914   1.00 30.26 ? 567 TYR A CA  1 
ATOM   463  C  C   . TYR A 1 74  ? 7.195   1.817   2.138   1.00 31.14 ? 567 TYR A C   1 
ATOM   464  O  O   . TYR A 1 74  ? 7.953   2.283   1.239   1.00 31.75 ? 567 TYR A O   1 
ATOM   465  C  CB  . TYR A 1 74  ? 7.202   -0.563  1.252   1.00 30.39 ? 567 TYR A CB  1 
ATOM   466  C  CG  . TYR A 1 74  ? 6.426   -1.872  0.967   1.00 27.66 ? 567 TYR A CG  1 
ATOM   467  C  CD1 . TYR A 1 74  ? 6.199   -2.822  1.965   1.00 28.38 ? 567 TYR A CD1 1 
ATOM   468  C  CD2 . TYR A 1 74  ? 5.990   -2.161  -0.286  1.00 28.64 ? 567 TYR A CD2 1 
ATOM   469  C  CE1 . TYR A 1 74  ? 5.481   -3.993  1.713   1.00 23.93 ? 567 TYR A CE1 1 
ATOM   470  C  CE2 . TYR A 1 74  ? 5.336   -3.340  -0.560  1.00 29.17 ? 567 TYR A CE2 1 
ATOM   471  C  CZ  . TYR A 1 74  ? 5.121   -4.246  0.433   1.00 24.48 ? 567 TYR A CZ  1 
ATOM   472  O  OH  . TYR A 1 74  ? 4.457   -5.339  0.097   1.00 26.38 ? 567 TYR A OH  1 
ATOM   473  N  N   . GLN A 1 75  ? 7.029   2.396   3.316   1.00 31.23 ? 568 GLN A N   1 
ATOM   474  C  CA  . GLN A 1 75  ? 7.477   3.759   3.528   1.00 32.22 ? 568 GLN A CA  1 
ATOM   475  C  C   . GLN A 1 75  ? 7.837   3.932   4.978   1.00 31.68 ? 568 GLN A C   1 
ATOM   476  O  O   . GLN A 1 75  ? 7.494   3.108   5.777   1.00 30.82 ? 568 GLN A O   1 
ATOM   477  C  CB  . GLN A 1 75  ? 6.382   4.752   3.109   1.00 33.01 ? 568 GLN A CB  1 
ATOM   478  C  CG  . GLN A 1 75  ? 5.352   4.889   4.219   1.00 38.37 ? 568 GLN A CG  1 
ATOM   479  C  CD  . GLN A 1 75  ? 3.926   5.091   3.764   1.00 42.91 ? 568 GLN A CD  1 
ATOM   480  O  OE1 . GLN A 1 75  ? 3.021   4.402   4.245   1.00 47.17 ? 568 GLN A OE1 1 
ATOM   481  N  NE2 . GLN A 1 75  ? 3.711   6.044   2.859   1.00 47.87 ? 568 GLN A NE2 1 
ATOM   482  N  N   . PRO A 1 76  ? 8.566   5.007   5.308   1.00 33.67 ? 569 PRO A N   1 
ATOM   483  C  CA  . PRO A 1 76  ? 8.946   5.179   6.685   1.00 34.12 ? 569 PRO A CA  1 
ATOM   484  C  C   . PRO A 1 76  ? 7.749   5.544   7.546   1.00 35.17 ? 569 PRO A C   1 
ATOM   485  O  O   . PRO A 1 76  ? 6.734   6.017   7.071   1.00 33.25 ? 569 PRO A O   1 
ATOM   486  C  CB  . PRO A 1 76  ? 9.996   6.306   6.654   1.00 34.18 ? 569 PRO A CB  1 
ATOM   487  C  CG  . PRO A 1 76  ? 9.952   6.905   5.286   1.00 34.94 ? 569 PRO A CG  1 
ATOM   488  C  CD  . PRO A 1 76  ? 9.127   6.048   4.394   1.00 33.94 ? 569 PRO A CD  1 
ATOM   489  N  N   . ILE A 1 77  ? 7.873   5.270   8.818   1.00 37.65 ? 570 ILE A N   1 
ATOM   490  C  CA  . ILE A 1 77  ? 6.884   5.701   9.775   1.00 40.83 ? 570 ILE A CA  1 
ATOM   491  C  C   . ILE A 1 77  ? 6.504   7.179   9.552   1.00 42.26 ? 570 ILE A C   1 
ATOM   492  O  O   . ILE A 1 77  ? 5.335   7.499   9.397   1.00 41.94 ? 570 ILE A O   1 
ATOM   493  C  CB  . ILE A 1 77  ? 7.412   5.511   11.158  1.00 41.48 ? 570 ILE A CB  1 
ATOM   494  C  CG1 . ILE A 1 77  ? 7.328   4.023   11.521  1.00 42.08 ? 570 ILE A CG1 1 
ATOM   495  C  CG2 . ILE A 1 77  ? 6.617   6.387   12.119  1.00 43.56 ? 570 ILE A CG2 1 
ATOM   496  C  CD1 . ILE A 1 77  ? 7.891   3.772   12.914  1.00 45.25 ? 570 ILE A CD1 1 
ATOM   497  N  N   . ASP A 1 78  ? 7.513   8.040   9.516   1.00 44.75 ? 571 ASP A N   1 
ATOM   498  C  CA  . ASP A 1 78  ? 7.374   9.402   9.014   1.00 47.16 ? 571 ASP A CA  1 
ATOM   499  C  C   . ASP A 1 78  ? 8.748   10.017  8.683   1.00 47.81 ? 571 ASP A C   1 
ATOM   500  O  O   . ASP A 1 78  ? 9.762   9.334   8.779   1.00 47.67 ? 571 ASP A O   1 
ATOM   501  C  CB  . ASP A 1 78  ? 6.643   10.243  10.042  1.00 47.88 ? 571 ASP A CB  1 
ATOM   502  C  CG  . ASP A 1 78  ? 7.163   10.021  11.411  1.00 50.85 ? 571 ASP A CG  1 
ATOM   503  O  OD1 . ASP A 1 78  ? 8.341   10.356  11.665  1.00 53.99 ? 571 ASP A OD1 1 
ATOM   504  O  OD2 . ASP A 1 78  ? 6.403   9.467   12.225  1.00 57.23 ? 571 ASP A OD2 1 
ATOM   505  N  N   . ALA A 1 79  ? 8.751   11.295  8.275   1.00 49.13 ? 572 ALA A N   1 
ATOM   506  C  CA  . ALA A 1 79  ? 9.950   12.065  7.873   1.00 49.18 ? 572 ALA A CA  1 
ATOM   507  C  C   . ALA A 1 79  ? 11.051  12.062  8.934   1.00 49.13 ? 572 ALA A C   1 
ATOM   508  O  O   . ALA A 1 79  ? 12.229  12.148  8.623   1.00 49.38 ? 572 ALA A O   1 
ATOM   509  C  CB  . ALA A 1 79  ? 9.524   13.537  7.565   1.00 50.10 ? 572 ALA A CB  1 
ATOM   510  N  N   . ASP A 1 80  ? 10.632  11.938  10.188  1.00 48.42 ? 573 ASP A N   1 
ATOM   511  C  CA  . ASP A 1 80  ? 11.515  11.945  11.339  1.00 48.45 ? 573 ASP A CA  1 
ATOM   512  C  C   . ASP A 1 80  ? 12.147  10.605  11.684  1.00 47.28 ? 573 ASP A C   1 
ATOM   513  O  O   . ASP A 1 80  ? 13.055  10.554  12.541  1.00 46.28 ? 573 ASP A O   1 
ATOM   514  C  CB  . ASP A 1 80  ? 10.700  12.419  12.551  1.00 49.07 ? 573 ASP A CB  1 
ATOM   515  C  CG  . ASP A 1 80  ? 10.296  13.882  12.422  1.00 51.86 ? 573 ASP A CG  1 
ATOM   516  O  OD1 . ASP A 1 80  ? 11.223  14.730  12.459  1.00 52.71 ? 573 ASP A OD1 1 
ATOM   517  O  OD2 . ASP A 1 80  ? 9.089   14.166  12.227  1.00 55.36 ? 573 ASP A OD2 1 
ATOM   518  N  N   . ASN A 1 81  ? 11.621  9.531   11.067  1.00 45.11 ? 574 ASN A N   1 
ATOM   519  C  CA  . ASN A 1 81  ? 12.084  8.176   11.323  1.00 43.75 ? 574 ASN A CA  1 
ATOM   520  C  C   . ASN A 1 81  ? 12.301  7.473   9.996   1.00 42.53 ? 574 ASN A C   1 
ATOM   521  O  O   . ASN A 1 81  ? 11.625  6.472   9.723   1.00 40.87 ? 574 ASN A O   1 
ATOM   522  C  CB  . ASN A 1 81  ? 11.041  7.395   12.101  1.00 43.21 ? 574 ASN A CB  1 
ATOM   523  C  CG  . ASN A 1 81  ? 10.808  7.929   13.440  1.00 43.26 ? 574 ASN A CG  1 
ATOM   524  O  OD1 . ASN A 1 81  ? 11.624  7.714   14.357  1.00 46.37 ? 574 ASN A OD1 1 
ATOM   525  N  ND2 . ASN A 1 81  ? 9.646   8.594   13.625  1.00 40.91 ? 574 ASN A ND2 1 
ATOM   526  N  N   . GLU A 1 82  ? 13.214  7.992   9.169   1.00 41.57 ? 575 GLU A N   1 
ATOM   527  C  CA  . GLU A 1 82  ? 13.429  7.425   7.828   1.00 41.41 ? 575 GLU A CA  1 
ATOM   528  C  C   . GLU A 1 82  ? 14.128  6.049   7.924   1.00 40.77 ? 575 GLU A C   1 
ATOM   529  O  O   . GLU A 1 82  ? 14.225  5.348   6.954   1.00 41.28 ? 575 GLU A O   1 
ATOM   530  C  CB  . GLU A 1 82  ? 14.184  8.392   6.900   1.00 40.39 ? 575 GLU A CB  1 
ATOM   531  N  N   . ASN A 1 83  ? 14.604  5.673   9.101   1.00 39.99 ? 576 ASN A N   1 
ATOM   532  C  CA  . ASN A 1 83  ? 15.259  4.389   9.290   1.00 39.72 ? 576 ASN A CA  1 
ATOM   533  C  C   . ASN A 1 83  ? 14.349  3.313   9.855   1.00 38.51 ? 576 ASN A C   1 
ATOM   534  O  O   . ASN A 1 83  ? 14.834  2.242   10.200  1.00 37.16 ? 576 ASN A O   1 
ATOM   535  C  CB  . ASN A 1 83  ? 16.454  4.535   10.208  1.00 40.35 ? 576 ASN A CB  1 
ATOM   536  C  CG  . ASN A 1 83  ? 16.065  4.997   11.597  1.00 40.87 ? 576 ASN A CG  1 
ATOM   537  O  OD1 . ASN A 1 83  ? 15.271  5.909   11.731  1.00 42.48 ? 576 ASN A OD1 1 
ATOM   538  N  ND2 . ASN A 1 83  ? 16.631  4.370   12.627  1.00 40.31 ? 576 ASN A ND2 1 
ATOM   539  N  N   . LEU A 1 84  ? 13.045  3.613   9.937   1.00 37.51 ? 577 LEU A N   1 
ATOM   540  C  CA  . LEU A 1 84  ? 12.021  2.660   10.366  1.00 36.97 ? 577 LEU A CA  1 
ATOM   541  C  C   . LEU A 1 84  ? 10.964  2.577   9.266   1.00 35.78 ? 577 LEU A C   1 
ATOM   542  O  O   . LEU A 1 84  ? 10.199  3.511   9.057   1.00 35.76 ? 577 LEU A O   1 
ATOM   543  C  CB  . LEU A 1 84  ? 11.363  3.100   11.660  1.00 37.06 ? 577 LEU A CB  1 
ATOM   544  C  CG  . LEU A 1 84  ? 12.253  3.144   12.903  1.00 40.97 ? 577 LEU A CG  1 
ATOM   545  C  CD1 . LEU A 1 84  ? 11.769  4.331   13.854  1.00 40.28 ? 577 LEU A CD1 1 
ATOM   546  C  CD2 . LEU A 1 84  ? 12.280  1.795   13.652  1.00 39.81 ? 577 LEU A CD2 1 
ATOM   547  N  N   . ILE A 1 85  ? 10.932  1.458   8.560   1.00 34.15 ? 578 ILE A N   1 
ATOM   548  C  CA  . ILE A 1 85  ? 10.061  1.292   7.427   1.00 33.58 ? 578 ILE A CA  1 
ATOM   549  C  C   . ILE A 1 85  ? 8.837   0.477   7.865   1.00 33.23 ? 578 ILE A C   1 
ATOM   550  O  O   . ILE A 1 85  ? 8.952   -0.558  8.524   1.00 31.34 ? 578 ILE A O   1 
ATOM   551  C  CB  . ILE A 1 85  ? 10.821  0.617   6.243   1.00 34.27 ? 578 ILE A CB  1 
ATOM   552  C  CG1 . ILE A 1 85  ? 12.168  1.333   5.960   1.00 36.20 ? 578 ILE A CG1 1 
ATOM   553  C  CG2 . ILE A 1 85  ? 10.002  0.576   4.963   1.00 31.18 ? 578 ILE A CG2 1 
ATOM   554  C  CD1 . ILE A 1 85  ? 12.106  2.824   5.703   1.00 34.25 ? 578 ILE A CD1 1 
ATOM   555  N  N   . LYS A 1 86  ? 7.674   0.974   7.495   1.00 34.15 ? 579 LYS A N   1 
ATOM   556  C  CA  . LYS A 1 86  ? 6.408   0.247   7.684   1.00 35.41 ? 579 LYS A CA  1 
ATOM   557  C  C   . LYS A 1 86  ? 6.322   -0.782  6.581   1.00 33.49 ? 579 LYS A C   1 
ATOM   558  O  O   . LYS A 1 86  ? 6.416   -0.419  5.408   1.00 32.52 ? 579 LYS A O   1 
ATOM   559  C  CB  . LYS A 1 86  ? 5.193   1.176   7.577   1.00 36.91 ? 579 LYS A CB  1 
ATOM   560  C  CG  . LYS A 1 86  ? 4.847   1.895   8.863   1.00 43.60 ? 579 LYS A CG  1 
ATOM   561  C  CD  . LYS A 1 86  ? 4.390   3.334   8.621   1.00 50.72 ? 579 LYS A CD  1 
ATOM   562  C  CE  . LYS A 1 86  ? 3.187   3.489   7.709   1.00 53.85 ? 579 LYS A CE  1 
ATOM   563  N  NZ  . LYS A 1 86  ? 3.039   4.940   7.268   1.00 56.17 ? 579 LYS A NZ  1 
ATOM   564  N  N   . TRP A 1 87  ? 6.245   -2.050  6.995   1.00 31.98 ? 580 TRP A N   1 
ATOM   565  C  CA  . TRP A 1 87  ? 6.103   -3.170  6.121   1.00 31.34 ? 580 TRP A CA  1 
ATOM   566  C  C   . TRP A 1 87  ? 4.686   -3.791  6.308   1.00 30.62 ? 580 TRP A C   1 
ATOM   567  O  O   . TRP A 1 87  ? 4.498   -4.669  7.113   1.00 30.74 ? 580 TRP A O   1 
ATOM   568  C  CB  . TRP A 1 87  ? 7.223   -4.194  6.359   1.00 30.84 ? 580 TRP A CB  1 
ATOM   569  C  CG  . TRP A 1 87  ? 7.441   -4.989  5.139   1.00 31.86 ? 580 TRP A CG  1 
ATOM   570  C  CD1 . TRP A 1 87  ? 6.766   -6.106  4.757   1.00 31.75 ? 580 TRP A CD1 1 
ATOM   571  C  CD2 . TRP A 1 87  ? 8.328   -4.673  4.070   1.00 34.90 ? 580 TRP A CD2 1 
ATOM   572  N  NE1 . TRP A 1 87  ? 7.192   -6.525  3.517   1.00 32.40 ? 580 TRP A NE1 1 
ATOM   573  C  CE2 . TRP A 1 87  ? 8.144   -5.652  3.071   1.00 34.83 ? 580 TRP A CE2 1 
ATOM   574  C  CE3 . TRP A 1 87  ? 9.269   -3.664  3.867   1.00 36.73 ? 580 TRP A CE3 1 
ATOM   575  C  CZ2 . TRP A 1 87  ? 8.854   -5.642  1.886   1.00 38.36 ? 580 TRP A CZ2 1 
ATOM   576  C  CZ3 . TRP A 1 87  ? 9.966   -3.647  2.686   1.00 40.36 ? 580 TRP A CZ3 1 
ATOM   577  C  CH2 . TRP A 1 87  ? 9.771   -4.641  1.712   1.00 40.41 ? 580 TRP A CH2 1 
ATOM   578  N  N   . PRO A 1 88  ? 3.677   -3.315  5.558   1.00 30.71 ? 581 PRO A N   1 
ATOM   579  C  CA  . PRO A 1 88  ? 2.352   -3.993  5.639   1.00 30.80 ? 581 PRO A CA  1 
ATOM   580  C  C   . PRO A 1 88  ? 2.390   -5.432  5.055   1.00 32.27 ? 581 PRO A C   1 
ATOM   581  O  O   . PRO A 1 88  ? 3.062   -5.696  4.055   1.00 31.36 ? 581 PRO A O   1 
ATOM   582  C  CB  . PRO A 1 88  ? 1.439   -3.124  4.790   1.00 31.67 ? 581 PRO A CB  1 
ATOM   583  C  CG  . PRO A 1 88  ? 2.318   -1.985  4.230   1.00 30.22 ? 581 PRO A CG  1 
ATOM   584  C  CD  . PRO A 1 88  ? 3.708   -2.195  4.602   1.00 29.21 ? 581 PRO A CD  1 
ATOM   585  N  N   . ILE A 1 89  ? 1.745   -6.356  5.748   1.00 33.02 ? 582 ILE A N   1 
ATOM   586  C  CA  . ILE A 1 89  ? 1.719   -7.731  5.361   1.00 35.11 ? 582 ILE A CA  1 
ATOM   587  C  C   . ILE A 1 89  ? 0.297   -8.308  5.677   1.00 35.76 ? 582 ILE A C   1 
ATOM   588  O  O   . ILE A 1 89  ? -0.413  -7.825  6.559   1.00 35.42 ? 582 ILE A O   1 
ATOM   589  C  CB  . ILE A 1 89  ? 2.905   -8.480  5.994   1.00 35.65 ? 582 ILE A CB  1 
ATOM   590  C  CG1 . ILE A 1 89  ? 3.059   -9.861  5.352   1.00 38.39 ? 582 ILE A CG1 1 
ATOM   591  C  CG2 . ILE A 1 89  ? 2.750   -8.592  7.550   1.00 37.30 ? 582 ILE A CG2 1 
ATOM   592  C  CD1 . ILE A 1 89  ? 4.316   -10.611 5.876   1.00 42.43 ? 582 ILE A CD1 1 
ATOM   593  N  N   . ILE A 1 90  ? -0.153  -9.258  4.879   1.00 37.32 ? 583 ILE A N   1 
ATOM   594  C  CA  . ILE A 1 90  ? -1.407  -9.931  5.158   1.00 39.70 ? 583 ILE A CA  1 
ATOM   595  C  C   . ILE A 1 90  ? -1.094  -11.231 5.886   1.00 40.87 ? 583 ILE A C   1 
ATOM   596  O  O   . ILE A 1 90  ? -0.217  -11.969 5.484   1.00 41.00 ? 583 ILE A O   1 
ATOM   597  C  CB  . ILE A 1 90  ? -2.214  -10.153 3.890   1.00 40.09 ? 583 ILE A CB  1 
ATOM   598  C  CG1 . ILE A 1 90  ? -2.608  -8.816  3.295   1.00 40.28 ? 583 ILE A CG1 1 
ATOM   599  C  CG2 . ILE A 1 90  ? -3.518  -10.927 4.186   1.00 40.31 ? 583 ILE A CG2 1 
ATOM   600  C  CD1 . ILE A 1 90  ? -3.064  -8.974  1.869   1.00 47.29 ? 583 ILE A CD1 1 
ATOM   601  N  N   . THR A 1 91  ? -1.717  -11.410 7.033   1.00 42.69 ? 584 THR A N   1 
ATOM   602  C  CA  . THR A 1 91  ? -1.716  -12.682 7.755   1.00 45.04 ? 584 THR A CA  1 
ATOM   603  C  C   . THR A 1 91  ? -3.184  -13.000 7.960   1.00 45.35 ? 584 THR A C   1 
ATOM   604  O  O   . THR A 1 91  ? -3.921  -12.157 8.456   1.00 45.13 ? 584 THR A O   1 
ATOM   605  C  CB  . THR A 1 91  ? -1.061  -12.609 9.167   1.00 45.66 ? 584 THR A CB  1 
ATOM   606  O  OG1 . THR A 1 91  ? -0.106  -11.535 9.227   1.00 51.80 ? 584 THR A OG1 1 
ATOM   607  C  CG2 . THR A 1 91  ? -0.363  -13.966 9.546   1.00 46.24 ? 584 THR A CG2 1 
ATOM   608  N  N   . ASP A 1 92  ? -3.624  -14.178 7.526   1.00 47.07 ? 585 ASP A N   1 
ATOM   609  C  CA  . ASP A 1 92  ? -5.016  -14.617 7.734   1.00 47.48 ? 585 ASP A CA  1 
ATOM   610  C  C   . ASP A 1 92  ? -5.992  -13.562 7.287   1.00 47.72 ? 585 ASP A C   1 
ATOM   611  O  O   . ASP A 1 92  ? -6.911  -13.256 8.030   1.00 47.62 ? 585 ASP A O   1 
ATOM   612  C  CB  . ASP A 1 92  ? -5.247  -14.875 9.237   1.00 48.11 ? 585 ASP A CB  1 
ATOM   613  N  N   . GLY A 1 93  ? -5.757  -12.935 6.126   1.00 48.35 ? 586 GLY A N   1 
ATOM   614  C  CA  . GLY A 1 93  ? -6.626  -11.854 5.639   1.00 47.94 ? 586 GLY A CA  1 
ATOM   615  C  C   . GLY A 1 93  ? -6.716  -10.565 6.455   1.00 48.85 ? 586 GLY A C   1 
ATOM   616  O  O   . GLY A 1 93  ? -7.418  -9.634  6.056   1.00 50.31 ? 586 GLY A O   1 
ATOM   617  N  N   . LYS A 1 94  ? -6.059  -10.476 7.608   1.00 48.25 ? 587 LYS A N   1 
ATOM   618  C  CA  . LYS A 1 94  ? -5.981  -9.207  8.314   1.00 47.64 ? 587 LYS A CA  1 
ATOM   619  C  C   . LYS A 1 94  ? -4.670  -8.463  7.869   1.00 47.25 ? 587 LYS A C   1 
ATOM   620  O  O   . LYS A 1 94  ? -3.628  -9.084  7.653   1.00 45.95 ? 587 LYS A O   1 
ATOM   621  C  CB  . LYS A 1 94  ? -6.021  -9.431  9.840   1.00 47.09 ? 587 LYS A CB  1 
ATOM   622  N  N   . LEU A 1 95  ? -4.736  -7.137  7.757   1.00 46.63 ? 588 LEU A N   1 
ATOM   623  C  CA  . LEU A 1 95  ? -3.550  -6.329  7.490   1.00 46.47 ? 588 LEU A CA  1 
ATOM   624  C  C   . LEU A 1 95  ? -2.782  -6.116  8.784   1.00 46.13 ? 588 LEU A C   1 
ATOM   625  O  O   . LEU A 1 95  ? -3.343  -5.655  9.761   1.00 46.86 ? 588 LEU A O   1 
ATOM   626  C  CB  . LEU A 1 95  ? -3.922  -4.965  6.882   1.00 46.09 ? 588 LEU A CB  1 
ATOM   627  C  CG  . LEU A 1 95  ? -2.759  -4.140  6.270   1.00 46.91 ? 588 LEU A CG  1 
ATOM   628  C  CD1 . LEU A 1 95  ? -2.212  -4.791  4.999   1.00 45.15 ? 588 LEU A CD1 1 
ATOM   629  C  CD2 . LEU A 1 95  ? -3.222  -2.753  5.974   1.00 46.40 ? 588 LEU A CD2 1 
ATOM   630  N  N   . GLU A 1 96  ? -1.521  -6.510  8.827   1.00 45.69 ? 589 GLU A N   1 
ATOM   631  C  CA  . GLU A 1 96  ? -0.660  -5.966  9.869   1.00 45.70 ? 589 GLU A CA  1 
ATOM   632  C  C   . GLU A 1 96  ? 0.514   -5.230  9.269   1.00 43.66 ? 589 GLU A C   1 
ATOM   633  O  O   . GLU A 1 96  ? 0.807   -5.368  8.090   1.00 42.33 ? 589 GLU A O   1 
ATOM   634  C  CB  . GLU A 1 96  ? -0.214  -6.997  10.907  1.00 46.56 ? 589 GLU A CB  1 
ATOM   635  C  CG  . GLU A 1 96  ? 0.407   -8.245  10.441  1.00 50.36 ? 589 GLU A CG  1 
ATOM   636  C  CD  . GLU A 1 96  ? 0.703   -9.211  11.612  1.00 57.91 ? 589 GLU A CD  1 
ATOM   637  O  OE1 . GLU A 1 96  ? 0.794   -8.744  12.778  1.00 57.80 ? 589 GLU A OE1 1 
ATOM   638  O  OE2 . GLU A 1 96  ? 0.860   -10.445 11.362  1.00 63.33 ? 589 GLU A OE2 1 
ATOM   639  N  N   . THR A 1 97  ? 1.117   -4.404  10.103  1.00 42.57 ? 590 THR A N   1 
ATOM   640  C  CA  . THR A 1 97  ? 2.316   -3.657  9.785   1.00 42.02 ? 590 THR A CA  1 
ATOM   641  C  C   . THR A 1 97  ? 3.440   -4.186  10.650  1.00 40.88 ? 590 THR A C   1 
ATOM   642  O  O   . THR A 1 97  ? 3.369   -4.154  11.861  1.00 40.90 ? 590 THR A O   1 
ATOM   643  C  CB  . THR A 1 97  ? 2.106   -2.158  10.004  1.00 42.30 ? 590 THR A CB  1 
ATOM   644  O  OG1 . THR A 1 97  ? 0.945   -1.750  9.280   1.00 44.17 ? 590 THR A OG1 1 
ATOM   645  C  CG2 . THR A 1 97  ? 3.296   -1.324  9.459   1.00 42.38 ? 590 THR A CG2 1 
ATOM   646  N  N   . PHE A 1 98  ? 4.442   -4.746  10.007  1.00 39.04 ? 591 PHE A N   1 
ATOM   647  C  CA  . PHE A 1 98  ? 5.711   -4.953  10.633  1.00 38.22 ? 591 PHE A CA  1 
ATOM   648  C  C   . PHE A 1 98  ? 6.566   -3.660  10.517  1.00 36.82 ? 591 PHE A C   1 
ATOM   649  O  O   . PHE A 1 98  ? 6.292   -2.774  9.702   1.00 34.80 ? 591 PHE A O   1 
ATOM   650  C  CB  . PHE A 1 98  ? 6.408   -6.159  9.982   1.00 38.55 ? 591 PHE A CB  1 
ATOM   651  C  CG  . PHE A 1 98  ? 5.682   -7.485  10.196  1.00 41.16 ? 591 PHE A CG  1 
ATOM   652  C  CD1 . PHE A 1 98  ? 4.551   -7.581  10.998  1.00 42.63 ? 591 PHE A CD1 1 
ATOM   653  C  CD2 . PHE A 1 98  ? 6.163   -8.640  9.621   1.00 42.83 ? 591 PHE A CD2 1 
ATOM   654  C  CE1 . PHE A 1 98  ? 3.906   -8.819  11.213  1.00 45.36 ? 591 PHE A CE1 1 
ATOM   655  C  CE2 . PHE A 1 98  ? 5.536   -9.884  9.844   1.00 43.92 ? 591 PHE A CE2 1 
ATOM   656  C  CZ  . PHE A 1 98  ? 4.410   -9.974  10.644  1.00 44.59 ? 591 PHE A CZ  1 
ATOM   657  N  N   . ILE A 1 99  ? 7.579   -3.533  11.375  1.00 35.91 ? 592 ILE A N   1 
ATOM   658  C  CA  . ILE A 1 99  ? 8.528   -2.447  11.267  1.00 35.42 ? 592 ILE A CA  1 
ATOM   659  C  C   . ILE A 1 99  ? 9.921   -2.971  10.991  1.00 34.67 ? 592 ILE A C   1 
ATOM   660  O  O   . ILE A 1 99  ? 10.433  -3.830  11.683  1.00 34.21 ? 592 ILE A O   1 
ATOM   661  C  CB  . ILE A 1 99  ? 8.565   -1.570  12.497  1.00 36.21 ? 592 ILE A CB  1 
ATOM   662  C  CG1 . ILE A 1 99  ? 7.170   -0.990  12.834  1.00 38.18 ? 592 ILE A CG1 1 
ATOM   663  C  CG2 . ILE A 1 99  ? 9.588   -0.426  12.305  1.00 37.22 ? 592 ILE A CG2 1 
ATOM   664  C  CD1 . ILE A 1 99  ? 6.635   0.008   11.802  1.00 39.44 ? 592 ILE A CD1 1 
ATOM   665  N  N   . ILE A 1 100 ? 10.544  -2.434  9.956   1.00 35.00 ? 593 ILE A N   1 
ATOM   666  C  CA  . ILE A 1 100 ? 11.913  -2.782  9.684   1.00 34.91 ? 593 ILE A CA  1 
ATOM   667  C  C   . ILE A 1 100 ? 12.830  -1.640  10.141  1.00 35.05 ? 593 ILE A C   1 
ATOM   668  O  O   . ILE A 1 100 ? 12.840  -0.563  9.558   1.00 33.49 ? 593 ILE A O   1 
ATOM   669  C  CB  . ILE A 1 100 ? 12.122  -3.181  8.215   1.00 34.85 ? 593 ILE A CB  1 
ATOM   670  C  CG1 . ILE A 1 100 ? 11.064  -4.223  7.806   1.00 34.97 ? 593 ILE A CG1 1 
ATOM   671  C  CG2 . ILE A 1 100 ? 13.536  -3.743  8.023   1.00 35.37 ? 593 ILE A CG2 1 
ATOM   672  C  CD1 . ILE A 1 100 ? 11.373  -4.975  6.615   1.00 34.18 ? 593 ILE A CD1 1 
ATOM   673  N  N   . LYS A 1 101 ? 13.610  -1.901  11.190  1.00 36.44 ? 594 LYS A N   1 
ATOM   674  C  CA  . LYS A 1 101 ? 14.573  -0.948  11.717  1.00 37.56 ? 594 LYS A CA  1 
ATOM   675  C  C   . LYS A 1 101 ? 15.948  -1.237  11.151  1.00 39.43 ? 594 LYS A C   1 
ATOM   676  O  O   . LYS A 1 101 ? 16.503  -2.297  11.390  1.00 40.23 ? 594 LYS A O   1 
ATOM   677  C  CB  . LYS A 1 101 ? 14.665  -1.027  13.229  1.00 37.79 ? 594 LYS A CB  1 
ATOM   678  N  N   . VAL A 1 102 ? 16.496  -0.285  10.416  1.00 41.13 ? 595 VAL A N   1 
ATOM   679  C  CA  . VAL A 1 102 ? 17.928  -0.267  10.123  1.00 43.63 ? 595 VAL A CA  1 
ATOM   680  C  C   . VAL A 1 102 ? 18.716  0.784   11.019  1.00 46.12 ? 595 VAL A C   1 
ATOM   681  O  O   . VAL A 1 102 ? 18.118  1.633   11.720  1.00 45.38 ? 595 VAL A O   1 
ATOM   682  C  CB  . VAL A 1 102 ? 18.121  -0.124  8.590   1.00 43.77 ? 595 VAL A CB  1 
ATOM   683  C  CG1 . VAL A 1 102 ? 17.414  -1.303  7.847   1.00 42.06 ? 595 VAL A CG1 1 
ATOM   684  C  CG2 . VAL A 1 102 ? 17.544  1.195   8.065   1.00 44.30 ? 595 VAL A CG2 1 
ATOM   685  N  N   . LYS A 1 103 ? 20.053  0.692   11.017  1.00 48.72 ? 596 LYS A N   1 
ATOM   686  C  CA  . LYS A 1 103 ? 20.933  1.626   11.759  1.00 49.61 ? 596 LYS A CA  1 
ATOM   687  C  C   . LYS A 1 103 ? 20.822  3.044   11.234  1.00 50.37 ? 596 LYS A C   1 
ATOM   688  O  O   . LYS A 1 103 ? 20.482  3.950   11.975  1.00 51.97 ? 596 LYS A O   1 
ATOM   689  C  CB  . LYS A 1 103 ? 22.418  1.174   11.721  1.00 49.63 ? 596 LYS A CB  1 
ATOM   690  N  N   . GLN A 1 104 ? 21.109  3.258   9.961   1.00 51.57 ? 597 GLN A N   1 
ATOM   691  C  CA  . GLN A 1 104 ? 21.162  4.626   9.430   1.00 51.52 ? 597 GLN A CA  1 
ATOM   692  C  C   . GLN A 1 104 ? 19.944  4.975   8.617   1.00 51.39 ? 597 GLN A C   1 
ATOM   693  O  O   . GLN A 1 104 ? 19.299  4.108   8.013   1.00 51.03 ? 597 GLN A O   1 
ATOM   694  C  CB  . GLN A 1 104 ? 22.387  4.834   8.538   1.00 51.92 ? 597 GLN A CB  1 
ATOM   695  C  CG  . GLN A 1 104 ? 23.728  4.760   9.255   1.00 55.07 ? 597 GLN A CG  1 
ATOM   696  C  CD  . GLN A 1 104 ? 24.917  4.965   8.299   1.00 58.60 ? 597 GLN A CD  1 
ATOM   697  O  OE1 . GLN A 1 104 ? 24.850  5.757   7.343   1.00 59.48 ? 597 GLN A OE1 1 
ATOM   698  N  NE2 . GLN A 1 104 ? 26.015  4.254   8.561   1.00 59.57 ? 597 GLN A NE2 1 
ATOM   699  N  N   . LYS A 1 105 ? 19.718  6.279   8.515   1.00 51.12 ? 598 LYS A N   1 
ATOM   700  C  CA  . LYS A 1 105 ? 18.552  6.846   7.896   1.00 50.90 ? 598 LYS A CA  1 
ATOM   701  C  C   . LYS A 1 105 ? 18.631  6.839   6.378   1.00 50.67 ? 598 LYS A C   1 
ATOM   702  O  O   . LYS A 1 105 ? 17.592  6.870   5.704   1.00 51.31 ? 598 LYS A O   1 
ATOM   703  C  CB  . LYS A 1 105 ? 18.305  8.284   8.455   1.00 51.41 ? 598 LYS A CB  1 
ATOM   704  N  N   . ALA A 1 106 ? 19.831  6.802   5.798   1.00 50.39 ? 599 ALA A N   1 
ATOM   705  C  CA  . ALA A 1 106 ? 19.949  6.760   4.297   1.00 49.65 ? 599 ALA A CA  1 
ATOM   706  C  C   . ALA A 1 106 ? 19.669  5.341   3.774   1.00 48.22 ? 599 ALA A C   1 
ATOM   707  O  O   . ALA A 1 106 ? 19.211  5.164   2.654   1.00 47.86 ? 599 ALA A O   1 
ATOM   708  C  CB  . ALA A 1 106 ? 21.347  7.241   3.813   1.00 50.05 ? 599 ALA A CB  1 
ATOM   709  N  N   . ASP A 1 107 ? 19.987  4.363   4.613   1.00 47.21 ? 600 ASP A N   1 
ATOM   710  C  CA  . ASP A 1 107 ? 19.667  2.952   4.393   1.00 47.36 ? 600 ASP A CA  1 
ATOM   711  C  C   . ASP A 1 107 ? 18.136  2.708   4.259   1.00 45.14 ? 600 ASP A C   1 
ATOM   712  O  O   . ASP A 1 107 ? 17.708  1.896   3.457   1.00 45.21 ? 600 ASP A O   1 
ATOM   713  C  CB  . ASP A 1 107 ? 20.164  2.125   5.582   1.00 48.58 ? 600 ASP A CB  1 
ATOM   714  C  CG  . ASP A 1 107 ? 21.675  2.157   5.763   1.00 53.02 ? 600 ASP A CG  1 
ATOM   715  O  OD1 . ASP A 1 107 ? 22.403  2.358   4.757   1.00 62.83 ? 600 ASP A OD1 1 
ATOM   716  O  OD2 . ASP A 1 107 ? 22.143  1.914   6.899   1.00 54.39 ? 600 ASP A OD2 1 
ATOM   717  N  N   . GLY A 1 108 ? 17.329  3.412   5.059   1.00 43.09 ? 601 GLY A N   1 
ATOM   718  C  CA  . GLY A 1 108 ? 15.875  3.358   4.966   1.00 40.80 ? 601 GLY A CA  1 
ATOM   719  C  C   . GLY A 1 108 ? 15.425  3.999   3.708   1.00 39.02 ? 601 GLY A C   1 
ATOM   720  O  O   . GLY A 1 108 ? 14.575  3.455   3.002   1.00 38.56 ? 601 GLY A O   1 
ATOM   721  N  N   . ARG A 1 109 ? 16.031  5.123   3.366   1.00 38.00 ? 602 ARG A N   1 
ATOM   722  C  CA  . ARG A 1 109 ? 15.700  5.799   2.092   1.00 37.46 ? 602 ARG A CA  1 
ATOM   723  C  C   . ARG A 1 109 ? 15.989  4.915   0.888   1.00 36.79 ? 602 ARG A C   1 
ATOM   724  O  O   . ARG A 1 109 ? 15.253  4.887   -0.052  1.00 38.85 ? 602 ARG A O   1 
ATOM   725  C  CB  . ARG A 1 109 ? 16.454  7.136   1.966   1.00 38.03 ? 602 ARG A CB  1 
ATOM   726  N  N   . ARG A 1 110 ? 17.060  4.167   0.923   1.00 36.84 ? 603 ARG A N   1 
ATOM   727  C  CA  . ARG A 1 110 ? 17.440  3.282   -0.185  1.00 37.08 ? 603 ARG A CA  1 
ATOM   728  C  C   . ARG A 1 110 ? 16.493  2.065   -0.284  1.00 34.89 ? 603 ARG A C   1 
ATOM   729  O  O   . ARG A 1 110 ? 16.033  1.711   -1.386  1.00 34.12 ? 603 ARG A O   1 
ATOM   730  C  CB  . ARG A 1 110 ? 18.880  2.808   0.043   1.00 38.07 ? 603 ARG A CB  1 
ATOM   731  C  CG  . ARG A 1 110 ? 19.598  2.269   -1.219  1.00 44.03 ? 603 ARG A CG  1 
ATOM   732  C  CD  . ARG A 1 110 ? 21.171  2.312   -1.041  1.00 47.79 ? 603 ARG A CD  1 
ATOM   733  N  NE  . ARG A 1 110 ? 21.680  3.693   -0.953  1.00 52.44 ? 603 ARG A NE  1 
ATOM   734  C  CZ  . ARG A 1 110 ? 22.196  4.275   0.142   1.00 55.09 ? 603 ARG A CZ  1 
ATOM   735  N  NH1 . ARG A 1 110 ? 22.318  3.599   1.288   1.00 55.97 ? 603 ARG A NH1 1 
ATOM   736  N  NH2 . ARG A 1 110 ? 22.608  5.552   0.088   1.00 52.93 ? 603 ARG A NH2 1 
ATOM   737  N  N   . LEU A 1 111 ? 16.163  1.485   0.866   1.00 33.38 ? 604 LEU A N   1 
ATOM   738  C  CA  . LEU A 1 111 ? 15.194  0.340   0.926   1.00 32.80 ? 604 LEU A CA  1 
ATOM   739  C  C   . LEU A 1 111 ? 13.900  0.728   0.342   1.00 31.45 ? 604 LEU A C   1 
ATOM   740  O  O   . LEU A 1 111 ? 13.365  0.009   -0.496  1.00 31.42 ? 604 LEU A O   1 
ATOM   741  C  CB  . LEU A 1 111 ? 14.944  -0.168  2.342   1.00 32.85 ? 604 LEU A CB  1 
ATOM   742  C  CG  . LEU A 1 111 ? 13.884  -1.314  2.460   1.00 34.94 ? 604 LEU A CG  1 
ATOM   743  C  CD1 . LEU A 1 111 ? 14.144  -2.490  1.506   1.00 35.86 ? 604 LEU A CD1 1 
ATOM   744  C  CD2 . LEU A 1 111 ? 13.861  -1.795  3.875   1.00 33.98 ? 604 LEU A CD2 1 
ATOM   745  N  N   . VAL A 1 112 ? 13.425  1.912   0.710   1.00 31.42 ? 605 VAL A N   1 
ATOM   746  C  CA  . VAL A 1 112 ? 12.191  2.449   0.118   1.00 30.64 ? 605 VAL A CA  1 
ATOM   747  C  C   . VAL A 1 112 ? 12.310  2.652   -1.348  1.00 30.79 ? 605 VAL A C   1 
ATOM   748  O  O   . VAL A 1 112 ? 11.393  2.258   -2.114  1.00 31.18 ? 605 VAL A O   1 
ATOM   749  C  CB  . VAL A 1 112 ? 11.744  3.783   0.808   1.00 31.35 ? 605 VAL A CB  1 
ATOM   750  C  CG1 . VAL A 1 112 ? 10.677  4.516   0.001   1.00 29.42 ? 605 VAL A CG1 1 
ATOM   751  C  CG2 . VAL A 1 112 ? 11.283  3.468   2.215   1.00 29.50 ? 605 VAL A CG2 1 
ATOM   752  N  N   . GLY A 1 113 ? 13.419  3.277   -1.769  1.00 31.08 ? 606 GLY A N   1 
ATOM   753  C  CA  . GLY A 1 113 ? 13.655  3.495   -3.215  1.00 29.93 ? 606 GLY A CA  1 
ATOM   754  C  C   . GLY A 1 113 ? 13.807  2.163   -3.970  1.00 28.97 ? 606 GLY A C   1 
ATOM   755  O  O   . GLY A 1 113 ? 13.267  1.978   -5.040  1.00 28.70 ? 606 GLY A O   1 
ATOM   756  N  N   . ALA A 1 114 ? 14.486  1.202   -3.364  1.00 28.94 ? 607 ALA A N   1 
ATOM   757  C  CA  . ALA A 1 114 ? 14.689  -0.124  -4.023  1.00 28.52 ? 607 ALA A CA  1 
ATOM   758  C  C   . ALA A 1 114 ? 13.361  -0.867  -4.155  1.00 28.22 ? 607 ALA A C   1 
ATOM   759  O  O   . ALA A 1 114 ? 13.044  -1.364  -5.226  1.00 28.01 ? 607 ALA A O   1 
ATOM   760  C  CB  . ALA A 1 114 ? 15.749  -0.918  -3.299  1.00 28.20 ? 607 ALA A CB  1 
ATOM   761  N  N   . VAL A 1 115 ? 12.468  -0.747  -3.158  1.00 27.88 ? 608 VAL A N   1 
ATOM   762  C  CA  . VAL A 1 115 ? 11.167  -1.405  -3.262  1.00 27.05 ? 608 VAL A CA  1 
ATOM   763  C  C   . VAL A 1 115 ? 10.295  -0.727  -4.266  1.00 27.90 ? 608 VAL A C   1 
ATOM   764  O  O   . VAL A 1 115 ? 9.658   -1.386  -5.114  1.00 28.07 ? 608 VAL A O   1 
ATOM   765  C  CB  . VAL A 1 115 ? 10.514  -1.577  -1.868  1.00 27.49 ? 608 VAL A CB  1 
ATOM   766  C  CG1 . VAL A 1 115 ? 9.095   -2.148  -1.978  1.00 28.32 ? 608 VAL A CG1 1 
ATOM   767  C  CG2 . VAL A 1 115 ? 11.416  -2.474  -0.985  1.00 25.35 ? 608 VAL A CG2 1 
ATOM   768  N  N   . ALA A 1 116 ? 10.246  0.609   -4.232  1.00 30.33 ? 609 ALA A N   1 
ATOM   769  C  CA  . ALA A 1 116 ? 9.389   1.345   -5.196  1.00 30.62 ? 609 ALA A CA  1 
ATOM   770  C  C   . ALA A 1 116 ? 9.829   1.063   -6.633  1.00 30.95 ? 609 ALA A C   1 
ATOM   771  O  O   . ALA A 1 116 ? 9.001   0.862   -7.532  1.00 32.25 ? 609 ALA A O   1 
ATOM   772  C  CB  . ALA A 1 116 ? 9.414   2.906   -4.901  1.00 29.93 ? 609 ALA A CB  1 
ATOM   773  N  N   . ASP A 1 117 ? 11.129  1.090   -6.856  1.00 31.66 ? 610 ASP A N   1 
ATOM   774  C  CA  . ASP A 1 117 ? 11.687  0.754   -8.199  1.00 32.77 ? 610 ASP A CA  1 
ATOM   775  C  C   . ASP A 1 117 ? 11.371  -0.683  -8.619  1.00 32.15 ? 610 ASP A C   1 
ATOM   776  O  O   . ASP A 1 117 ? 10.988  -0.920  -9.774  1.00 31.73 ? 610 ASP A O   1 
ATOM   777  C  CB  . ASP A 1 117 ? 13.201  0.940   -8.203  1.00 32.74 ? 610 ASP A CB  1 
ATOM   778  N  N   . ALA A 1 118 ? 11.497  -1.638  -7.683  1.00 32.99 ? 611 ALA A N   1 
ATOM   779  C  CA  . ALA A 1 118 ? 11.074  -3.038  -7.952  1.00 33.07 ? 611 ALA A CA  1 
ATOM   780  C  C   . ALA A 1 118 ? 9.568   -3.124  -8.270  1.00 33.85 ? 611 ALA A C   1 
ATOM   781  O  O   . ALA A 1 118 ? 9.169   -3.889  -9.142  1.00 33.21 ? 611 ALA A O   1 
ATOM   782  C  CB  . ALA A 1 118 ? 11.446  -3.968  -6.804  1.00 32.85 ? 611 ALA A CB  1 
ATOM   783  N  N   . GLN A 1 119 ? 8.733   -2.329  -7.602  1.00 34.94 ? 612 GLN A N   1 
ATOM   784  C  CA  . GLN A 1 119 ? 7.269   -2.343  -7.897  1.00 36.63 ? 612 GLN A CA  1 
ATOM   785  C  C   . GLN A 1 119 ? 6.919   -1.747  -9.265  1.00 38.69 ? 612 GLN A C   1 
ATOM   786  O  O   . GLN A 1 119 ? 6.037   -2.275  -9.954  1.00 38.82 ? 612 GLN A O   1 
ATOM   787  C  CB  . GLN A 1 119 ? 6.461   -1.578  -6.841  1.00 36.63 ? 612 GLN A CB  1 
ATOM   788  C  CG  . GLN A 1 119 ? 6.361   -2.216  -5.428  1.00 36.74 ? 612 GLN A CG  1 
ATOM   789  C  CD  . GLN A 1 119 ? 5.631   -1.303  -4.440  1.00 35.82 ? 612 GLN A CD  1 
ATOM   790  O  OE1 . GLN A 1 119 ? 5.884   -0.117  -4.374  1.00 31.67 ? 612 GLN A OE1 1 
ATOM   791  N  NE2 . GLN A 1 119 ? 4.744   -1.870  -3.668  1.00 35.34 ? 612 GLN A NE2 1 
ATOM   792  N  N   . GLN A 1 120 ? 7.557   -0.635  -9.653  1.00 41.04 ? 613 GLN A N   1 
ATOM   793  C  CA  . GLN A 1 120 ? 7.329   -0.060  -11.015 1.00 43.19 ? 613 GLN A CA  1 
ATOM   794  C  C   . GLN A 1 120 ? 7.834   -1.034  -12.101 1.00 44.96 ? 613 GLN A C   1 
ATOM   795  O  O   . GLN A 1 120 ? 7.168   -1.232  -13.111 1.00 46.00 ? 613 GLN A O   1 
ATOM   796  C  CB  . GLN A 1 120 ? 7.989   1.314   -11.190 1.00 42.72 ? 613 GLN A CB  1 
ATOM   797  N  N   . ALA A 1 121 ? 8.975   -1.683  -11.875 1.00 46.47 ? 614 ALA A N   1 
ATOM   798  C  CA  . ALA A 1 121 ? 9.447   -2.709  -12.816 1.00 48.02 ? 614 ALA A CA  1 
ATOM   799  C  C   . ALA A 1 121 ? 8.532   -3.924  -12.985 1.00 49.74 ? 614 ALA A C   1 
ATOM   800  O  O   . ALA A 1 121 ? 8.588   -4.579  -14.011 1.00 50.63 ? 614 ALA A O   1 
ATOM   801  C  CB  . ALA A 1 121 ? 10.849  -3.177  -12.419 1.00 47.89 ? 614 ALA A CB  1 
HETATM 802  N  N   . MSE A 1 122 ? 7.707   -4.253  -11.995 1.00 51.60 ? 615 MSE A N   1 
HETATM 803  C  CA  . MSE A 1 122 ? 6.904   -5.477  -12.070 1.00 53.29 ? 615 MSE A CA  1 
HETATM 804  C  C   . MSE A 1 122 ? 5.574   -5.191  -12.739 1.00 53.69 ? 615 MSE A C   1 
HETATM 805  O  O   . MSE A 1 122 ? 5.454   -4.207  -13.469 1.00 55.12 ? 615 MSE A O   1 
HETATM 806  C  CB  . MSE A 1 122 ? 6.728   -6.172  -10.679 1.00 53.85 ? 615 MSE A CB  1 
HETATM 807  C  CG  . MSE A 1 122 ? 5.936   -5.419  -9.593  1.00 56.04 ? 615 MSE A CG  1 
HETATM 808  SE SE  . MSE A 1 122 ? 6.007   -6.173  -7.693  1.00 59.58 ? 615 MSE A SE  1 
HETATM 809  C  CE  . MSE A 1 122 ? 7.848   -5.951  -7.175  1.00 55.74 ? 615 MSE A CE  1 
ATOM   810  N  N   . GLU B 1 10  ? -17.212 18.591  5.770   1.00 45.11 ? 503 GLU B N   1 
ATOM   811  C  CA  . GLU B 1 10  ? -16.647 17.840  4.588   1.00 45.77 ? 503 GLU B CA  1 
ATOM   812  C  C   . GLU B 1 10  ? -16.625 18.580  3.217   1.00 44.71 ? 503 GLU B C   1 
ATOM   813  O  O   . GLU B 1 10  ? -17.617 19.149  2.774   1.00 44.66 ? 503 GLU B O   1 
ATOM   814  C  CB  . GLU B 1 10  ? -17.312 16.441  4.457   1.00 45.84 ? 503 GLU B CB  1 
ATOM   815  C  CG  . GLU B 1 10  ? -16.534 15.348  5.244   1.00 47.53 ? 503 GLU B CG  1 
ATOM   816  C  CD  . GLU B 1 10  ? -17.151 13.928  5.215   1.00 49.36 ? 503 GLU B CD  1 
ATOM   817  O  OE1 . GLU B 1 10  ? -18.389 13.779  5.131   1.00 50.84 ? 503 GLU B OE1 1 
ATOM   818  O  OE2 . GLU B 1 10  ? -16.374 12.943  5.298   1.00 50.36 ? 503 GLU B OE2 1 
ATOM   819  N  N   . GLU B 1 11  ? -15.487 18.530  2.531   1.00 44.35 ? 504 GLU B N   1 
ATOM   820  C  CA  . GLU B 1 11  ? -15.374 19.103  1.182   1.00 44.01 ? 504 GLU B CA  1 
ATOM   821  C  C   . GLU B 1 11  ? -15.118 18.012  0.176   1.00 43.05 ? 504 GLU B C   1 
ATOM   822  O  O   . GLU B 1 11  ? -14.471 17.030  0.474   1.00 42.54 ? 504 GLU B O   1 
ATOM   823  C  CB  . GLU B 1 11  ? -14.284 20.173  1.124   1.00 45.07 ? 504 GLU B CB  1 
ATOM   824  C  CG  . GLU B 1 11  ? -12.832 19.690  1.365   1.00 49.46 ? 504 GLU B CG  1 
ATOM   825  C  CD  . GLU B 1 11  ? -11.922 20.758  1.990   1.00 55.25 ? 504 GLU B CD  1 
ATOM   826  O  OE1 . GLU B 1 11  ? -10.658 20.584  2.014   1.00 58.78 ? 504 GLU B OE1 1 
ATOM   827  O  OE2 . GLU B 1 11  ? -12.479 21.766  2.494   1.00 60.30 ? 504 GLU B OE2 1 
ATOM   828  N  N   . VAL B 1 12  ? -15.680 18.175  -1.008  1.00 41.46 ? 505 VAL B N   1 
ATOM   829  C  CA  . VAL B 1 12  ? -15.501 17.258  -2.095  1.00 40.50 ? 505 VAL B CA  1 
ATOM   830  C  C   . VAL B 1 12  ? -14.162 17.538  -2.791  1.00 41.38 ? 505 VAL B C   1 
ATOM   831  O  O   . VAL B 1 12  ? -13.839 18.693  -3.126  1.00 42.35 ? 505 VAL B O   1 
ATOM   832  C  CB  . VAL B 1 12  ? -16.683 17.328  -3.085  1.00 40.04 ? 505 VAL B CB  1 
ATOM   833  C  CG1 . VAL B 1 12  ? -16.547 16.226  -4.176  1.00 36.79 ? 505 VAL B CG1 1 
ATOM   834  C  CG2 . VAL B 1 12  ? -18.024 17.161  -2.317  1.00 38.14 ? 505 VAL B CG2 1 
ATOM   835  N  N   . LEU B 1 13  ? -13.397 16.470  -2.986  1.00 41.29 ? 506 LEU B N   1 
ATOM   836  C  CA  . LEU B 1 13  ? -12.161 16.480  -3.744  1.00 42.37 ? 506 LEU B CA  1 
ATOM   837  C  C   . LEU B 1 13  ? -12.279 15.832  -5.118  1.00 42.00 ? 506 LEU B C   1 
ATOM   838  O  O   . LEU B 1 13  ? -11.515 16.124  -5.984  1.00 41.75 ? 506 LEU B O   1 
ATOM   839  C  CB  . LEU B 1 13  ? -11.087 15.746  -2.967  1.00 42.94 ? 506 LEU B CB  1 
ATOM   840  C  CG  . LEU B 1 13  ? -10.730 16.396  -1.644  1.00 45.69 ? 506 LEU B CG  1 
ATOM   841  C  CD1 . LEU B 1 13  ? -9.863  15.431  -0.837  1.00 47.76 ? 506 LEU B CD1 1 
ATOM   842  C  CD2 . LEU B 1 13  ? -10.036 17.724  -1.861  1.00 47.80 ? 506 LEU B CD2 1 
ATOM   843  N  N   . PHE B 1 14  ? -13.227 14.937  -5.308  1.00 42.94 ? 507 PHE B N   1 
ATOM   844  C  CA  . PHE B 1 14  ? -13.371 14.260  -6.577  1.00 43.29 ? 507 PHE B CA  1 
ATOM   845  C  C   . PHE B 1 14  ? -14.752 13.693  -6.575  1.00 44.29 ? 507 PHE B C   1 
ATOM   846  O  O   . PHE B 1 14  ? -15.272 13.293  -5.534  1.00 44.05 ? 507 PHE B O   1 
ATOM   847  C  CB  . PHE B 1 14  ? -12.301 13.132  -6.716  1.00 43.48 ? 507 PHE B CB  1 
ATOM   848  C  CG  . PHE B 1 14  ? -12.568 12.117  -7.839  1.00 41.51 ? 507 PHE B CG  1 
ATOM   849  C  CD1 . PHE B 1 14  ? -11.802 12.129  -9.005  1.00 40.47 ? 507 PHE B CD1 1 
ATOM   850  C  CD2 . PHE B 1 14  ? -13.554 11.123  -7.710  1.00 41.90 ? 507 PHE B CD2 1 
ATOM   851  C  CE1 . PHE B 1 14  ? -12.034 11.184  -10.054 1.00 42.25 ? 507 PHE B CE1 1 
ATOM   852  C  CE2 . PHE B 1 14  ? -13.811 10.164  -8.766  1.00 40.84 ? 507 PHE B CE2 1 
ATOM   853  C  CZ  . PHE B 1 14  ? -13.051 10.191  -9.924  1.00 41.88 ? 507 PHE B CZ  1 
ATOM   854  N  N   . CYS B 1 15  ? -15.342 13.655  -7.758  1.00 45.37 ? 508 CYS B N   1 
ATOM   855  C  CA  . CYS B 1 15  ? -16.625 13.040  -7.982  1.00 46.44 ? 508 CYS B CA  1 
ATOM   856  C  C   . CYS B 1 15  ? -16.617 12.515  -9.431  1.00 46.30 ? 508 CYS B C   1 
ATOM   857  O  O   . CYS B 1 15  ? -15.952 13.097  -10.309 1.00 46.45 ? 508 CYS B O   1 
ATOM   858  C  CB  . CYS B 1 15  ? -17.760 14.055  -7.731  1.00 46.73 ? 508 CYS B CB  1 
ATOM   859  S  SG  . CYS B 1 15  ? -19.458 13.309  -7.767  1.00 51.21 ? 508 CYS B SG  1 
ATOM   860  N  N   . GLU B 1 16  ? -17.295 11.387  -9.647  1.00 46.36 ? 509 GLU B N   1 
ATOM   861  C  CA  . GLU B 1 16  ? -17.397 10.735  -10.956 1.00 46.38 ? 509 GLU B CA  1 
ATOM   862  C  C   . GLU B 1 16  ? -18.410 9.657   -10.820 1.00 46.31 ? 509 GLU B C   1 
ATOM   863  O  O   . GLU B 1 16  ? -18.609 9.155   -9.737  1.00 47.87 ? 509 GLU B O   1 
ATOM   864  C  CB  . GLU B 1 16  ? -16.070 10.105  -11.387 1.00 46.90 ? 509 GLU B CB  1 
ATOM   865  N  N   . LYS B 1 17  ? -19.083 9.305   -11.894 1.00 46.56 ? 510 LYS B N   1 
ATOM   866  C  CA  . LYS B 1 17  ? -19.925 8.123   -11.898 1.00 46.73 ? 510 LYS B CA  1 
ATOM   867  C  C   . LYS B 1 17  ? -18.963 6.919   -11.943 1.00 45.56 ? 510 LYS B C   1 
ATOM   868  O  O   . LYS B 1 17  ? -17.927 6.985   -12.577 1.00 45.45 ? 510 LYS B O   1 
ATOM   869  C  CB  . LYS B 1 17  ? -20.851 8.152   -13.111 1.00 47.38 ? 510 LYS B CB  1 
ATOM   870  C  CG  . LYS B 1 17  ? -21.901 7.038   -13.176 1.00 51.94 ? 510 LYS B CG  1 
ATOM   871  C  CD  . LYS B 1 17  ? -23.223 7.454   -12.503 1.00 56.92 ? 510 LYS B CD  1 
ATOM   872  C  CE  . LYS B 1 17  ? -24.368 6.490   -12.833 1.00 58.93 ? 510 LYS B CE  1 
ATOM   873  N  NZ  . LYS B 1 17  ? -24.586 6.264   -14.306 1.00 60.58 ? 510 LYS B NZ  1 
ATOM   874  N  N   . ALA B 1 18  ? -19.278 5.846   -11.239 1.00 44.45 ? 511 ALA B N   1 
ATOM   875  C  CA  . ALA B 1 18  ? -18.378 4.730   -11.154 1.00 44.29 ? 511 ALA B CA  1 
ATOM   876  C  C   . ALA B 1 18  ? -19.186 3.488   -11.041 1.00 44.56 ? 511 ALA B C   1 
ATOM   877  O  O   . ALA B 1 18  ? -20.253 3.515   -10.480 1.00 44.70 ? 511 ALA B O   1 
ATOM   878  C  CB  . ALA B 1 18  ? -17.413 4.846   -9.926  1.00 43.55 ? 511 ALA B CB  1 
ATOM   879  N  N   . LYS B 1 19  ? -18.686 2.398   -11.613 1.00 44.40 ? 512 LYS B N   1 
ATOM   880  C  CA  . LYS B 1 19  ? -19.183 1.096   -11.225 1.00 44.58 ? 512 LYS B CA  1 
ATOM   881  C  C   . LYS B 1 19  ? -18.164 0.449   -10.258 1.00 43.90 ? 512 LYS B C   1 
ATOM   882  O  O   . LYS B 1 19  ? -16.975 0.550   -10.419 1.00 42.36 ? 512 LYS B O   1 
ATOM   883  C  CB  . LYS B 1 19  ? -19.454 0.232   -12.457 1.00 44.26 ? 512 LYS B CB  1 
ATOM   884  C  CG  . LYS B 1 19  ? -19.828 -1.227  -12.139 1.00 47.07 ? 512 LYS B CG  1 
ATOM   885  C  CD  . LYS B 1 19  ? -20.123 -2.013  -13.454 1.00 50.76 ? 512 LYS B CD  1 
ATOM   886  C  CE  . LYS B 1 19  ? -20.924 -3.308  -13.230 1.00 53.78 ? 512 LYS B CE  1 
ATOM   887  N  NZ  . LYS B 1 19  ? -21.618 -3.753  -14.515 1.00 56.12 ? 512 LYS B NZ  1 
ATOM   888  N  N   . LEU B 1 20  ? -18.678 -0.264  -9.292  1.00 43.77 ? 513 LEU B N   1 
ATOM   889  C  CA  . LEU B 1 20  ? -17.904 -0.781  -8.226  1.00 45.02 ? 513 LEU B CA  1 
ATOM   890  C  C   . LEU B 1 20  ? -17.956 -2.280  -8.295  1.00 44.55 ? 513 LEU B C   1 
ATOM   891  O  O   . LEU B 1 20  ? -19.054 -2.842  -8.381  1.00 44.87 ? 513 LEU B O   1 
ATOM   892  C  CB  . LEU B 1 20  ? -18.583 -0.372  -6.935  1.00 45.84 ? 513 LEU B CB  1 
ATOM   893  C  CG  . LEU B 1 20  ? -17.758 0.052   -5.766  1.00 48.44 ? 513 LEU B CG  1 
ATOM   894  C  CD1 . LEU B 1 20  ? -17.843 1.564   -5.711  1.00 50.45 ? 513 LEU B CD1 1 
ATOM   895  C  CD2 . LEU B 1 20  ? -18.303 -0.580  -4.487  1.00 50.49 ? 513 LEU B CD2 1 
ATOM   896  N  N   . LEU B 1 21  ? -16.806 -2.942  -8.242  1.00 43.48 ? 514 LEU B N   1 
ATOM   897  C  CA  . LEU B 1 21  ? -16.819 -4.402  -8.172  1.00 44.00 ? 514 LEU B CA  1 
ATOM   898  C  C   . LEU B 1 21  ? -15.960 -4.883  -7.037  1.00 44.11 ? 514 LEU B C   1 
ATOM   899  O  O   . LEU B 1 21  ? -14.996 -4.202  -6.678  1.00 43.36 ? 514 LEU B O   1 
ATOM   900  C  CB  . LEU B 1 21  ? -16.357 -5.041  -9.488  1.00 43.67 ? 514 LEU B CB  1 
ATOM   901  C  CG  . LEU B 1 21  ? -17.018 -4.465  -10.710 1.00 43.39 ? 514 LEU B CG  1 
ATOM   902  C  CD1 . LEU B 1 21  ? -16.107 -3.385  -11.329 1.00 43.42 ? 514 LEU B CD1 1 
ATOM   903  C  CD2 . LEU B 1 21  ? -17.309 -5.592  -11.694 1.00 45.88 ? 514 LEU B CD2 1 
ATOM   904  N  N   . ILE B 1 22  ? -16.338 -6.036  -6.475  1.00 44.97 ? 515 ILE B N   1 
ATOM   905  C  CA  . ILE B 1 22  ? -15.644 -6.672  -5.354  1.00 46.09 ? 515 ILE B CA  1 
ATOM   906  C  C   . ILE B 1 22  ? -15.022 -8.013  -5.800  1.00 47.37 ? 515 ILE B C   1 
ATOM   907  O  O   . ILE B 1 22  ? -15.605 -8.682  -6.631  1.00 47.24 ? 515 ILE B O   1 
ATOM   908  C  CB  . ILE B 1 22  ? -16.608 -6.840  -4.134  1.00 46.32 ? 515 ILE B CB  1 
ATOM   909  C  CG1 . ILE B 1 22  ? -15.806 -7.037  -2.841  1.00 47.41 ? 515 ILE B CG1 1 
ATOM   910  C  CG2 . ILE B 1 22  ? -17.616 -7.992  -4.339  1.00 46.82 ? 515 ILE B CG2 1 
ATOM   911  C  CD1 . ILE B 1 22  ? -16.653 -7.019  -1.640  1.00 48.07 ? 515 ILE B CD1 1 
ATOM   912  N  N   . PHE B 1 23  ? -13.830 -8.354  -5.278  1.00 48.69 ? 516 PHE B N   1 
ATOM   913  C  CA  . PHE B 1 23  ? -13.079 -9.588  -5.607  1.00 50.18 ? 516 PHE B CA  1 
ATOM   914  C  C   . PHE B 1 23  ? -13.547 -10.767 -4.710  1.00 50.78 ? 516 PHE B C   1 
ATOM   915  O  O   . PHE B 1 23  ? -13.714 -10.589 -3.499  1.00 50.76 ? 516 PHE B O   1 
ATOM   916  C  CB  . PHE B 1 23  ? -11.567 -9.366  -5.407  1.00 50.26 ? 516 PHE B CB  1 
ATOM   917  C  CG  . PHE B 1 23  ? -10.706 -10.614 -5.610  1.00 53.86 ? 516 PHE B CG  1 
ATOM   918  C  CD1 . PHE B 1 23  ? -10.394 -11.070 -6.883  1.00 56.87 ? 516 PHE B CD1 1 
ATOM   919  C  CD2 . PHE B 1 23  ? -10.193 -11.311 -4.519  1.00 56.35 ? 516 PHE B CD2 1 
ATOM   920  C  CE1 . PHE B 1 23  ? -9.597  -12.208 -7.067  1.00 57.97 ? 516 PHE B CE1 1 
ATOM   921  C  CE2 . PHE B 1 23  ? -9.404  -12.444 -4.691  1.00 58.40 ? 516 PHE B CE2 1 
ATOM   922  C  CZ  . PHE B 1 23  ? -9.103  -12.890 -5.967  1.00 59.10 ? 516 PHE B CZ  1 
ATOM   923  N  N   . GLY B 1 29  ? -12.703 -14.242 -8.910  1.00 61.53 ? 522 GLY B N   1 
ATOM   924  C  CA  . GLY B 1 29  ? -13.606 -13.464 -9.760  1.00 61.65 ? 522 GLY B CA  1 
ATOM   925  C  C   . GLY B 1 29  ? -14.126 -12.183 -9.125  1.00 62.14 ? 522 GLY B C   1 
ATOM   926  O  O   . GLY B 1 29  ? -14.126 -12.024 -7.895  1.00 61.86 ? 522 GLY B O   1 
ATOM   927  N  N   . TYR B 1 30  ? -14.606 -11.287 -9.989  1.00 62.62 ? 523 TYR B N   1 
ATOM   928  C  CA  . TYR B 1 30  ? -15.103 -9.967  -9.618  1.00 62.57 ? 523 TYR B CA  1 
ATOM   929  C  C   . TYR B 1 30  ? -16.619 -9.906  -9.789  1.00 63.22 ? 523 TYR B C   1 
ATOM   930  O  O   . TYR B 1 30  ? -17.116 -10.194 -10.874 1.00 64.06 ? 523 TYR B O   1 
ATOM   931  C  CB  . TYR B 1 30  ? -14.402 -8.885  -10.463 1.00 62.52 ? 523 TYR B CB  1 
ATOM   932  C  CG  . TYR B 1 30  ? -13.024 -8.555  -9.930  1.00 61.78 ? 523 TYR B CG  1 
ATOM   933  C  CD1 . TYR B 1 30  ? -12.901 -7.740  -8.835  1.00 62.52 ? 523 TYR B CD1 1 
ATOM   934  C  CD2 . TYR B 1 30  ? -11.860 -9.096  -10.473 1.00 61.84 ? 523 TYR B CD2 1 
ATOM   935  C  CE1 . TYR B 1 30  ? -11.679 -7.430  -8.283  1.00 62.98 ? 523 TYR B CE1 1 
ATOM   936  C  CE2 . TYR B 1 30  ? -10.599 -8.791  -9.912  1.00 62.86 ? 523 TYR B CE2 1 
ATOM   937  C  CZ  . TYR B 1 30  ? -10.532 -7.942  -8.805  1.00 64.24 ? 523 TYR B CZ  1 
ATOM   938  O  OH  . TYR B 1 30  ? -9.357  -7.557  -8.161  1.00 65.67 ? 523 TYR B OH  1 
ATOM   939  N  N   . THR B 1 31  ? -17.335 -9.547  -8.716  1.00 62.77 ? 524 THR B N   1 
ATOM   940  C  CA  . THR B 1 31  ? -18.793 -9.417  -8.702  1.00 62.67 ? 524 THR B CA  1 
ATOM   941  C  C   . THR B 1 31  ? -19.248 -7.951  -8.597  1.00 62.00 ? 524 THR B C   1 
ATOM   942  O  O   . THR B 1 31  ? -18.793 -7.213  -7.718  1.00 61.68 ? 524 THR B O   1 
ATOM   943  C  CB  . THR B 1 31  ? -19.408 -10.128 -7.455  1.00 63.09 ? 524 THR B CB  1 
ATOM   944  O  OG1 . THR B 1 31  ? -18.722 -11.361 -7.195  1.00 64.40 ? 524 THR B OG1 1 
ATOM   945  C  CG2 . THR B 1 31  ? -20.895 -10.371 -7.647  1.00 63.12 ? 524 THR B CG2 1 
ATOM   946  N  N   . SER B 1 32  ? -20.197 -7.544  -9.429  1.00 60.88 ? 525 SER B N   1 
ATOM   947  C  CA  . SER B 1 32  ? -20.778 -6.220  -9.285  1.00 60.56 ? 525 SER B CA  1 
ATOM   948  C  C   . SER B 1 32  ? -21.325 -5.946  -7.863  1.00 59.92 ? 525 SER B C   1 
ATOM   949  O  O   . SER B 1 32  ? -21.724 -6.871  -7.137  1.00 60.33 ? 525 SER B O   1 
ATOM   950  C  CB  . SER B 1 32  ? -21.889 -5.978  -10.312 1.00 60.45 ? 525 SER B CB  1 
ATOM   951  O  OG  . SER B 1 32  ? -22.222 -4.600  -10.364 1.00 61.19 ? 525 SER B OG  1 
ATOM   952  N  N   . ARG B 1 33  ? -21.279 -4.667  -7.474  1.00 58.61 ? 526 ARG B N   1 
ATOM   953  C  CA  . ARG B 1 33  ? -21.962 -4.146  -6.292  1.00 57.03 ? 526 ARG B CA  1 
ATOM   954  C  C   . ARG B 1 33  ? -22.888 -2.992  -6.615  1.00 55.41 ? 526 ARG B C   1 
ATOM   955  O  O   . ARG B 1 33  ? -23.733 -2.647  -5.806  1.00 55.65 ? 526 ARG B O   1 
ATOM   956  C  CB  . ARG B 1 33  ? -20.974 -3.703  -5.217  1.00 57.08 ? 526 ARG B CB  1 
ATOM   957  C  CG  . ARG B 1 33  ? -20.494 -4.797  -4.324  1.00 57.93 ? 526 ARG B CG  1 
ATOM   958  C  CD  . ARG B 1 33  ? -21.623 -5.605  -3.666  1.00 59.31 ? 526 ARG B CD  1 
ATOM   959  N  NE  . ARG B 1 33  ? -21.041 -6.675  -2.860  1.00 60.97 ? 526 ARG B NE  1 
ATOM   960  C  CZ  . ARG B 1 33  ? -20.474 -6.488  -1.673  1.00 63.90 ? 526 ARG B CZ  1 
ATOM   961  N  NH1 . ARG B 1 33  ? -20.434 -5.265  -1.138  1.00 64.99 ? 526 ARG B NH1 1 
ATOM   962  N  NH2 . ARG B 1 33  ? -19.949 -7.521  -1.010  1.00 65.11 ? 526 ARG B NH2 1 
ATOM   963  N  N   . GLY B 1 34  ? -22.763 -2.396  -7.791  1.00 54.41 ? 527 GLY B N   1 
ATOM   964  C  CA  . GLY B 1 34  ? -23.657 -1.315  -8.175  1.00 52.75 ? 527 GLY B CA  1 
ATOM   965  C  C   . GLY B 1 34  ? -22.947 -0.252  -8.935  1.00 51.99 ? 527 GLY B C   1 
ATOM   966  O  O   . GLY B 1 34  ? -21.743 -0.276  -9.070  1.00 51.10 ? 527 GLY B O   1 
ATOM   967  N  N   . VAL B 1 35  ? -23.729 0.681   -9.439  1.00 51.76 ? 528 VAL B N   1 
ATOM   968  C  CA  . VAL B 1 35  ? -23.240 1.852   -10.093 1.00 51.78 ? 528 VAL B CA  1 
ATOM   969  C  C   . VAL B 1 35  ? -23.732 3.002   -9.250  1.00 51.50 ? 528 VAL B C   1 
ATOM   970  O  O   . VAL B 1 35  ? -24.824 2.930   -8.702  1.00 51.74 ? 528 VAL B O   1 
ATOM   971  C  CB  . VAL B 1 35  ? -23.811 1.982   -11.521 1.00 52.06 ? 528 VAL B CB  1 
ATOM   972  C  CG1 . VAL B 1 35  ? -23.209 3.161   -12.209 1.00 51.19 ? 528 VAL B CG1 1 
ATOM   973  C  CG2 . VAL B 1 35  ? -23.565 0.665   -12.337 1.00 53.50 ? 528 VAL B CG2 1 
ATOM   974  N  N   . GLY B 1 36  ? -22.920 4.051   -9.135  1.00 50.80 ? 529 GLY B N   1 
ATOM   975  C  CA  . GLY B 1 36  ? -23.299 5.223   -8.356  1.00 50.44 ? 529 GLY B CA  1 
ATOM   976  C  C   . GLY B 1 36  ? -22.303 6.342   -8.524  1.00 49.64 ? 529 GLY B C   1 
ATOM   977  O  O   . GLY B 1 36  ? -21.377 6.207   -9.306  1.00 50.50 ? 529 GLY B O   1 
ATOM   978  N  N   . GLU B 1 37  ? -22.521 7.460   -7.829  1.00 48.29 ? 530 GLU B N   1 
ATOM   979  C  CA  . GLU B 1 37  ? -21.588 8.580   -7.836  1.00 47.33 ? 530 GLU B CA  1 
ATOM   980  C  C   . GLU B 1 37  ? -20.625 8.391   -6.642  1.00 46.20 ? 530 GLU B C   1 
ATOM   981  O  O   . GLU B 1 37  ? -21.045 8.165   -5.500  1.00 47.32 ? 530 GLU B O   1 
ATOM   982  C  CB  . GLU B 1 37  ? -22.334 9.932   -7.768  1.00 47.35 ? 530 GLU B CB  1 
ATOM   983  N  N   . LEU B 1 38  ? -19.338 8.432   -6.942  1.00 44.25 ? 531 LEU B N   1 
ATOM   984  C  CA  . LEU B 1 38  ? -18.270 8.185   -6.008  1.00 41.99 ? 531 LEU B CA  1 
ATOM   985  C  C   . LEU B 1 38  ? -17.660 9.503   -5.631  1.00 39.91 ? 531 LEU B C   1 
ATOM   986  O  O   . LEU B 1 38  ? -17.287 10.249  -6.506  1.00 40.11 ? 531 LEU B O   1 
ATOM   987  C  CB  . LEU B 1 38  ? -17.191 7.358   -6.683  1.00 41.93 ? 531 LEU B CB  1 
ATOM   988  C  CG  . LEU B 1 38  ? -16.129 6.873   -5.692  1.00 42.18 ? 531 LEU B CG  1 
ATOM   989  C  CD1 . LEU B 1 38  ? -16.377 5.417   -5.458  1.00 45.69 ? 531 LEU B CD1 1 
ATOM   990  C  CD2 . LEU B 1 38  ? -14.769 7.089   -6.208  1.00 44.19 ? 531 LEU B CD2 1 
ATOM   991  N  N   . LYS B 1 39  ? -17.527 9.793   -4.352  1.00 38.03 ? 532 LYS B N   1 
ATOM   992  C  CA  . LYS B 1 39  ? -16.843 11.030  -3.946  1.00 37.50 ? 532 LYS B CA  1 
ATOM   993  C  C   . LYS B 1 39  ? -15.706 10.733  -3.021  1.00 35.16 ? 532 LYS B C   1 
ATOM   994  O  O   . LYS B 1 39  ? -15.755 9.793   -2.245  1.00 34.42 ? 532 LYS B O   1 
ATOM   995  C  CB  . LYS B 1 39  ? -17.777 12.018  -3.226  1.00 37.74 ? 532 LYS B CB  1 
ATOM   996  C  CG  . LYS B 1 39  ? -18.937 12.486  -4.065  1.00 42.65 ? 532 LYS B CG  1 
ATOM   997  C  CD  . LYS B 1 39  ? -19.789 13.644  -3.435  1.00 46.75 ? 532 LYS B CD  1 
ATOM   998  C  CE  . LYS B 1 39  ? -21.261 13.576  -3.935  1.00 49.35 ? 532 LYS B CE  1 
ATOM   999  N  NZ  . LYS B 1 39  ? -21.866 14.926  -4.216  1.00 53.29 ? 532 LYS B NZ  1 
ATOM   1000 N  N   . LEU B 1 40  ? -14.731 11.612  -3.089  1.00 33.66 ? 533 LEU B N   1 
ATOM   1001 C  CA  . LEU B 1 40  ? -13.614 11.675  -2.215  1.00 33.91 ? 533 LEU B CA  1 
ATOM   1002 C  C   . LEU B 1 40  ? -13.895 12.915  -1.380  1.00 34.06 ? 533 LEU B C   1 
ATOM   1003 O  O   . LEU B 1 40  ? -13.979 14.032  -1.894  1.00 33.48 ? 533 LEU B O   1 
ATOM   1004 C  CB  . LEU B 1 40  ? -12.357 11.844  -3.042  1.00 34.84 ? 533 LEU B CB  1 
ATOM   1005 C  CG  . LEU B 1 40  ? -10.970 11.371  -2.682  1.00 36.59 ? 533 LEU B CG  1 
ATOM   1006 C  CD1 . LEU B 1 40  ? -10.158 11.358  -3.965  1.00 38.50 ? 533 LEU B CD1 1 
ATOM   1007 C  CD2 . LEU B 1 40  ? -10.306 12.279  -1.715  1.00 41.10 ? 533 LEU B CD2 1 
ATOM   1008 N  N   . LEU B 1 41  ? -14.100 12.689  -0.089  1.00 33.35 ? 534 LEU B N   1 
ATOM   1009 C  CA  . LEU B 1 41  ? -14.508 13.707  0.848   1.00 33.24 ? 534 LEU B CA  1 
ATOM   1010 C  C   . LEU B 1 41  ? -13.387 13.893  1.846   1.00 32.81 ? 534 LEU B C   1 
ATOM   1011 O  O   . LEU B 1 41  ? -12.765 12.920  2.270   1.00 34.28 ? 534 LEU B O   1 
ATOM   1012 C  CB  . LEU B 1 41  ? -15.748 13.237  1.622   1.00 32.26 ? 534 LEU B CB  1 
ATOM   1013 C  CG  . LEU B 1 41  ? -16.988 13.006  0.857   1.00 33.45 ? 534 LEU B CG  1 
ATOM   1014 C  CD1 . LEU B 1 41  ? -18.034 12.338  1.781   1.00 35.26 ? 534 LEU B CD1 1 
ATOM   1015 C  CD2 . LEU B 1 41  ? -17.480 14.327  0.308   1.00 34.95 ? 534 LEU B CD2 1 
ATOM   1016 N  N   . ARG B 1 42  ? -13.138 15.118  2.206   1.00 32.19 ? 535 ARG B N   1 
ATOM   1017 C  CA  A ARG B 1 42  ? -12.083 15.486  3.135   0.50 33.36 ? 535 ARG B CA  1 
ATOM   1018 C  CA  B ARG B 1 42  ? -12.115 15.416  3.179   0.50 33.67 ? 535 ARG B CA  1 
ATOM   1019 C  C   . ARG B 1 42  ? -12.723 16.300  4.273   1.00 33.63 ? 535 ARG B C   1 
ATOM   1020 O  O   . ARG B 1 42  ? -13.528 17.167  4.008   1.00 32.62 ? 535 ARG B O   1 
ATOM   1021 C  CB  A ARG B 1 42  ? -11.028 16.318  2.380   0.50 33.75 ? 535 ARG B CB  1 
ATOM   1022 C  CB  B ARG B 1 42  ? -10.938 16.092  2.489   0.50 34.36 ? 535 ARG B CB  1 
ATOM   1023 C  CG  A ARG B 1 42  ? -10.057 17.153  3.238   0.50 34.00 ? 535 ARG B CG  1 
ATOM   1024 C  CG  B ARG B 1 42  ? -9.732  16.388  3.363   0.50 35.86 ? 535 ARG B CG  1 
ATOM   1025 C  CD  A ARG B 1 42  ? -8.972  17.906  2.370   0.50 33.91 ? 535 ARG B CD  1 
ATOM   1026 C  CD  B ARG B 1 42  ? -8.895  17.481  2.665   0.50 40.21 ? 535 ARG B CD  1 
ATOM   1027 N  NE  A ARG B 1 42  ? -9.556  18.808  1.380   0.50 32.76 ? 535 ARG B NE  1 
ATOM   1028 N  NE  B ARG B 1 42  ? -7.584  17.027  2.215   0.50 43.67 ? 535 ARG B NE  1 
ATOM   1029 C  CZ  A ARG B 1 42  ? -8.861  19.629  0.597   0.50 34.15 ? 535 ARG B CZ  1 
ATOM   1030 C  CZ  B ARG B 1 42  ? -6.959  17.494  1.131   0.50 44.49 ? 535 ARG B CZ  1 
ATOM   1031 N  NH1 A ARG B 1 42  ? -7.543  19.674  0.669   0.50 36.00 ? 535 ARG B NH1 1 
ATOM   1032 N  NH1 B ARG B 1 42  ? -7.542  18.409  0.354   0.50 45.27 ? 535 ARG B NH1 1 
ATOM   1033 N  NH2 A ARG B 1 42  ? -9.493  20.405  -0.275  0.50 34.20 ? 535 ARG B NH2 1 
ATOM   1034 N  NH2 B ARG B 1 42  ? -5.760  17.027  0.813   0.50 43.24 ? 535 ARG B NH2 1 
ATOM   1035 N  N   . LYS B 1 43  ? -12.372 16.032  5.514   1.00 34.14 ? 536 LYS B N   1 
ATOM   1036 C  CA  A LYS B 1 43  ? -12.873 16.843  6.615   0.50 36.50 ? 536 LYS B CA  1 
ATOM   1037 C  CA  B LYS B 1 43  ? -12.869 16.843  6.623   0.50 36.09 ? 536 LYS B CA  1 
ATOM   1038 C  C   . LYS B 1 43  ? -12.358 18.287  6.467   1.00 36.91 ? 536 LYS B C   1 
ATOM   1039 O  O   . LYS B 1 43  ? -11.203 18.505  6.151   1.00 36.42 ? 536 LYS B O   1 
ATOM   1040 C  CB  A LYS B 1 43  ? -12.446 16.249  7.952   0.50 36.85 ? 536 LYS B CB  1 
ATOM   1041 C  CB  B LYS B 1 43  ? -12.439 16.251  7.971   0.50 36.20 ? 536 LYS B CB  1 
ATOM   1042 C  CG  A LYS B 1 43  ? -13.527 16.287  8.979   0.50 39.21 ? 536 LYS B CG  1 
ATOM   1043 C  CG  B LYS B 1 43  ? -13.117 14.926  8.302   0.50 36.55 ? 536 LYS B CG  1 
ATOM   1044 C  CD  A LYS B 1 43  ? -13.441 15.057  9.855   0.50 41.47 ? 536 LYS B CD  1 
ATOM   1045 C  CD  B LYS B 1 43  ? -14.609 15.106  8.485   0.50 38.31 ? 536 LYS B CD  1 
ATOM   1046 C  CE  A LYS B 1 43  ? -14.158 15.266  11.148  0.50 41.54 ? 536 LYS B CE  1 
ATOM   1047 C  CE  B LYS B 1 43  ? -15.216 13.907  9.189   0.50 39.25 ? 536 LYS B CE  1 
ATOM   1048 N  NZ  A LYS B 1 43  ? -14.428 13.914  11.621  0.50 43.87 ? 536 LYS B NZ  1 
ATOM   1049 N  NZ  B LYS B 1 43  ? -16.569 14.198  9.708   0.50 39.13 ? 536 LYS B NZ  1 
ATOM   1050 N  N   . LYS B 1 44  ? -13.221 19.266  6.680   1.00 39.56 ? 537 LYS B N   1 
ATOM   1051 C  CA  . LYS B 1 44  ? -12.837 20.670  6.451   1.00 42.63 ? 537 LYS B CA  1 
ATOM   1052 C  C   . LYS B 1 44  ? -11.749 21.091  7.459   1.00 44.96 ? 537 LYS B C   1 
ATOM   1053 O  O   . LYS B 1 44  ? -10.820 21.827  7.081   1.00 45.44 ? 537 LYS B O   1 
ATOM   1054 C  CB  . LYS B 1 44  ? -14.077 21.612  6.435   1.00 42.35 ? 537 LYS B CB  1 
ATOM   1055 N  N   . ASP B 1 45  ? -11.830 20.542  8.688   1.00 47.77 ? 538 ASP B N   1 
ATOM   1056 C  CA  . ASP B 1 45  ? -10.899 20.825  9.799   1.00 50.11 ? 538 ASP B CA  1 
ATOM   1057 C  C   . ASP B 1 45  ? -9.616  19.961  9.828   1.00 51.11 ? 538 ASP B C   1 
ATOM   1058 O  O   . ASP B 1 45  ? -8.741  20.214  10.648  1.00 50.60 ? 538 ASP B O   1 
ATOM   1059 C  CB  . ASP B 1 45  ? -11.589 20.648  11.177  1.00 50.97 ? 538 ASP B CB  1 
ATOM   1060 C  CG  . ASP B 1 45  ? -12.749 21.620  11.418  1.00 54.66 ? 538 ASP B CG  1 
ATOM   1061 O  OD1 . ASP B 1 45  ? -12.773 22.715  10.801  1.00 60.85 ? 538 ASP B OD1 1 
ATOM   1062 O  OD2 . ASP B 1 45  ? -13.635 21.309  12.262  1.00 57.46 ? 538 ASP B OD2 1 
ATOM   1063 N  N   . ASP B 1 46  ? -9.504  18.926  8.993   1.00 52.67 ? 539 ASP B N   1 
ATOM   1064 C  CA  . ASP B 1 46  ? -8.273  18.076  8.987   1.00 53.37 ? 539 ASP B CA  1 
ATOM   1065 C  C   . ASP B 1 46  ? -8.049  17.369  7.657   1.00 53.54 ? 539 ASP B C   1 
ATOM   1066 O  O   . ASP B 1 46  ? -8.718  16.363  7.371   1.00 53.25 ? 539 ASP B O   1 
ATOM   1067 C  CB  . ASP B 1 46  ? -8.302  17.025  10.114  1.00 53.74 ? 539 ASP B CB  1 
ATOM   1068 C  CG  . ASP B 1 46  ? -6.937  16.285  10.301  1.00 56.13 ? 539 ASP B CG  1 
ATOM   1069 O  OD1 . ASP B 1 46  ? -6.063  16.267  9.387   1.00 55.33 ? 539 ASP B OD1 1 
ATOM   1070 O  OD2 . ASP B 1 46  ? -6.761  15.680  11.383  1.00 58.72 ? 539 ASP B OD2 1 
ATOM   1071 N  N   . LYS B 1 47  ? -7.097  17.893  6.871   1.00 53.68 ? 540 LYS B N   1 
ATOM   1072 C  CA  . LYS B 1 47  ? -6.705  17.321  5.585   1.00 54.00 ? 540 LYS B CA  1 
ATOM   1073 C  C   . LYS B 1 47  ? -6.328  15.833  5.712   1.00 53.07 ? 540 LYS B C   1 
ATOM   1074 O  O   . LYS B 1 47  ? -6.326  15.120  4.718   1.00 54.59 ? 540 LYS B O   1 
ATOM   1075 C  CB  . LYS B 1 47  ? -5.477  18.051  4.996   1.00 54.73 ? 540 LYS B CB  1 
ATOM   1076 C  CG  . LYS B 1 47  ? -5.686  19.383  4.277   1.00 56.26 ? 540 LYS B CG  1 
ATOM   1077 C  CD  . LYS B 1 47  ? -4.287  19.848  3.750   1.00 58.43 ? 540 LYS B CD  1 
ATOM   1078 C  CE  . LYS B 1 47  ? -4.334  20.823  2.568   1.00 59.09 ? 540 LYS B CE  1 
ATOM   1079 N  NZ  . LYS B 1 47  ? -4.373  22.253  3.062   1.00 60.73 ? 540 LYS B NZ  1 
ATOM   1080 N  N   . GLY B 1 48  ? -5.966  15.371  6.900   1.00 50.91 ? 541 GLY B N   1 
ATOM   1081 C  CA  . GLY B 1 48  ? -5.635  13.954  7.074   1.00 49.99 ? 541 GLY B CA  1 
ATOM   1082 C  C   . GLY B 1 48  ? -6.789  12.944  7.208   1.00 47.99 ? 541 GLY B C   1 
ATOM   1083 O  O   . GLY B 1 48  ? -6.527  11.753  7.324   1.00 48.48 ? 541 GLY B O   1 
ATOM   1084 N  N   . LYS B 1 49  ? -8.042  13.405  7.245   1.00 45.00 ? 542 LYS B N   1 
ATOM   1085 C  CA  . LYS B 1 49  ? -9.215  12.525  7.304   1.00 42.51 ? 542 LYS B CA  1 
ATOM   1086 C  C   . LYS B 1 49  ? -9.977  12.567  5.975   1.00 38.97 ? 542 LYS B C   1 
ATOM   1087 O  O   . LYS B 1 49  ? -10.698 13.504  5.675   1.00 37.65 ? 542 LYS B O   1 
ATOM   1088 C  CB  . LYS B 1 49  ? -10.111 12.901  8.481   1.00 43.48 ? 542 LYS B CB  1 
ATOM   1089 C  CG  . LYS B 1 49  ? -9.339  12.996  9.836   1.00 46.03 ? 542 LYS B CG  1 
ATOM   1090 C  CD  . LYS B 1 49  ? -10.171 12.457  11.012  1.00 51.14 ? 542 LYS B CD  1 
ATOM   1091 C  CE  . LYS B 1 49  ? -9.436  12.542  12.388  1.00 54.58 ? 542 LYS B CE  1 
ATOM   1092 N  NZ  . LYS B 1 49  ? -10.289 13.160  13.489  1.00 53.95 ? 542 LYS B NZ  1 
ATOM   1093 N  N   . VAL B 1 50  ? -9.766  11.541  5.172   1.00 34.98 ? 543 VAL B N   1 
ATOM   1094 C  CA  . VAL B 1 50  ? -10.292 11.465  3.828   1.00 33.11 ? 543 VAL B CA  1 
ATOM   1095 C  C   . VAL B 1 50  ? -11.000 10.132  3.713   1.00 31.69 ? 543 VAL B C   1 
ATOM   1096 O  O   . VAL B 1 50  ? -10.456 9.083   4.142   1.00 27.48 ? 543 VAL B O   1 
ATOM   1097 C  CB  . VAL B 1 50  ? -9.131  11.511  2.783   1.00 33.89 ? 543 VAL B CB  1 
ATOM   1098 C  CG1 . VAL B 1 50  ? -9.660  11.425  1.357   1.00 33.44 ? 543 VAL B CG1 1 
ATOM   1099 C  CG2 . VAL B 1 50  ? -8.305  12.789  2.975   1.00 32.74 ? 543 VAL B CG2 1 
ATOM   1100 N  N   . ARG B 1 51  ? -12.191 10.187  3.121   1.00 30.86 ? 544 ARG B N   1 
ATOM   1101 C  CA  . ARG B 1 51  ? -12.928 9.018   2.795   1.00 31.81 ? 544 ARG B CA  1 
ATOM   1102 C  C   . ARG B 1 51  ? -13.511 8.963   1.364   1.00 31.55 ? 544 ARG B C   1 
ATOM   1103 O  O   . ARG B 1 51  ? -13.686 9.963   0.686   1.00 30.81 ? 544 ARG B O   1 
ATOM   1104 C  CB  . ARG B 1 51  ? -14.044 8.842   3.821   1.00 32.92 ? 544 ARG B CB  1 
ATOM   1105 C  CG  . ARG B 1 51  ? -15.077 9.952   3.848   1.00 34.48 ? 544 ARG B CG  1 
ATOM   1106 C  CD  . ARG B 1 51  ? -16.172 9.526   4.793   1.00 40.01 ? 544 ARG B CD  1 
ATOM   1107 N  NE  . ARG B 1 51  ? -17.199 10.524  4.810   1.00 42.06 ? 544 ARG B NE  1 
ATOM   1108 C  CZ  . ARG B 1 51  ? -18.501 10.289  4.881   1.00 42.94 ? 544 ARG B CZ  1 
ATOM   1109 N  NH1 . ARG B 1 51  ? -18.961 9.054   4.925   1.00 43.24 ? 544 ARG B NH1 1 
ATOM   1110 N  NH2 . ARG B 1 51  ? -19.348 11.325  4.891   1.00 41.97 ? 544 ARG B NH2 1 
ATOM   1111 N  N   . VAL B 1 52  ? -13.797 7.745   0.936   1.00 30.82 ? 545 VAL B N   1 
ATOM   1112 C  CA  . VAL B 1 52  ? -14.490 7.503   -0.264  1.00 32.32 ? 545 VAL B CA  1 
ATOM   1113 C  C   . VAL B 1 52  ? -15.937 7.197   0.122   1.00 31.60 ? 545 VAL B C   1 
ATOM   1114 O  O   . VAL B 1 52  ? -16.192 6.350   0.975   1.00 30.74 ? 545 VAL B O   1 
ATOM   1115 C  CB  . VAL B 1 52  ? -13.894 6.314   -1.074  1.00 32.64 ? 545 VAL B CB  1 
ATOM   1116 C  CG1 . VAL B 1 52  ? -14.617 6.211   -2.380  1.00 33.66 ? 545 VAL B CG1 1 
ATOM   1117 C  CG2 . VAL B 1 52  ? -12.462 6.619   -1.439  1.00 39.14 ? 545 VAL B CG2 1 
ATOM   1118 N  N   . LEU B 1 53  ? -16.846 7.879   -0.536  1.00 32.46 ? 546 LEU B N   1 
ATOM   1119 C  CA  . LEU B 1 53  ? -18.263 7.666   -0.370  1.00 35.48 ? 546 LEU B CA  1 
ATOM   1120 C  C   . LEU B 1 53  ? -18.933 7.383   -1.747  1.00 37.47 ? 546 LEU B C   1 
ATOM   1121 O  O   . LEU B 1 53  ? -18.800 8.176   -2.697  1.00 36.35 ? 546 LEU B O   1 
ATOM   1122 C  CB  . LEU B 1 53  ? -18.870 8.888   0.248   1.00 35.12 ? 546 LEU B CB  1 
ATOM   1123 C  CG  . LEU B 1 53  ? -20.322 8.747   0.667   1.00 38.00 ? 546 LEU B CG  1 
ATOM   1124 C  CD1 . LEU B 1 53  ? -20.499 7.731   1.832   1.00 34.88 ? 546 LEU B CD1 1 
ATOM   1125 C  CD2 . LEU B 1 53  ? -20.902 10.171  0.993   1.00 37.59 ? 546 LEU B CD2 1 
ATOM   1126 N  N   . CYS B 1 54  ? -19.607 6.240   -1.857  1.00 39.64 ? 547 CYS B N   1 
ATOM   1127 C  CA  . CYS B 1 54  ? -20.363 5.919   -3.079  1.00 43.08 ? 547 CYS B CA  1 
ATOM   1128 C  C   . CYS B 1 54  ? -21.818 5.514   -2.754  1.00 43.44 ? 547 CYS B C   1 
ATOM   1129 O  O   . CYS B 1 54  ? -22.064 4.620   -1.926  1.00 44.51 ? 547 CYS B O   1 
ATOM   1130 C  CB  . CYS B 1 54  ? -19.634 4.834   -3.870  1.00 42.97 ? 547 CYS B CB  1 
ATOM   1131 S  SG  . CYS B 1 54  ? -20.234 4.589   -5.600  1.00 51.76 ? 547 CYS B SG  1 
ATOM   1132 N  N   . ARG B 1 55  ? -22.759 6.193   -3.397  1.00 45.24 ? 548 ARG B N   1 
ATOM   1133 C  CA  . ARG B 1 55  ? -24.204 5.995   -3.207  1.00 46.62 ? 548 ARG B CA  1 
ATOM   1134 C  C   . ARG B 1 55  ? -24.883 5.533   -4.504  1.00 48.21 ? 548 ARG B C   1 
ATOM   1135 O  O   . ARG B 1 55  ? -24.788 6.193   -5.543  1.00 47.91 ? 548 ARG B O   1 
ATOM   1136 C  CB  . ARG B 1 55  ? -24.847 7.284   -2.715  1.00 46.64 ? 548 ARG B CB  1 
ATOM   1137 N  N   . SER B 1 56  ? -25.574 4.396   -4.430  1.00 50.67 ? 549 SER B N   1 
ATOM   1138 C  CA  . SER B 1 56  ? -26.204 3.720   -5.610  1.00 52.54 ? 549 SER B CA  1 
ATOM   1139 C  C   . SER B 1 56  ? -27.134 4.606   -6.443  1.00 52.54 ? 549 SER B C   1 
ATOM   1140 O  O   . SER B 1 56  ? -27.718 5.548   -5.904  1.00 53.68 ? 549 SER B O   1 
ATOM   1141 C  CB  . SER B 1 56  ? -26.996 2.495   -5.151  1.00 52.70 ? 549 SER B CB  1 
ATOM   1142 O  OG  . SER B 1 56  ? -27.455 1.768   -6.263  1.00 55.84 ? 549 SER B OG  1 
ATOM   1143 N  N   . GLY B 1 60  ? -31.113 3.967   -3.522  1.00 57.66 ? 553 GLY B N   1 
ATOM   1144 C  CA  . GLY B 1 60  ? -29.978 4.897   -3.429  1.00 57.16 ? 553 GLY B CA  1 
ATOM   1145 C  C   . GLY B 1 60  ? -29.025 4.619   -2.264  1.00 56.04 ? 553 GLY B C   1 
ATOM   1146 O  O   . GLY B 1 60  ? -28.655 5.542   -1.528  1.00 57.16 ? 553 GLY B O   1 
ATOM   1147 N  N   . HIS B 1 61  ? -28.598 3.369   -2.118  1.00 53.15 ? 554 HIS B N   1 
ATOM   1148 C  CA  . HIS B 1 61  ? -27.871 2.957   -0.943  1.00 51.94 ? 554 HIS B CA  1 
ATOM   1149 C  C   . HIS B 1 61  ? -26.325 3.129   -1.008  1.00 50.86 ? 554 HIS B C   1 
ATOM   1150 O  O   . HIS B 1 61  ? -25.737 3.192   -2.095  1.00 50.45 ? 554 HIS B O   1 
ATOM   1151 C  CB  . HIS B 1 61  ? -28.264 1.521   -0.572  1.00 52.31 ? 554 HIS B CB  1 
ATOM   1152 C  CG  . HIS B 1 61  ? -27.631 0.440   -1.395  1.00 51.86 ? 554 HIS B CG  1 
ATOM   1153 N  ND1 . HIS B 1 61  ? -27.948 0.226   -2.717  1.00 52.13 ? 554 HIS B ND1 1 
ATOM   1154 C  CD2 . HIS B 1 61  ? -26.776 -0.555  -1.046  1.00 52.61 ? 554 HIS B CD2 1 
ATOM   1155 C  CE1 . HIS B 1 61  ? -27.273 -0.816  -3.168  1.00 54.35 ? 554 HIS B CE1 1 
ATOM   1156 N  NE2 . HIS B 1 61  ? -26.560 -1.317  -2.170  1.00 55.19 ? 554 HIS B NE2 1 
ATOM   1157 N  N   . VAL B 1 62  ? -25.682 3.193   0.159   1.00 47.98 ? 555 VAL B N   1 
ATOM   1158 C  CA  . VAL B 1 62  ? -24.229 3.420   0.192   1.00 46.42 ? 555 VAL B CA  1 
ATOM   1159 C  C   . VAL B 1 62  ? -23.492 2.168   -0.215  1.00 45.17 ? 555 VAL B C   1 
ATOM   1160 O  O   . VAL B 1 62  ? -23.590 1.117   0.419   1.00 44.09 ? 555 VAL B O   1 
ATOM   1161 C  CB  . VAL B 1 62  ? -23.745 3.942   1.573   1.00 46.84 ? 555 VAL B CB  1 
ATOM   1162 C  CG1 . VAL B 1 62  ? -22.230 3.927   1.675   1.00 45.74 ? 555 VAL B CG1 1 
ATOM   1163 C  CG2 . VAL B 1 62  ? -24.325 5.375   1.828   1.00 45.07 ? 555 VAL B CG2 1 
ATOM   1164 N  N   . LEU B 1 63  ? -22.761 2.266   -1.308  1.00 43.64 ? 556 LEU B N   1 
ATOM   1165 C  CA  . LEU B 1 63  ? -22.040 1.099   -1.803  1.00 42.75 ? 556 LEU B CA  1 
ATOM   1166 C  C   . LEU B 1 63  ? -20.672 0.993   -1.142  1.00 41.60 ? 556 LEU B C   1 
ATOM   1167 O  O   . LEU B 1 63  ? -20.183 -0.099  -0.932  1.00 41.73 ? 556 LEU B O   1 
ATOM   1168 C  CB  . LEU B 1 63  ? -21.884 1.182   -3.317  1.00 42.55 ? 556 LEU B CB  1 
ATOM   1169 C  CG  . LEU B 1 63  ? -23.157 1.308   -4.180  1.00 43.79 ? 556 LEU B CG  1 
ATOM   1170 C  CD1 . LEU B 1 63  ? -22.776 1.325   -5.701  1.00 41.75 ? 556 LEU B CD1 1 
ATOM   1171 C  CD2 . LEU B 1 63  ? -24.177 0.196   -3.865  1.00 43.79 ? 556 LEU B CD2 1 
ATOM   1172 N  N   . LEU B 1 64  ? -20.061 2.139   -0.817  1.00 40.22 ? 557 LEU B N   1 
ATOM   1173 C  CA  . LEU B 1 64  ? -18.725 2.166   -0.258  1.00 38.78 ? 557 LEU B CA  1 
ATOM   1174 C  C   . LEU B 1 64  ? -18.592 3.365   0.686   1.00 37.09 ? 557 LEU B C   1 
ATOM   1175 O  O   . LEU B 1 64  ? -18.965 4.460   0.350   1.00 36.24 ? 557 LEU B O   1 
ATOM   1176 C  CB  . LEU B 1 64  ? -17.699 2.231   -1.392  1.00 39.02 ? 557 LEU B CB  1 
ATOM   1177 C  CG  . LEU B 1 64  ? -16.214 2.031   -1.035  1.00 39.07 ? 557 LEU B CG  1 
ATOM   1178 C  CD1 . LEU B 1 64  ? -15.912 0.683   -0.475  1.00 38.88 ? 557 LEU B CD1 1 
ATOM   1179 C  CD2 . LEU B 1 64  ? -15.356 2.279   -2.275  1.00 39.00 ? 557 LEU B CD2 1 
ATOM   1180 N  N   . ASN B 1 65  ? -18.107 3.138   1.893   1.00 35.87 ? 558 ASN B N   1 
ATOM   1181 C  CA  . ASN B 1 65  ? -17.838 4.229   2.811   1.00 35.84 ? 558 ASN B CA  1 
ATOM   1182 C  C   . ASN B 1 65  ? -16.582 3.848   3.562   1.00 34.92 ? 558 ASN B C   1 
ATOM   1183 O  O   . ASN B 1 65  ? -16.649 3.170   4.561   1.00 34.63 ? 558 ASN B O   1 
ATOM   1184 C  CB  . ASN B 1 65  ? -19.026 4.481   3.760   1.00 35.63 ? 558 ASN B CB  1 
ATOM   1185 C  CG  . ASN B 1 65  ? -18.800 5.656   4.707   1.00 36.80 ? 558 ASN B CG  1 
ATOM   1186 O  OD1 . ASN B 1 65  ? -18.038 6.573   4.408   1.00 37.59 ? 558 ASN B OD1 1 
ATOM   1187 N  ND2 . ASN B 1 65  ? -19.500 5.647   5.851   1.00 36.14 ? 558 ASN B ND2 1 
ATOM   1188 N  N   . THR B 1 66  ? -15.419 4.216   3.025   1.00 34.60 ? 559 THR B N   1 
ATOM   1189 C  CA  . THR B 1 66  ? -14.160 3.858   3.708   1.00 34.47 ? 559 THR B CA  1 
ATOM   1190 C  C   . THR B 1 66  ? -13.162 4.967   3.656   1.00 32.13 ? 559 THR B C   1 
ATOM   1191 O  O   . THR B 1 66  ? -13.130 5.736   2.693   1.00 29.10 ? 559 THR B O   1 
ATOM   1192 C  CB  . THR B 1 66  ? -13.411 2.637   3.092   1.00 34.41 ? 559 THR B CB  1 
ATOM   1193 O  OG1 . THR B 1 66  ? -13.473 2.716   1.649   1.00 36.48 ? 559 THR B OG1 1 
ATOM   1194 C  CG2 . THR B 1 66  ? -13.930 1.350   3.628   1.00 37.28 ? 559 THR B CG2 1 
ATOM   1195 N  N   . SER B 1 67  ? -12.308 4.954   4.673   1.00 31.27 ? 560 SER B N   1 
ATOM   1196 C  CA  . SER B 1 67  ? -11.173 5.859   4.781   1.00 32.65 ? 560 SER B CA  1 
ATOM   1197 C  C   . SER B 1 67  ? -10.110 5.536   3.773   1.00 31.94 ? 560 SER B C   1 
ATOM   1198 O  O   . SER B 1 67  ? -9.881  4.381   3.474   1.00 32.10 ? 560 SER B O   1 
ATOM   1199 C  CB  . SER B 1 67  ? -10.530 5.768   6.174   1.00 32.86 ? 560 SER B CB  1 
ATOM   1200 O  OG  . SER B 1 67  ? -11.468 6.203   7.106   1.00 36.19 ? 560 SER B OG  1 
ATOM   1201 N  N   . VAL B 1 68  ? -9.452  6.577   3.279   1.00 32.12 ? 561 VAL B N   1 
ATOM   1202 C  CA  . VAL B 1 68  ? -8.216  6.443   2.535   1.00 31.41 ? 561 VAL B CA  1 
ATOM   1203 C  C   . VAL B 1 68  ? -7.104  6.071   3.548   1.00 31.71 ? 561 VAL B C   1 
ATOM   1204 O  O   . VAL B 1 68  ? -6.994  6.657   4.571   1.00 30.64 ? 561 VAL B O   1 
ATOM   1205 C  CB  . VAL B 1 68  ? -7.901  7.707   1.702   1.00 31.76 ? 561 VAL B CB  1 
ATOM   1206 C  CG1 . VAL B 1 68  ? -6.477  7.680   1.137   1.00 31.21 ? 561 VAL B CG1 1 
ATOM   1207 C  CG2 . VAL B 1 68  ? -8.912  7.831   0.563   1.00 30.37 ? 561 VAL B CG2 1 
ATOM   1208 N  N   . VAL B 1 69  ? -6.343  5.023   3.229   1.00 31.76 ? 562 VAL B N   1 
ATOM   1209 C  CA  . VAL B 1 69  ? -5.313  4.422   4.089   1.00 33.12 ? 562 VAL B CA  1 
ATOM   1210 C  C   . VAL B 1 69  ? -3.912  4.933   3.646   1.00 33.52 ? 562 VAL B C   1 
ATOM   1211 O  O   . VAL B 1 69  ? -3.671  5.091   2.450   1.00 33.24 ? 562 VAL B O   1 
ATOM   1212 C  CB  . VAL B 1 69  ? -5.462  2.847   3.907   1.00 33.54 ? 562 VAL B CB  1 
ATOM   1213 C  CG1 . VAL B 1 69  ? -4.283  2.072   4.376   1.00 34.41 ? 562 VAL B CG1 1 
ATOM   1214 C  CG2 . VAL B 1 69  ? -6.740  2.378   4.624   1.00 34.67 ? 562 VAL B CG2 1 
ATOM   1215 N  N   . LYS B 1 70  ? -3.017  5.229   4.578   1.00 33.84 ? 563 LYS B N   1 
ATOM   1216 C  CA  . LYS B 1 70  ? -1.630  5.650   4.248   1.00 34.67 ? 563 LYS B CA  1 
ATOM   1217 C  C   . LYS B 1 70  ? -0.815  4.536   3.547   1.00 35.31 ? 563 LYS B C   1 
ATOM   1218 O  O   . LYS B 1 70  ? -0.097  4.803   2.580   1.00 36.81 ? 563 LYS B O   1 
ATOM   1219 C  CB  . LYS B 1 70  ? -0.876  6.159   5.488   1.00 35.07 ? 563 LYS B CB  1 
ATOM   1220 N  N   . SER B 1 71  ? -1.017  3.295   3.969   1.00 35.19 ? 564 SER B N   1 
ATOM   1221 C  CA  . SER B 1 71  ? -0.256  2.142   3.544   1.00 35.43 ? 564 SER B CA  1 
ATOM   1222 C  C   . SER B 1 71  ? -0.672  1.448   2.196   1.00 34.15 ? 564 SER B C   1 
ATOM   1223 O  O   . SER B 1 71  ? -0.052  0.455   1.791   1.00 33.81 ? 564 SER B O   1 
ATOM   1224 C  CB  . SER B 1 71  ? -0.326  1.119   4.682   1.00 37.02 ? 564 SER B CB  1 
ATOM   1225 O  OG  . SER B 1 71  ? -1.692  0.675   4.917   1.00 41.97 ? 564 SER B OG  1 
ATOM   1226 N  N   . PHE B 1 72  ? -1.690  1.969   1.509   1.00 32.41 ? 565 PHE B N   1 
ATOM   1227 C  CA  . PHE B 1 72  ? -2.086  1.451   0.208   1.00 31.39 ? 565 PHE B CA  1 
ATOM   1228 C  C   . PHE B 1 72  ? -1.742  2.398   -0.923  1.00 31.06 ? 565 PHE B C   1 
ATOM   1229 O  O   . PHE B 1 72  ? -1.748  3.627   -0.783  1.00 30.27 ? 565 PHE B O   1 
ATOM   1230 C  CB  . PHE B 1 72  ? -3.591  1.163   0.115   1.00 30.82 ? 565 PHE B CB  1 
ATOM   1231 C  CG  . PHE B 1 72  ? -4.108  0.123   1.068   1.00 30.22 ? 565 PHE B CG  1 
ATOM   1232 C  CD1 . PHE B 1 72  ? -3.409  -1.025  1.351   1.00 30.43 ? 565 PHE B CD1 1 
ATOM   1233 C  CD2 . PHE B 1 72  ? -5.394  0.247   1.580   1.00 32.16 ? 565 PHE B CD2 1 
ATOM   1234 C  CE1 . PHE B 1 72  ? -3.944  -1.987  2.209   1.00 33.65 ? 565 PHE B CE1 1 
ATOM   1235 C  CE2 . PHE B 1 72  ? -5.936  -0.710  2.440   1.00 32.98 ? 565 PHE B CE2 1 
ATOM   1236 C  CZ  . PHE B 1 72  ? -5.222  -1.821  2.759   1.00 32.55 ? 565 PHE B CZ  1 
ATOM   1237 N  N   . LYS B 1 73  ? -1.412  1.802   -2.049  1.00 31.27 ? 566 LYS B N   1 
ATOM   1238 C  CA  . LYS B 1 73  ? -1.360  2.528   -3.276  1.00 33.68 ? 566 LYS B CA  1 
ATOM   1239 C  C   . LYS B 1 73  ? -2.647  2.263   -4.025  1.00 32.97 ? 566 LYS B C   1 
ATOM   1240 O  O   . LYS B 1 73  ? -3.029  1.110   -4.198  1.00 33.49 ? 566 LYS B O   1 
ATOM   1241 C  CB  . LYS B 1 73  ? -0.255  2.058   -4.209  1.00 33.93 ? 566 LYS B CB  1 
ATOM   1242 C  CG  . LYS B 1 73  ? 1.119   2.158   -3.754  1.00 36.35 ? 566 LYS B CG  1 
ATOM   1243 C  CD  . LYS B 1 73  ? 2.004   1.661   -4.901  1.00 38.79 ? 566 LYS B CD  1 
ATOM   1244 C  CE  . LYS B 1 73  ? 3.456   1.947   -4.699  1.00 42.92 ? 566 LYS B CE  1 
ATOM   1245 N  NZ  . LYS B 1 73  ? 4.181   1.699   -6.035  1.00 45.87 ? 566 LYS B NZ  1 
ATOM   1246 N  N   . TYR B 1 74  ? -3.215  3.334   -4.562  1.00 31.77 ? 567 TYR B N   1 
ATOM   1247 C  CA  . TYR B 1 74  ? -4.461  3.288   -5.264  1.00 31.79 ? 567 TYR B CA  1 
ATOM   1248 C  C   . TYR B 1 74  ? -4.119  3.596   -6.714  1.00 32.14 ? 567 TYR B C   1 
ATOM   1249 O  O   . TYR B 1 74  ? -3.827  4.727   -7.062  1.00 33.11 ? 567 TYR B O   1 
ATOM   1250 C  CB  . TYR B 1 74  ? -5.429  4.332   -4.644  1.00 30.50 ? 567 TYR B CB  1 
ATOM   1251 C  CG  . TYR B 1 74  ? -5.788  4.085   -3.178  1.00 29.74 ? 567 TYR B CG  1 
ATOM   1252 C  CD1 . TYR B 1 74  ? -6.817  3.195   -2.817  1.00 28.79 ? 567 TYR B CD1 1 
ATOM   1253 C  CD2 . TYR B 1 74  ? -5.146  4.752   -2.174  1.00 29.05 ? 567 TYR B CD2 1 
ATOM   1254 C  CE1 . TYR B 1 74  ? -7.179  2.981   -1.493  1.00 26.57 ? 567 TYR B CE1 1 
ATOM   1255 C  CE2 . TYR B 1 74  ? -5.489  4.541   -0.837  1.00 29.78 ? 567 TYR B CE2 1 
ATOM   1256 C  CZ  . TYR B 1 74  ? -6.537  3.665   -0.514  1.00 29.50 ? 567 TYR B CZ  1 
ATOM   1257 O  OH  . TYR B 1 74  ? -6.905  3.503   0.784   1.00 25.35 ? 567 TYR B OH  1 
ATOM   1258 N  N   . GLN B 1 75  ? -4.156  2.589   -7.567  1.00 33.51 ? 568 GLN B N   1 
ATOM   1259 C  CA  . GLN B 1 75  ? -3.602  2.726   -8.909  1.00 34.14 ? 568 GLN B CA  1 
ATOM   1260 C  C   . GLN B 1 75  ? -4.402  1.867   -9.868  1.00 33.26 ? 568 GLN B C   1 
ATOM   1261 O  O   . GLN B 1 75  ? -5.205  1.067   -9.438  1.00 31.08 ? 568 GLN B O   1 
ATOM   1262 C  CB  . GLN B 1 75  ? -2.091  2.361   -8.873  1.00 35.02 ? 568 GLN B CB  1 
ATOM   1263 C  CG  . GLN B 1 75  ? -1.814  0.890   -8.788  1.00 40.48 ? 568 GLN B CG  1 
ATOM   1264 C  CD  . GLN B 1 75  ? -0.372  0.572   -8.391  1.00 48.66 ? 568 GLN B CD  1 
ATOM   1265 O  OE1 . GLN B 1 75  ? 0.532   1.396   -8.538  1.00 57.12 ? 568 GLN B OE1 1 
ATOM   1266 N  NE2 . GLN B 1 75  ? -0.167  -0.603  -7.878  1.00 52.18 ? 568 GLN B NE2 1 
ATOM   1267 N  N   . PRO B 1 76  ? -4.213  2.060   -11.182 1.00 34.59 ? 569 PRO B N   1 
ATOM   1268 C  CA  . PRO B 1 76  ? -4.895  1.215   -12.133 1.00 36.17 ? 569 PRO B CA  1 
ATOM   1269 C  C   . PRO B 1 76  ? -4.478  -0.237  -11.944 1.00 38.24 ? 569 PRO B C   1 
ATOM   1270 O  O   . PRO B 1 76  ? -3.345  -0.491  -11.483 1.00 37.08 ? 569 PRO B O   1 
ATOM   1271 C  CB  . PRO B 1 76  ? -4.367  1.700   -13.472 1.00 36.15 ? 569 PRO B CB  1 
ATOM   1272 C  CG  . PRO B 1 76  ? -3.861  3.096   -13.188 1.00 35.83 ? 569 PRO B CG  1 
ATOM   1273 C  CD  . PRO B 1 76  ? -3.316  3.025   -11.848 1.00 34.59 ? 569 PRO B CD  1 
ATOM   1274 N  N   . ILE B 1 77  ? -5.377  -1.169  -12.263 1.00 40.21 ? 570 ILE B N   1 
ATOM   1275 C  CA  . ILE B 1 77  ? -5.005  -2.584  -12.223 1.00 43.46 ? 570 ILE B CA  1 
ATOM   1276 C  C   . ILE B 1 77  ? -3.823  -2.901  -13.159 1.00 44.44 ? 570 ILE B C   1 
ATOM   1277 O  O   . ILE B 1 77  ? -3.045  -3.767  -12.848 1.00 45.38 ? 570 ILE B O   1 
ATOM   1278 C  CB  . ILE B 1 77  ? -6.207  -3.603  -12.392 1.00 43.54 ? 570 ILE B CB  1 
ATOM   1279 C  CG1 . ILE B 1 77  ? -7.044  -3.332  -13.630 1.00 45.73 ? 570 ILE B CG1 1 
ATOM   1280 C  CG2 . ILE B 1 77  ? -7.123  -3.566  -11.196 1.00 43.75 ? 570 ILE B CG2 1 
ATOM   1281 C  CD1 . ILE B 1 77  ? -8.327  -4.236  -13.684 1.00 50.04 ? 570 ILE B CD1 1 
ATOM   1282 N  N   . ASP B 1 78  ? -3.677  -2.174  -14.264 1.00 46.24 ? 571 ASP B N   1 
ATOM   1283 C  CA  . ASP B 1 78  ? -2.509  -2.298  -15.148 1.00 47.87 ? 571 ASP B CA  1 
ATOM   1284 C  C   . ASP B 1 78  ? -2.509  -1.129  -16.117 1.00 48.28 ? 571 ASP B C   1 
ATOM   1285 O  O   . ASP B 1 78  ? -3.437  -0.309  -16.080 1.00 47.81 ? 571 ASP B O   1 
ATOM   1286 C  CB  . ASP B 1 78  ? -2.519  -3.654  -15.893 1.00 48.56 ? 571 ASP B CB  1 
ATOM   1287 C  CG  . ASP B 1 78  ? -3.780  -3.873  -16.723 1.00 51.90 ? 571 ASP B CG  1 
ATOM   1288 O  OD1 . ASP B 1 78  ? -4.002  -3.097  -17.679 1.00 56.91 ? 571 ASP B OD1 1 
ATOM   1289 O  OD2 . ASP B 1 78  ? -4.537  -4.847  -16.468 1.00 56.75 ? 571 ASP B OD2 1 
ATOM   1290 N  N   . ALA B 1 79  ? -1.501  -1.039  -16.988 1.00 49.04 ? 572 ALA B N   1 
ATOM   1291 C  CA  . ALA B 1 79  ? -1.335  0.157   -17.867 1.00 49.06 ? 572 ALA B CA  1 
ATOM   1292 C  C   . ALA B 1 79  ? -2.366  0.332   -18.973 1.00 49.49 ? 572 ALA B C   1 
ATOM   1293 O  O   . ALA B 1 79  ? -2.561  1.455   -19.489 1.00 51.24 ? 572 ALA B O   1 
ATOM   1294 C  CB  . ALA B 1 79  ? 0.057   0.184   -18.465 1.00 49.44 ? 572 ALA B CB  1 
ATOM   1295 N  N   . ASP B 1 80  ? -3.033  -0.756  -19.362 1.00 48.98 ? 573 ASP B N   1 
ATOM   1296 C  CA  . ASP B 1 80  ? -4.115  -0.669  -20.344 1.00 48.18 ? 573 ASP B CA  1 
ATOM   1297 C  C   . ASP B 1 80  ? -5.546  -0.619  -19.764 1.00 45.72 ? 573 ASP B C   1 
ATOM   1298 O  O   . ASP B 1 80  ? -6.554  -0.731  -20.500 1.00 45.61 ? 573 ASP B O   1 
ATOM   1299 C  CB  . ASP B 1 80  ? -3.960  -1.795  -21.374 1.00 50.06 ? 573 ASP B CB  1 
ATOM   1300 C  CG  . ASP B 1 80  ? -3.107  -1.350  -22.578 1.00 53.31 ? 573 ASP B CG  1 
ATOM   1301 O  OD1 . ASP B 1 80  ? -1.855  -1.280  -22.430 1.00 57.22 ? 573 ASP B OD1 1 
ATOM   1302 O  OD2 . ASP B 1 80  ? -3.705  -0.996  -23.628 1.00 54.96 ? 573 ASP B OD2 1 
ATOM   1303 N  N   . ASN B 1 81  ? -5.642  -0.403  -18.457 1.00 41.87 ? 574 ASN B N   1 
ATOM   1304 C  CA  . ASN B 1 81  ? -6.918  -0.305  -17.793 1.00 39.72 ? 574 ASN B CA  1 
ATOM   1305 C  C   . ASN B 1 81  ? -6.827  0.804   -16.758 1.00 38.38 ? 574 ASN B C   1 
ATOM   1306 O  O   . ASN B 1 81  ? -7.121  0.602   -15.598 1.00 39.21 ? 574 ASN B O   1 
ATOM   1307 C  CB  . ASN B 1 81  ? -7.235  -1.626  -17.097 1.00 38.99 ? 574 ASN B CB  1 
ATOM   1308 C  CG  . ASN B 1 81  ? -7.670  -2.730  -18.042 1.00 36.94 ? 574 ASN B CG  1 
ATOM   1309 O  OD1 . ASN B 1 81  ? -8.812  -2.740  -18.518 1.00 32.29 ? 574 ASN B OD1 1 
ATOM   1310 N  ND2 . ASN B 1 81  ? -6.805  -3.733  -18.216 1.00 33.03 ? 574 ASN B ND2 1 
ATOM   1311 N  N   . GLU B 1 82  ? -6.389  1.960   -17.197 1.00 36.94 ? 575 GLU B N   1 
ATOM   1312 C  CA  . GLU B 1 82  ? -6.231  3.128   -16.381 1.00 36.62 ? 575 GLU B CA  1 
ATOM   1313 C  C   . GLU B 1 82  ? -7.564  3.702   -15.821 1.00 36.34 ? 575 GLU B C   1 
ATOM   1314 O  O   . GLU B 1 82  ? -7.564  4.472   -14.846 1.00 37.54 ? 575 GLU B O   1 
ATOM   1315 C  CB  . GLU B 1 82  ? -5.379  4.176   -17.156 1.00 36.79 ? 575 GLU B CB  1 
ATOM   1316 N  N   . ASN B 1 83  ? -8.692  3.303   -16.405 1.00 35.66 ? 576 ASN B N   1 
ATOM   1317 C  CA  . ASN B 1 83  ? -10.011 3.633   -15.898 1.00 35.10 ? 576 ASN B CA  1 
ATOM   1318 C  C   . ASN B 1 83  ? -10.529 2.623   -14.847 1.00 34.59 ? 576 ASN B C   1 
ATOM   1319 O  O   . ASN B 1 83  ? -11.652 2.789   -14.363 1.00 34.21 ? 576 ASN B O   1 
ATOM   1320 C  CB  . ASN B 1 83  ? -11.044 3.722   -17.066 1.00 36.10 ? 576 ASN B CB  1 
ATOM   1321 C  CG  . ASN B 1 83  ? -11.271 2.374   -17.780 1.00 34.37 ? 576 ASN B CG  1 
ATOM   1322 O  OD1 . ASN B 1 83  ? -10.325 1.699   -18.132 1.00 33.09 ? 576 ASN B OD1 1 
ATOM   1323 N  ND2 . ASN B 1 83  ? -12.518 1.981   -17.943 1.00 35.94 ? 576 ASN B ND2 1 
ATOM   1324 N  N   . LEU B 1 84  ? -9.742  1.576   -14.547 1.00 33.61 ? 577 LEU B N   1 
ATOM   1325 C  CA  . LEU B 1 84  ? -10.068 0.592   -13.489 1.00 33.74 ? 577 LEU B CA  1 
ATOM   1326 C  C   . LEU B 1 84  ? -9.049  0.689   -12.362 1.00 33.45 ? 577 LEU B C   1 
ATOM   1327 O  O   . LEU B 1 84  ? -7.922  0.245   -12.495 1.00 33.13 ? 577 LEU B O   1 
ATOM   1328 C  CB  . LEU B 1 84  ? -10.097 -0.870  -13.988 1.00 33.15 ? 577 LEU B CB  1 
ATOM   1329 C  CG  . LEU B 1 84  ? -10.953 -1.185  -15.213 1.00 34.37 ? 577 LEU B CG  1 
ATOM   1330 C  CD1 . LEU B 1 84  ? -10.648 -2.579  -15.665 1.00 36.42 ? 577 LEU B CD1 1 
ATOM   1331 C  CD2 . LEU B 1 84  ? -12.363 -1.093  -14.893 1.00 35.06 ? 577 LEU B CD2 1 
ATOM   1332 N  N   . ILE B 1 85  ? -9.490  1.247   -11.248 1.00 32.90 ? 578 ILE B N   1 
ATOM   1333 C  CA  . ILE B 1 85  ? -8.638  1.510   -10.127 1.00 33.05 ? 578 ILE B CA  1 
ATOM   1334 C  C   . ILE B 1 85  ? -8.802  0.405   -9.108  1.00 31.67 ? 578 ILE B C   1 
ATOM   1335 O  O   . ILE B 1 85  ? -9.910  0.095   -8.705  1.00 30.56 ? 578 ILE B O   1 
ATOM   1336 C  CB  . ILE B 1 85  ? -9.006  2.875   -9.515  1.00 34.16 ? 578 ILE B CB  1 
ATOM   1337 C  CG1 . ILE B 1 85  ? -9.080  3.949   -10.627 1.00 36.27 ? 578 ILE B CG1 1 
ATOM   1338 C  CG2 . ILE B 1 85  ? -8.034  3.239   -8.450  1.00 32.79 ? 578 ILE B CG2 1 
ATOM   1339 C  CD1 . ILE B 1 85  ? -7.789  4.091   -11.410 1.00 35.77 ? 578 ILE B CD1 1 
ATOM   1340 N  N   . LYS B 1 86  ? -7.704  -0.227  -8.740  1.00 31.00 ? 579 LYS B N   1 
ATOM   1341 C  CA  . LYS B 1 86  ? -7.725  -1.209  -7.657  1.00 31.67 ? 579 LYS B CA  1 
ATOM   1342 C  C   . LYS B 1 86  ? -7.737  -0.469  -6.322  1.00 30.37 ? 579 LYS B C   1 
ATOM   1343 O  O   . LYS B 1 86  ? -6.826  0.326   -6.020  1.00 31.25 ? 579 LYS B O   1 
ATOM   1344 C  CB  . LYS B 1 86  ? -6.481  -2.165  -7.698  1.00 31.94 ? 579 LYS B CB  1 
ATOM   1345 N  N   . TRP B 1 87  ? -8.734  -0.774  -5.522  1.00 29.31 ? 580 TRP B N   1 
ATOM   1346 C  CA  . TRP B 1 87  ? -9.032  -0.050  -4.348  1.00 29.64 ? 580 TRP B CA  1 
ATOM   1347 C  C   . TRP B 1 87  ? -9.138  -0.992  -3.125  1.00 30.19 ? 580 TRP B C   1 
ATOM   1348 O  O   . TRP B 1 87  ? -10.263 -1.426  -2.736  1.00 29.74 ? 580 TRP B O   1 
ATOM   1349 C  CB  . TRP B 1 87  ? -10.332 0.732   -4.534  1.00 29.88 ? 580 TRP B CB  1 
ATOM   1350 C  CG  . TRP B 1 87  ? -10.436 1.790   -3.487  1.00 30.63 ? 580 TRP B CG  1 
ATOM   1351 C  CD1 . TRP B 1 87  ? -10.750 1.615   -2.177  1.00 34.35 ? 580 TRP B CD1 1 
ATOM   1352 C  CD2 . TRP B 1 87  ? -10.117 3.166   -3.645  1.00 32.93 ? 580 TRP B CD2 1 
ATOM   1353 N  NE1 . TRP B 1 87  ? -10.698 2.810   -1.508  1.00 37.54 ? 580 TRP B NE1 1 
ATOM   1354 C  CE2 . TRP B 1 87  ? -10.307 3.785   -2.391  1.00 36.10 ? 580 TRP B CE2 1 
ATOM   1355 C  CE3 . TRP B 1 87  ? -9.729  3.939   -4.727  1.00 33.83 ? 580 TRP B CE3 1 
ATOM   1356 C  CZ2 . TRP B 1 87  ? -10.097 5.157   -2.183  1.00 39.79 ? 580 TRP B CZ2 1 
ATOM   1357 C  CZ3 . TRP B 1 87  ? -9.554  5.324   -4.530  1.00 37.53 ? 580 TRP B CZ3 1 
ATOM   1358 C  CH2 . TRP B 1 87  ? -9.745  5.909   -3.274  1.00 38.46 ? 580 TRP B CH2 1 
ATOM   1359 N  N   . PRO B 1 88  ? -7.982  -1.316  -2.513  1.00 30.20 ? 581 PRO B N   1 
ATOM   1360 C  CA  . PRO B 1 88  ? -8.071  -2.146  -1.327  1.00 31.45 ? 581 PRO B CA  1 
ATOM   1361 C  C   . PRO B 1 88  ? -8.685  -1.361  -0.157  1.00 32.76 ? 581 PRO B C   1 
ATOM   1362 O  O   . PRO B 1 88  ? -8.535  -0.145  -0.060  1.00 32.03 ? 581 PRO B O   1 
ATOM   1363 C  CB  . PRO B 1 88  ? -6.607  -2.530  -1.028  1.00 30.23 ? 581 PRO B CB  1 
ATOM   1364 C  CG  . PRO B 1 88  ? -5.757  -1.745  -2.025  1.00 30.89 ? 581 PRO B CG  1 
ATOM   1365 C  CD  . PRO B 1 88  ? -6.642  -0.710  -2.635  1.00 29.98 ? 581 PRO B CD  1 
ATOM   1366 N  N   . ILE B 1 89  ? -9.374  -2.074  0.706   1.00 35.13 ? 582 ILE B N   1 
ATOM   1367 C  CA  . ILE B 1 89  ? -9.955  -1.488  1.882   1.00 37.73 ? 582 ILE B CA  1 
ATOM   1368 C  C   . ILE B 1 89  ? -9.740  -2.398  3.096   1.00 39.31 ? 582 ILE B C   1 
ATOM   1369 O  O   . ILE B 1 89  ? -9.623  -3.607  2.963   1.00 38.36 ? 582 ILE B O   1 
ATOM   1370 C  CB  . ILE B 1 89  ? -11.435 -1.161  1.700   1.00 37.57 ? 582 ILE B CB  1 
ATOM   1371 C  CG1 . ILE B 1 89  ? -12.302 -2.403  1.616   1.00 38.44 ? 582 ILE B CG1 1 
ATOM   1372 C  CG2 . ILE B 1 89  ? -11.671 -0.313  0.462   1.00 39.15 ? 582 ILE B CG2 1 
ATOM   1373 C  CD1 . ILE B 1 89  ? -13.729 -2.073  2.029   1.00 39.84 ? 582 ILE B CD1 1 
ATOM   1374 N  N   . ILE B 1 90  ? -9.653  -1.766  4.258   1.00 42.67 ? 583 ILE B N   1 
ATOM   1375 C  CA  . ILE B 1 90  ? -9.567  -2.441  5.557   1.00 45.55 ? 583 ILE B CA  1 
ATOM   1376 C  C   . ILE B 1 90  ? -10.922 -2.332  6.246   1.00 46.66 ? 583 ILE B C   1 
ATOM   1377 O  O   . ILE B 1 90  ? -11.407 -1.235  6.469   1.00 47.01 ? 583 ILE B O   1 
ATOM   1378 C  CB  . ILE B 1 90  ? -8.576  -1.760  6.514   1.00 45.99 ? 583 ILE B CB  1 
ATOM   1379 C  CG1 . ILE B 1 90  ? -7.278  -1.378  5.799   1.00 47.87 ? 583 ILE B CG1 1 
ATOM   1380 C  CG2 . ILE B 1 90  ? -8.318  -2.697  7.739   1.00 47.70 ? 583 ILE B CG2 1 
ATOM   1381 C  CD1 . ILE B 1 90  ? -6.279  -0.522  6.676   1.00 49.11 ? 583 ILE B CD1 1 
ATOM   1382 N  N   . THR B 1 91  ? -11.509 -3.462  6.592   1.00 48.89 ? 584 THR B N   1 
ATOM   1383 C  CA  . THR B 1 91  ? -12.795 -3.505  7.321   1.00 50.65 ? 584 THR B CA  1 
ATOM   1384 C  C   . THR B 1 91  ? -12.638 -4.451  8.513   1.00 51.18 ? 584 THR B C   1 
ATOM   1385 O  O   . THR B 1 91  ? -12.219 -4.023  9.597   1.00 52.70 ? 584 THR B O   1 
ATOM   1386 C  CB  . THR B 1 91  ? -13.928 -4.047  6.405   1.00 51.13 ? 584 THR B CB  1 
ATOM   1387 O  OG1 . THR B 1 91  ? -13.428 -5.189  5.701   1.00 51.68 ? 584 THR B OG1 1 
ATOM   1388 C  CG2 . THR B 1 91  ? -14.388 -2.999  5.362   1.00 51.49 ? 584 THR B CG2 1 
ATOM   1389 N  N   . LEU B 1 95  ? -9.000  -7.249  5.144   1.00 45.82 ? 588 LEU B N   1 
ATOM   1390 C  CA  . LEU B 1 95  ? -8.588  -6.765  3.842   1.00 46.58 ? 588 LEU B CA  1 
ATOM   1391 C  C   . LEU B 1 95  ? -9.565  -7.155  2.776   1.00 45.39 ? 588 LEU B C   1 
ATOM   1392 O  O   . LEU B 1 95  ? -9.734  -8.320  2.506   1.00 46.44 ? 588 LEU B O   1 
ATOM   1393 C  CB  . LEU B 1 95  ? -7.222  -7.333  3.439   1.00 47.33 ? 588 LEU B CB  1 
ATOM   1394 C  CG  . LEU B 1 95  ? -6.618  -6.673  2.187   1.00 49.06 ? 588 LEU B CG  1 
ATOM   1395 C  CD1 . LEU B 1 95  ? -5.641  -5.568  2.637   1.00 50.71 ? 588 LEU B CD1 1 
ATOM   1396 C  CD2 . LEU B 1 95  ? -5.924  -7.687  1.185   1.00 50.52 ? 588 LEU B CD2 1 
ATOM   1397 N  N   . GLU B 1 96  ? -10.167 -6.177  2.128   1.00 44.63 ? 589 GLU B N   1 
ATOM   1398 C  CA  . GLU B 1 96  ? -11.079 -6.447  0.988   1.00 44.10 ? 589 GLU B CA  1 
ATOM   1399 C  C   . GLU B 1 96  ? -10.594 -5.644  -0.233  1.00 42.32 ? 589 GLU B C   1 
ATOM   1400 O  O   . GLU B 1 96  ? -9.982  -4.582  -0.075  1.00 41.13 ? 589 GLU B O   1 
ATOM   1401 C  CB  . GLU B 1 96  ? -12.495 -6.088  1.402   1.00 44.68 ? 589 GLU B CB  1 
ATOM   1402 C  CG  . GLU B 1 96  ? -13.561 -6.637  0.587   1.00 48.93 ? 589 GLU B CG  1 
ATOM   1403 C  CD  . GLU B 1 96  ? -14.584 -7.413  1.423   1.00 55.75 ? 589 GLU B CD  1 
ATOM   1404 O  OE1 . GLU B 1 96  ? -15.534 -6.788  1.970   1.00 58.88 ? 589 GLU B OE1 1 
ATOM   1405 O  OE2 . GLU B 1 96  ? -14.424 -8.667  1.511   1.00 59.27 ? 589 GLU B OE2 1 
ATOM   1406 N  N   . THR B 1 97  ? -10.806 -6.170  -1.431  1.00 40.14 ? 590 THR B N   1 
ATOM   1407 C  CA  . THR B 1 97  ? -10.377 -5.478  -2.621  1.00 40.42 ? 590 THR B CA  1 
ATOM   1408 C  C   . THR B 1 97  ? -11.531 -5.144  -3.563  1.00 38.29 ? 590 THR B C   1 
ATOM   1409 O  O   . THR B 1 97  ? -12.255 -6.024  -3.971  1.00 37.01 ? 590 THR B O   1 
ATOM   1410 C  CB  . THR B 1 97  ? -9.299  -6.259  -3.360  1.00 40.86 ? 590 THR B CB  1 
ATOM   1411 O  OG1 . THR B 1 97  ? -8.282  -6.619  -2.404  1.00 46.50 ? 590 THR B OG1 1 
ATOM   1412 C  CG2 . THR B 1 97  ? -8.666  -5.385  -4.453  1.00 41.79 ? 590 THR B CG2 1 
ATOM   1413 N  N   . PHE B 1 98  ? -11.652 -3.858  -3.880  1.00 35.93 ? 591 PHE B N   1 
ATOM   1414 C  CA  . PHE B 1 98  ? -12.624 -3.359  -4.792  1.00 35.88 ? 591 PHE B CA  1 
ATOM   1415 C  C   . PHE B 1 98  ? -11.925 -2.912  -6.071  1.00 35.72 ? 591 PHE B C   1 
ATOM   1416 O  O   . PHE B 1 98  ? -10.746 -2.516  -6.050  1.00 35.40 ? 591 PHE B O   1 
ATOM   1417 C  CB  . PHE B 1 98  ? -13.366 -2.172  -4.190  1.00 35.97 ? 591 PHE B CB  1 
ATOM   1418 C  CG  . PHE B 1 98  ? -14.455 -2.541  -3.216  1.00 38.67 ? 591 PHE B CG  1 
ATOM   1419 C  CD1 . PHE B 1 98  ? -14.165 -2.866  -1.902  1.00 41.27 ? 591 PHE B CD1 1 
ATOM   1420 C  CD2 . PHE B 1 98  ? -15.791 -2.493  -3.600  1.00 43.84 ? 591 PHE B CD2 1 
ATOM   1421 C  CE1 . PHE B 1 98  ? -15.188 -3.188  -0.990  1.00 42.69 ? 591 PHE B CE1 1 
ATOM   1422 C  CE2 . PHE B 1 98  ? -16.819 -2.789  -2.674  1.00 45.18 ? 591 PHE B CE2 1 
ATOM   1423 C  CZ  . PHE B 1 98  ? -16.489 -3.159  -1.373  1.00 43.75 ? 591 PHE B CZ  1 
ATOM   1424 N  N   . ILE B 1 99  ? -12.641 -2.993  -7.191  1.00 35.49 ? 592 ILE B N   1 
ATOM   1425 C  CA  . ILE B 1 99  ? -12.272 -2.255  -8.389  1.00 35.59 ? 592 ILE B CA  1 
ATOM   1426 C  C   . ILE B 1 99  ? -13.252 -1.128  -8.599  1.00 34.96 ? 592 ILE B C   1 
ATOM   1427 O  O   . ILE B 1 99  ? -14.456 -1.348  -8.500  1.00 34.54 ? 592 ILE B O   1 
ATOM   1428 C  CB  . ILE B 1 99  ? -12.221 -3.153  -9.653  1.00 36.79 ? 592 ILE B CB  1 
ATOM   1429 C  CG1 . ILE B 1 99  ? -11.338 -4.352  -9.363  1.00 38.86 ? 592 ILE B CG1 1 
ATOM   1430 C  CG2 . ILE B 1 99  ? -11.586 -2.417  -10.826 1.00 35.07 ? 592 ILE B CG2 1 
ATOM   1431 C  CD1 . ILE B 1 99  ? -9.985  -3.957  -8.985  1.00 41.78 ? 592 ILE B CD1 1 
ATOM   1432 N  N   . ILE B 1 100 ? -12.728 0.087   -8.847  1.00 34.11 ? 593 ILE B N   1 
ATOM   1433 C  CA  . ILE B 1 100 ? -13.544 1.231   -9.241  1.00 33.00 ? 593 ILE B CA  1 
ATOM   1434 C  C   . ILE B 1 100 ? -13.421 1.412   -10.769 1.00 32.75 ? 593 ILE B C   1 
ATOM   1435 O  O   . ILE B 1 100 ? -12.366 1.780   -11.271 1.00 29.42 ? 593 ILE B O   1 
ATOM   1436 C  CB  . ILE B 1 100 ? -13.076 2.589   -8.580  1.00 34.46 ? 593 ILE B CB  1 
ATOM   1437 C  CG1 . ILE B 1 100 ? -12.911 2.504   -7.058  1.00 34.27 ? 593 ILE B CG1 1 
ATOM   1438 C  CG2 . ILE B 1 100 ? -13.985 3.781   -9.023  1.00 29.64 ? 593 ILE B CG2 1 
ATOM   1439 C  CD1 . ILE B 1 100 ? -13.985 1.862   -6.394  1.00 36.52 ? 593 ILE B CD1 1 
ATOM   1440 N  N   . LYS B 1 101 ? -14.509 1.191   -11.490 1.00 33.73 ? 594 LYS B N   1 
ATOM   1441 C  CA  . LYS B 1 101 ? -14.553 1.416   -12.913 1.00 36.49 ? 594 LYS B CA  1 
ATOM   1442 C  C   . LYS B 1 101 ? -15.142 2.799   -13.182 1.00 36.94 ? 594 LYS B C   1 
ATOM   1443 O  O   . LYS B 1 101 ? -16.290 3.057   -12.849 1.00 35.49 ? 594 LYS B O   1 
ATOM   1444 C  CB  . LYS B 1 101 ? -15.439 0.365   -13.655 1.00 37.46 ? 594 LYS B CB  1 
ATOM   1445 C  CG  . LYS B 1 101 ? -15.349 0.566   -15.200 1.00 41.82 ? 594 LYS B CG  1 
ATOM   1446 C  CD  . LYS B 1 101 ? -16.639 0.354   -16.022 1.00 47.60 ? 594 LYS B CD  1 
ATOM   1447 C  CE  . LYS B 1 101 ? -17.002 -1.175  -16.145 1.00 51.08 ? 594 LYS B CE  1 
ATOM   1448 N  NZ  . LYS B 1 101 ? -17.468 -1.575  -17.527 1.00 54.05 ? 594 LYS B NZ  1 
ATOM   1449 N  N   . VAL B 1 102 ? -14.370 3.666   -13.823 1.00 39.37 ? 595 VAL B N   1 
ATOM   1450 C  CA  . VAL B 1 102 ? -14.895 4.971   -14.283 1.00 41.40 ? 595 VAL B CA  1 
ATOM   1451 C  C   . VAL B 1 102 ? -14.848 5.007   -15.802 1.00 43.25 ? 595 VAL B C   1 
ATOM   1452 O  O   . VAL B 1 102 ? -14.147 4.201   -16.431 1.00 43.14 ? 595 VAL B O   1 
ATOM   1453 C  CB  . VAL B 1 102 ? -14.079 6.140   -13.715 1.00 41.53 ? 595 VAL B CB  1 
ATOM   1454 C  CG1 . VAL B 1 102 ? -14.253 6.207   -12.203 1.00 40.40 ? 595 VAL B CG1 1 
ATOM   1455 C  CG2 . VAL B 1 102 ? -12.563 6.007   -14.100 1.00 42.99 ? 595 VAL B CG2 1 
ATOM   1456 N  N   . LYS B 1 103 ? -15.556 5.983   -16.368 1.00 45.54 ? 596 LYS B N   1 
ATOM   1457 C  CA  . LYS B 1 103 ? -15.805 6.110   -17.809 1.00 46.68 ? 596 LYS B CA  1 
ATOM   1458 C  C   . LYS B 1 103 ? -14.548 6.197   -18.642 1.00 47.55 ? 596 LYS B C   1 
ATOM   1459 O  O   . LYS B 1 103 ? -14.486 5.594   -19.674 1.00 48.86 ? 596 LYS B O   1 
ATOM   1460 C  CB  . LYS B 1 103 ? -16.696 7.339   -18.102 1.00 47.53 ? 596 LYS B CB  1 
ATOM   1461 N  N   . GLN B 1 104 ? -13.510 6.871   -18.174 1.00 48.41 ? 597 GLN B N   1 
ATOM   1462 C  CA  . GLN B 1 104 ? -12.427 7.266   -19.053 1.00 48.94 ? 597 GLN B CA  1 
ATOM   1463 C  C   . GLN B 1 104 ? -11.069 7.215   -18.393 1.00 48.46 ? 597 GLN B C   1 
ATOM   1464 O  O   . GLN B 1 104 ? -10.957 7.472   -17.215 1.00 48.17 ? 597 GLN B O   1 
ATOM   1465 C  CB  . GLN B 1 104 ? -12.684 8.719   -19.411 1.00 50.15 ? 597 GLN B CB  1 
ATOM   1466 C  CG  . GLN B 1 104 ? -12.536 9.100   -20.828 1.00 53.40 ? 597 GLN B CG  1 
ATOM   1467 C  CD  . GLN B 1 104 ? -13.053 10.519  -21.026 1.00 57.87 ? 597 GLN B CD  1 
ATOM   1468 O  OE1 . GLN B 1 104 ? -13.737 11.074  -20.142 1.00 57.93 ? 597 GLN B OE1 1 
ATOM   1469 N  NE2 . GLN B 1 104 ? -12.711 11.122  -22.164 1.00 59.08 ? 597 GLN B NE2 1 
ATOM   1470 N  N   . LYS B 1 105 ? -10.032 6.957   -19.181 1.00 48.60 ? 598 LYS B N   1 
ATOM   1471 C  CA  . LYS B 1 105 ? -8.664  6.963   -18.694 1.00 48.86 ? 598 LYS B CA  1 
ATOM   1472 C  C   . LYS B 1 105 ? -8.383  8.224   -17.883 1.00 49.15 ? 598 LYS B C   1 
ATOM   1473 O  O   . LYS B 1 105 ? -7.736  8.166   -16.831 1.00 49.51 ? 598 LYS B O   1 
ATOM   1474 C  CB  . LYS B 1 105 ? -7.676  6.860   -19.869 1.00 49.27 ? 598 LYS B CB  1 
ATOM   1475 N  N   . ALA B 1 106 ? -8.898  9.362   -18.350 1.00 48.81 ? 599 ALA B N   1 
ATOM   1476 C  CA  . ALA B 1 106 ? -8.655  10.661  -17.703 1.00 48.27 ? 599 ALA B CA  1 
ATOM   1477 C  C   . ALA B 1 106 ? -9.231  10.754  -16.274 1.00 47.62 ? 599 ALA B C   1 
ATOM   1478 O  O   . ALA B 1 106 ? -8.589  11.292  -15.379 1.00 47.02 ? 599 ALA B O   1 
ATOM   1479 C  CB  . ALA B 1 106 ? -9.189  11.827  -18.605 1.00 47.82 ? 599 ALA B CB  1 
ATOM   1480 N  N   . ASP B 1 107 ? -10.453 10.266  -16.090 1.00 47.15 ? 600 ASP B N   1 
ATOM   1481 C  CA  . ASP B 1 107 ? -11.082 10.182  -14.766 1.00 47.39 ? 600 ASP B CA  1 
ATOM   1482 C  C   . ASP B 1 107 ? -10.287 9.249   -13.821 1.00 45.79 ? 600 ASP B C   1 
ATOM   1483 O  O   . ASP B 1 107 ? -10.105 9.546   -12.646 1.00 44.51 ? 600 ASP B O   1 
ATOM   1484 C  CB  . ASP B 1 107 ? -12.534 9.681   -14.870 1.00 48.36 ? 600 ASP B CB  1 
ATOM   1485 C  CG  . ASP B 1 107 ? -13.439 10.560  -15.786 1.00 51.93 ? 600 ASP B CG  1 
ATOM   1486 O  OD1 . ASP B 1 107 ? -13.149 11.762  -16.026 1.00 56.72 ? 600 ASP B OD1 1 
ATOM   1487 O  OD2 . ASP B 1 107 ? -14.482 10.032  -16.249 1.00 57.36 ? 600 ASP B OD2 1 
ATOM   1488 N  N   . GLY B 1 108 ? -9.798  8.129   -14.352 1.00 44.78 ? 601 GLY B N   1 
ATOM   1489 C  CA  . GLY B 1 108 ? -8.916  7.236   -13.584 1.00 43.54 ? 601 GLY B CA  1 
ATOM   1490 C  C   . GLY B 1 108 ? -7.665  7.956   -13.142 1.00 42.81 ? 601 GLY B C   1 
ATOM   1491 O  O   . GLY B 1 108 ? -7.332  7.912   -11.974 1.00 42.57 ? 601 GLY B O   1 
ATOM   1492 N  N   . ARG B 1 109 ? -7.013  8.650   -14.081 1.00 42.94 ? 602 ARG B N   1 
ATOM   1493 C  CA  A ARG B 1 109 ? -5.801  9.412   -13.806 0.50 43.08 ? 602 ARG B CA  1 
ATOM   1494 C  CA  B ARG B 1 109 ? -5.802  9.436   -13.819 0.50 43.11 ? 602 ARG B CA  1 
ATOM   1495 C  C   . ARG B 1 109 ? -6.042  10.520  -12.775 1.00 42.79 ? 602 ARG B C   1 
ATOM   1496 O  O   . ARG B 1 109 ? -5.194  10.739  -11.896 1.00 43.24 ? 602 ARG B O   1 
ATOM   1497 C  CB  A ARG B 1 109 ? -5.226  9.984   -15.111 0.50 43.69 ? 602 ARG B CB  1 
ATOM   1498 C  CB  B ARG B 1 109 ? -5.268  10.104  -15.099 0.50 43.76 ? 602 ARG B CB  1 
ATOM   1499 C  CG  A ARG B 1 109 ? -3.712  10.153  -15.138 0.50 44.73 ? 602 ARG B CG  1 
ATOM   1500 C  CG  B ARG B 1 109 ? -4.547  9.195   -16.119 0.50 44.90 ? 602 ARG B CG  1 
ATOM   1501 C  CD  A ARG B 1 109 ? -3.128  9.885   -16.550 0.50 46.41 ? 602 ARG B CD  1 
ATOM   1502 C  CD  B ARG B 1 109 ? -4.108  10.022  -17.359 0.50 47.11 ? 602 ARG B CD  1 
ATOM   1503 N  NE  A ARG B 1 109 ? -3.059  8.454   -16.876 0.50 48.07 ? 602 ARG B NE  1 
ATOM   1504 N  NE  B ARG B 1 109 ? -3.282  9.256   -18.293 0.50 49.49 ? 602 ARG B NE  1 
ATOM   1505 C  CZ  A ARG B 1 109 ? -3.616  7.894   -17.950 0.50 49.72 ? 602 ARG B CZ  1 
ATOM   1506 C  CZ  B ARG B 1 109 ? -1.982  9.474   -18.506 0.50 53.10 ? 602 ARG B CZ  1 
ATOM   1507 N  NH1 A ARG B 1 109 ? -4.275  8.641   -18.823 0.50 49.58 ? 602 ARG B NH1 1 
ATOM   1508 N  NH1 B ARG B 1 109 ? -1.350  10.457  -17.864 0.50 52.88 ? 602 ARG B NH1 1 
ATOM   1509 N  NH2 A ARG B 1 109 ? -3.503  6.583   -18.157 0.50 50.14 ? 602 ARG B NH2 1 
ATOM   1510 N  NH2 B ARG B 1 109 ? -1.309  8.711   -19.366 0.50 53.54 ? 602 ARG B NH2 1 
ATOM   1511 N  N   . ARG B 1 110 ? -7.190  11.194  -12.858 1.00 41.31 ? 603 ARG B N   1 
ATOM   1512 C  CA  . ARG B 1 110 ? -7.577  12.240  -11.887 1.00 40.50 ? 603 ARG B CA  1 
ATOM   1513 C  C   . ARG B 1 110 ? -7.964  11.647  -10.509 1.00 38.84 ? 603 ARG B C   1 
ATOM   1514 O  O   . ARG B 1 110 ? -7.645  12.209  -9.442  1.00 39.73 ? 603 ARG B O   1 
ATOM   1515 C  CB  . ARG B 1 110 ? -8.759  13.052  -12.453 1.00 41.69 ? 603 ARG B CB  1 
ATOM   1516 C  CG  . ARG B 1 110 ? -9.232  14.244  -11.535 1.00 45.49 ? 603 ARG B CG  1 
ATOM   1517 C  CD  . ARG B 1 110 ? -10.228 15.192  -12.239 1.00 48.08 ? 603 ARG B CD  1 
ATOM   1518 N  NE  . ARG B 1 110 ? -11.402 14.488  -12.746 1.00 50.08 ? 603 ARG B NE  1 
ATOM   1519 C  CZ  . ARG B 1 110 ? -12.605 14.409  -12.173 1.00 52.32 ? 603 ARG B CZ  1 
ATOM   1520 N  NH1 . ARG B 1 110 ? -12.891 15.012  -11.013 1.00 56.12 ? 603 ARG B NH1 1 
ATOM   1521 N  NH2 . ARG B 1 110 ? -13.555 13.695  -12.786 1.00 52.00 ? 603 ARG B NH2 1 
ATOM   1522 N  N   . LEU B 1 111 ? -8.625  10.496  -10.500 1.00 36.53 ? 604 LEU B N   1 
ATOM   1523 C  CA  . LEU B 1 111 ? -8.847  9.788   -9.226  1.00 35.22 ? 604 LEU B CA  1 
ATOM   1524 C  C   . LEU B 1 111 ? -7.521  9.463   -8.539  1.00 33.33 ? 604 LEU B C   1 
ATOM   1525 O  O   . LEU B 1 111 ? -7.333  9.727   -7.353  1.00 33.03 ? 604 LEU B O   1 
ATOM   1526 C  CB  . LEU B 1 111 ? -9.669  8.507   -9.446  1.00 34.57 ? 604 LEU B CB  1 
ATOM   1527 C  CG  . LEU B 1 111 ? -10.013 7.687   -8.192  1.00 34.82 ? 604 LEU B CG  1 
ATOM   1528 C  CD1 . LEU B 1 111 ? -10.566 8.558   -7.003  1.00 33.45 ? 604 LEU B CD1 1 
ATOM   1529 C  CD2 . LEU B 1 111 ? -11.061 6.591   -8.635  1.00 33.75 ? 604 LEU B CD2 1 
ATOM   1530 N  N   . VAL B 1 112 ? -6.591  8.936   -9.303  1.00 32.52 ? 605 VAL B N   1 
ATOM   1531 C  CA  . VAL B 1 112 ? -5.320  8.479   -8.745  1.00 33.86 ? 605 VAL B CA  1 
ATOM   1532 C  C   . VAL B 1 112 ? -4.524  9.683   -8.254  1.00 33.97 ? 605 VAL B C   1 
ATOM   1533 O  O   . VAL B 1 112 ? -4.016  9.679   -7.137  1.00 35.76 ? 605 VAL B O   1 
ATOM   1534 C  CB  . VAL B 1 112 ? -4.524  7.515   -9.769  1.00 33.58 ? 605 VAL B CB  1 
ATOM   1535 C  CG1 . VAL B 1 112 ? -3.008  7.569   -9.562  1.00 33.23 ? 605 VAL B CG1 1 
ATOM   1536 C  CG2 . VAL B 1 112 ? -5.047  6.075   -9.656  1.00 34.57 ? 605 VAL B CG2 1 
ATOM   1537 N  N   . GLY B 1 113 ? -4.500  10.760  -9.035  1.00 34.75 ? 606 GLY B N   1 
ATOM   1538 C  CA  . GLY B 1 113 ? -3.823  11.992  -8.616  1.00 34.19 ? 606 GLY B CA  1 
ATOM   1539 C  C   . GLY B 1 113 ? -4.418  12.617  -7.376  1.00 33.23 ? 606 GLY B C   1 
ATOM   1540 O  O   . GLY B 1 113 ? -3.711  12.987  -6.454  1.00 33.72 ? 606 GLY B O   1 
ATOM   1541 N  N   . ALA B 1 114 ? -5.743  12.710  -7.329  1.00 33.49 ? 607 ALA B N   1 
ATOM   1542 C  CA  . ALA B 1 114 ? -6.420  13.298  -6.127  1.00 32.41 ? 607 ALA B CA  1 
ATOM   1543 C  C   . ALA B 1 114 ? -6.165  12.459  -4.877  1.00 31.54 ? 607 ALA B C   1 
ATOM   1544 O  O   . ALA B 1 114 ? -5.883  12.968  -3.786  1.00 32.10 ? 607 ALA B O   1 
ATOM   1545 C  CB  . ALA B 1 114 ? -7.953  13.441  -6.384  1.00 31.63 ? 607 ALA B CB  1 
ATOM   1546 N  N   . VAL B 1 115 ? -6.279  11.148  -4.998  1.00 31.86 ? 608 VAL B N   1 
ATOM   1547 C  CA  . VAL B 1 115 ? -6.002  10.322  -3.808  1.00 31.77 ? 608 VAL B CA  1 
ATOM   1548 C  C   . VAL B 1 115 ? -4.548  10.421  -3.416  1.00 31.71 ? 608 VAL B C   1 
ATOM   1549 O  O   . VAL B 1 115 ? -4.211  10.441  -2.246  1.00 30.01 ? 608 VAL B O   1 
ATOM   1550 C  CB  . VAL B 1 115 ? -6.445  8.861   -3.996  1.00 31.69 ? 608 VAL B CB  1 
ATOM   1551 C  CG1 . VAL B 1 115 ? -5.955  8.028   -2.849  1.00 30.84 ? 608 VAL B CG1 1 
ATOM   1552 C  CG2 . VAL B 1 115 ? -7.997  8.812   -4.090  1.00 35.05 ? 608 VAL B CG2 1 
ATOM   1553 N  N   . ALA B 1 116 ? -3.654  10.472  -4.383  1.00 33.92 ? 609 ALA B N   1 
ATOM   1554 C  CA  . ALA B 1 116 ? -2.219  10.631  -4.005  1.00 36.51 ? 609 ALA B CA  1 
ATOM   1555 C  C   . ALA B 1 116 ? -1.982  12.013  -3.353  1.00 37.74 ? 609 ALA B C   1 
ATOM   1556 O  O   . ALA B 1 116 ? -1.414  12.093  -2.264  1.00 37.00 ? 609 ALA B O   1 
ATOM   1557 C  CB  . ALA B 1 116 ? -1.274  10.420  -5.184  1.00 36.02 ? 609 ALA B CB  1 
ATOM   1558 N  N   . ASP B 1 117 ? -2.474  13.092  -3.974  1.00 39.97 ? 610 ASP B N   1 
ATOM   1559 C  CA  . ASP B 1 117 ? -2.354  14.405  -3.299  1.00 40.77 ? 610 ASP B CA  1 
ATOM   1560 C  C   . ASP B 1 117 ? -2.896  14.262  -1.899  1.00 41.29 ? 610 ASP B C   1 
ATOM   1561 O  O   . ASP B 1 117 ? -2.278  14.694  -0.921  1.00 41.73 ? 610 ASP B O   1 
ATOM   1562 C  CB  . ASP B 1 117 ? -3.125  15.480  -4.048  1.00 41.87 ? 610 ASP B CB  1 
ATOM   1563 N  N   . ALA B 1 118 ? -4.054  13.600  -1.783  1.00 41.45 ? 611 ALA B N   1 
ATOM   1564 C  CA  . ALA B 1 118 ? -4.676  13.392  -0.456  1.00 40.56 ? 611 ALA B CA  1 
ATOM   1565 C  C   . ALA B 1 118 ? -3.784  12.654  0.569   1.00 40.11 ? 611 ALA B C   1 
ATOM   1566 O  O   . ALA B 1 118 ? -3.650  13.101  1.692   1.00 40.86 ? 611 ALA B O   1 
ATOM   1567 C  CB  . ALA B 1 118 ? -6.010  12.688  -0.625  1.00 40.18 ? 611 ALA B CB  1 
ATOM   1568 N  N   . GLN B 1 119 ? -3.187  11.516  0.213   1.00 40.36 ? 612 GLN B N   1 
ATOM   1569 C  CA  . GLN B 1 119 ? -2.213  10.836  1.111   1.00 40.75 ? 612 GLN B CA  1 
ATOM   1570 C  C   . GLN B 1 119 ? -0.960  11.664  1.406   1.00 42.56 ? 612 GLN B C   1 
ATOM   1571 O  O   . GLN B 1 119 ? -0.376  11.533  2.500   1.00 42.52 ? 612 GLN B O   1 
ATOM   1572 C  CB  . GLN B 1 119 ? -1.729  9.475   0.506   1.00 40.78 ? 612 GLN B CB  1 
ATOM   1573 C  CG  . GLN B 1 119 ? -2.742  8.290   0.543   1.00 36.69 ? 612 GLN B CG  1 
ATOM   1574 C  CD  . GLN B 1 119 ? -2.287  7.120   -0.317  1.00 31.79 ? 612 GLN B CD  1 
ATOM   1575 O  OE1 . GLN B 1 119 ? -1.820  7.290   -1.465  1.00 30.66 ? 612 GLN B OE1 1 
ATOM   1576 N  NE2 . GLN B 1 119 ? -2.408  5.925   0.224   1.00 27.18 ? 612 GLN B NE2 1 
ATOM   1577 N  N   . GLN B 1 120 ? -0.499  12.424  0.418   1.00 44.53 ? 613 GLN B N   1 
ATOM   1578 C  CA  . GLN B 1 120 ? 0.584   13.421  0.607   1.00 48.79 ? 613 GLN B CA  1 
ATOM   1579 C  C   . GLN B 1 120 ? 0.328   14.314  1.865   1.00 49.64 ? 613 GLN B C   1 
ATOM   1580 O  O   . GLN B 1 120 ? 1.214   14.528  2.661   1.00 50.33 ? 613 GLN B O   1 
ATOM   1581 C  CB  . GLN B 1 120 ? 0.740   14.289  -0.680  1.00 49.87 ? 613 GLN B CB  1 
ATOM   1582 C  CG  . GLN B 1 120 ? 2.188   14.725  -1.066  1.00 55.34 ? 613 GLN B CG  1 
ATOM   1583 C  CD  . GLN B 1 120 ? 3.083   13.583  -1.584  1.00 60.64 ? 613 GLN B CD  1 
ATOM   1584 O  OE1 . GLN B 1 120 ? 2.892   13.055  -2.713  1.00 66.14 ? 613 GLN B OE1 1 
ATOM   1585 N  NE2 . GLN B 1 120 ? 4.088   13.226  -0.788  1.00 60.62 ? 613 GLN B NE2 1 
ATOM   1586 N  N   . ALA B 1 121 ? -0.914  14.751  2.068   1.00 50.87 ? 614 ALA B N   1 
ATOM   1587 C  CA  . ALA B 1 121 ? -1.259  15.695  3.130   1.00 51.25 ? 614 ALA B CA  1 
ATOM   1588 C  C   . ALA B 1 121 ? -1.545  15.083  4.471   1.00 52.43 ? 614 ALA B C   1 
ATOM   1589 O  O   . ALA B 1 121 ? -1.889  15.828  5.366   1.00 52.82 ? 614 ALA B O   1 
ATOM   1590 C  CB  . ALA B 1 121 ? -2.454  16.497  2.728   1.00 51.02 ? 614 ALA B CB  1 
HETATM 1591 N  N   . MSE B 1 122 ? -1.430  13.758  4.639   1.00 53.45 ? 615 MSE B N   1 
HETATM 1592 C  CA  . MSE B 1 122 ? -1.798  13.110  5.914   1.00 53.60 ? 615 MSE B CA  1 
HETATM 1593 C  C   . MSE B 1 122 ? -0.609  12.549  6.689   1.00 54.25 ? 615 MSE B C   1 
HETATM 1594 O  O   . MSE B 1 122 ? 0.529   12.642  6.245   1.00 55.36 ? 615 MSE B O   1 
HETATM 1595 C  CB  . MSE B 1 122 ? -2.902  12.022  5.712   1.00 54.28 ? 615 MSE B CB  1 
HETATM 1596 C  CG  . MSE B 1 122 ? -2.521  10.692  5.114   1.00 53.02 ? 615 MSE B CG  1 
HETATM 1597 SE SE  . MSE B 1 122 ? -4.056  9.432   4.629   1.00 59.27 ? 615 MSE B SE  1 
HETATM 1598 C  CE  . MSE B 1 122 ? -5.143  10.318  3.353   1.00 39.22 ? 615 MSE B CE  1 
HETATM 1599 O  O   . HOH C 2 .   ? 4.401   -7.174  2.052   1.00 42.08 ? 1   HOH A O   1 
HETATM 1600 O  O   . HOH C 2 .   ? 8.520   1.760   -1.313  1.00 43.01 ? 4   HOH A O   1 
HETATM 1601 O  O   . HOH C 2 .   ? 19.638  -2.144  13.429  1.00 56.83 ? 6   HOH A O   1 
HETATM 1602 O  O   . HOH C 2 .   ? 3.000   5.991   9.884   1.00 58.41 ? 8   HOH A O   1 
HETATM 1603 O  O   . HOH C 2 .   ? 7.353   -14.149 6.658   1.00 47.50 ? 10  HOH A O   1 
HETATM 1604 O  O   . HOH C 2 .   ? 1.814   10.120  -1.325  1.00 57.65 ? 14  HOH A O   1 
HETATM 1605 O  O   . HOH C 2 .   ? 0.807   7.488   1.414   1.00 49.62 ? 15  HOH A O   1 
HETATM 1606 O  O   . HOH C 2 .   ? -1.636  -6.076  -5.057  1.00 51.24 ? 16  HOH A O   1 
HETATM 1607 O  O   . HOH C 2 .   ? 10.728  -6.055  -10.158 1.00 40.81 ? 18  HOH A O   1 
HETATM 1608 O  O   . HOH C 2 .   ? 14.150  -2.737  -9.383  1.00 50.05 ? 19  HOH A O   1 
HETATM 1609 O  O   . HOH C 2 .   ? 6.219   1.298   -2.128  1.00 38.49 ? 20  HOH A O   1 
HETATM 1610 O  O   . HOH C 2 .   ? 0.949   -9.800  2.219   1.00 50.75 ? 21  HOH A O   1 
HETATM 1611 O  O   . HOH C 2 .   ? 0.889   -7.883  -5.813  1.00 50.32 ? 22  HOH A O   1 
HETATM 1612 O  O   . HOH C 2 .   ? 4.252   -13.402 0.649   1.00 46.81 ? 23  HOH A O   1 
HETATM 1613 O  O   . HOH C 2 .   ? 18.370  -1.712  -5.750  1.00 57.71 ? 25  HOH A O   1 
HETATM 1614 O  O   . HOH C 2 .   ? 10.917  -18.571 -3.392  1.00 68.10 ? 26  HOH A O   1 
HETATM 1615 O  O   . HOH C 2 .   ? 10.407  -18.425 -0.684  1.00 65.96 ? 27  HOH A O   1 
HETATM 1616 O  O   . HOH D 2 .   ? -1.908  5.921   -3.674  1.00 35.86 ? 2   HOH B O   1 
HETATM 1617 O  O   . HOH D 2 .   ? -10.192 1.348   3.691   1.00 38.75 ? 3   HOH B O   1 
HETATM 1618 O  O   . HOH D 2 .   ? -13.098 3.162   7.302   1.00 49.91 ? 5   HOH B O   1 
HETATM 1619 O  O   . HOH D 2 .   ? -21.781 9.985   5.329   1.00 62.61 ? 7   HOH B O   1 
HETATM 1620 O  O   . HOH D 2 .   ? -27.727 -4.219  -3.225  1.00 59.61 ? 9   HOH B O   1 
HETATM 1621 O  O   . HOH D 2 .   ? -10.823 5.591   9.869   1.00 58.22 ? 11  HOH B O   1 
HETATM 1622 O  O   . HOH D 2 .   ? -9.243  2.111   1.110   1.00 40.23 ? 12  HOH B O   1 
HETATM 1623 O  O   . HOH D 2 .   ? -4.114  -0.279  -6.139  1.00 33.11 ? 13  HOH B O   1 
HETATM 1624 O  O   . HOH D 2 .   ? -10.935 15.301  -8.589  1.00 48.00 ? 17  HOH B O   1 
HETATM 1625 O  O   . HOH D 2 .   ? -19.277 18.260  0.930   1.00 58.98 ? 24  HOH B O   1 
# 
